data_9OC4
#
_entry.id   9OC4
#
_cell.length_a   1.00
_cell.length_b   1.00
_cell.length_c   1.00
_cell.angle_alpha   90.00
_cell.angle_beta   90.00
_cell.angle_gamma   90.00
#
_symmetry.space_group_name_H-M   'P 1'
#
loop_
_entity.id
_entity.type
_entity.pdbx_description
1 polymer 'Potassium-transporting ATPase potassium-binding subunit'
2 polymer 'Potassium-transporting ATPase ATP-binding subunit'
3 polymer 'Potassium-transporting ATPase KdpC subunit'
4 polymer 'Potassium-transporting ATPase KdpF subunit'
5 non-polymer 'POTASSIUM ION'
6 non-polymer '(2R)-3-(((2-aminoethoxy)(hydroxy)phosphoryl)oxy)-2-(palmitoyloxy)propyl (E)-octadec-9-enoate'
7 non-polymer "ADENOSINE-5'-DIPHOSPHATE"
8 non-polymer 'MAGNESIUM ION'
9 water water
#
loop_
_entity_poly.entity_id
_entity_poly.type
_entity_poly.pdbx_seq_one_letter_code
_entity_poly.pdbx_strand_id
1 'polypeptide(L)'
;MAAQGFLLIATFLLVLMVLARPLGSGLARLINDIPLPGTTGVERVLFRALGVSDREMNWKQYLCAILGLNMLGLAVLFFM
LLGQHYLPLNPQQLPGLSWDLALNTAVSFVTNTNWQSYSGETTLSYFSQMAGLTVQNFLSAASGIAVIFALIRAFTRQSM
STLGNAWVDLLRITLWVLVPVALLIALFFIQQGALQNFLPYQAVNTVEGAQQLLPMGPVASQEAIKMLGTNGGGFFNANS
SHPFENPTALTNFVQMLAIFLIPTALCFAFGEVMGDRRQGRMLLWAMSVIFVICVGVVMWAEVQGNPHLLALGTDSSINM
EGKESRFGVLVSSLFAVVTTAASCGAVIAMHDSFTALGGMVPMWLMQIGEVVFGGVGSGLYGMMLFVLLAVFIAGLMIGR
TPEYLGKKIDVREMKLTALAILVTPTLVLMGAALAMMTDAGRSAMLNPGPHGFSEVLYAVSSAANNNGSAFAGLSANSPF
WNCLLAFCMFVGRFGVIIPVMAIAGSLVSKKSQAASSGTLPTHGPLFVGLLIGTVLLVGALTFIPALALGPVAEYLS
;
A
2 'polypeptide(L)'
;MSRKQLALFEPTLVVQALKEAVKKLNPQAQWRNPVMFIVWIGSLLTTCISIAMASGAMPGNALFSAAISGWLWITVLFAN
FAEALAEGRSKAQANSLKGVKKTAFARKLREPKYGAAADKVPADQLRKGDIVLVEAGDIIPCDGEVIEGGASVDESAITG
ESAPVIRESGGDFASVTGGTRILSDWLVIECSVNPGETFLDRMIAMVEGAQRRKTPNEIALTILLIALTIVFLLATATLW
PFSAWGGNAVSVTVLVALLVCLIPTTIGGLLSAIGVAGMSRMLGANVIATSGRAVEAAGDVDVLLL(PHD)KTGTITLGN
RQASEFIPAQGVDEKTLADAAQLASLADETPEGRSIVILAKQRFNLRERDVQSLHATFVPFTAQSRMSGINIDNRMIRKG
SVDAIRRHVEANGGHFPTDVDQKVDQVARQGATPLVVVEGSRVLGVIALKDIVKGGIKERFAQLRKMGIKTVMITGDNRL
TAAAIAAEAGVDDFLAEATPEAKLALIRQYQAEGRLVAMTGDGTNDAPALAQADVAVAMNSGTQAAKEAGNMVDLDSNPT
KLIEVVHIGKQMLMTRGSLTTFSIANDVAKYFAIIPAAFAATYPQLNALNIMCLHSPDSAILSAVIFNALIIVFLIPLAL
KGVSYKPLTASAMLRRNLWIYGLGGLLVPFIGIKVIDLLLTVCGLV
;
B
3 'polypeptide(L)'
;MSGLRPALSTFIFLLLITGGVYPLLTTVLGQWWFPWQANGSLIREGDTVRGSALIGQNFTGNGYFHGRPSATAEMPYNPQ
ASGGSNLAVSNPELDKLIAARVAALRAANPDASASVPVELVTASASGLDNNITPQAAAWQIPRVAKARNLSVEQLTQLIA
KYSQQPLVKYIGQPVVNIVELNLALDKLDEGTGLVPRGSSHHHHHHHH
;
C
4 'polypeptide(L)' MSAGVITGVLLVFLLLGYLVYALINAEAF D
#
# COMPACT_ATOMS: atom_id res chain seq x y z
N MET A 1 29.02 15.62 22.09
CA MET A 1 28.70 15.57 20.66
C MET A 1 27.31 14.98 20.45
N ALA A 2 27.03 13.86 21.12
CA ALA A 2 25.72 13.23 21.02
C ALA A 2 24.64 14.15 21.59
N ALA A 3 24.91 14.81 22.71
CA ALA A 3 23.94 15.73 23.29
C ALA A 3 23.68 16.91 22.36
N GLN A 4 24.73 17.45 21.73
CA GLN A 4 24.55 18.54 20.79
C GLN A 4 23.72 18.10 19.59
N GLY A 5 23.97 16.89 19.08
CA GLY A 5 23.19 16.38 17.97
C GLY A 5 21.73 16.15 18.33
N PHE A 6 21.49 15.62 19.54
CA PHE A 6 20.11 15.41 19.98
C PHE A 6 19.37 16.72 20.14
N LEU A 7 20.04 17.74 20.68
CA LEU A 7 19.41 19.05 20.84
C LEU A 7 19.08 19.67 19.50
N LEU A 8 19.98 19.50 18.51
CA LEU A 8 19.73 20.05 17.19
C LEU A 8 18.52 19.39 16.53
N ILE A 9 18.41 18.06 16.66
CA ILE A 9 17.26 17.36 16.08
C ILE A 9 15.97 17.76 16.79
N ALA A 10 16.01 17.81 18.13
CA ALA A 10 14.79 18.16 18.88
C ALA A 10 14.34 19.58 18.58
N THR A 11 15.28 20.53 18.50
CA THR A 11 14.91 21.90 18.20
C THR A 11 14.33 22.03 16.81
N PHE A 12 14.91 21.34 15.83
CA PHE A 12 14.42 21.41 14.46
C PHE A 12 13.01 20.85 14.36
N LEU A 13 12.75 19.71 14.99
CA LEU A 13 11.43 19.10 14.91
C LEU A 13 10.39 19.91 15.67
N LEU A 14 10.75 20.44 16.84
CA LEU A 14 9.80 21.21 17.63
C LEU A 14 9.37 22.48 16.91
N VAL A 15 10.32 23.19 16.31
CA VAL A 15 9.98 24.42 15.59
C VAL A 15 9.19 24.09 14.33
N LEU A 16 9.54 22.99 13.65
CA LEU A 16 8.83 22.60 12.44
C LEU A 16 7.36 22.29 12.73
N MET A 17 7.09 21.55 13.81
CA MET A 17 5.72 21.21 14.15
C MET A 17 4.91 22.45 14.52
N VAL A 18 5.54 23.40 15.22
CA VAL A 18 4.85 24.62 15.62
C VAL A 18 4.43 25.43 14.39
N LEU A 19 5.32 25.54 13.40
CA LEU A 19 5.01 26.31 12.21
C LEU A 19 4.07 25.59 11.25
N ALA A 20 4.16 24.26 11.18
CA ALA A 20 3.41 23.52 10.17
C ALA A 20 1.93 23.42 10.52
N ARG A 21 1.59 23.44 11.81
CA ARG A 21 0.18 23.29 12.20
C ARG A 21 -0.70 24.43 11.69
N PRO A 22 -0.36 25.71 11.87
CA PRO A 22 -1.18 26.76 11.26
C PRO A 22 -1.23 26.69 9.75
N LEU A 23 -0.13 26.29 9.11
CA LEU A 23 -0.14 26.15 7.66
C LEU A 23 -1.04 25.02 7.19
N GLY A 24 -1.13 23.95 7.99
CA GLY A 24 -2.04 22.86 7.65
C GLY A 24 -3.49 23.30 7.63
N SER A 25 -3.87 24.16 8.57
CA SER A 25 -5.23 24.69 8.59
C SER A 25 -5.51 25.51 7.33
N GLY A 26 -4.54 26.32 6.91
CA GLY A 26 -4.72 27.08 5.68
C GLY A 26 -4.80 26.19 4.45
N LEU A 27 -3.95 25.16 4.40
CA LEU A 27 -4.00 24.23 3.28
C LEU A 27 -5.30 23.43 3.27
N ALA A 28 -5.86 23.15 4.44
CA ALA A 28 -7.13 22.43 4.51
C ALA A 28 -8.25 23.25 3.87
N ARG A 29 -8.22 24.57 4.04
CA ARG A 29 -9.22 25.42 3.40
C ARG A 29 -9.13 25.34 1.88
N LEU A 30 -7.91 25.32 1.34
CA LEU A 30 -7.73 25.19 -0.11
C LEU A 30 -8.23 23.83 -0.59
N ILE A 31 -7.97 22.77 0.17
CA ILE A 31 -8.45 21.44 -0.20
C ILE A 31 -9.97 21.41 -0.18
N ASN A 32 -10.59 22.01 0.84
CA ASN A 32 -12.03 22.05 0.97
C ASN A 32 -12.69 23.10 0.07
N ASP A 33 -11.92 23.70 -0.83
CA ASP A 33 -12.43 24.72 -1.76
C ASP A 33 -13.03 25.90 -1.02
N ILE A 34 -12.46 26.25 0.14
CA ILE A 34 -12.86 27.40 0.93
C ILE A 34 -11.80 28.47 0.77
N PRO A 35 -12.12 29.61 0.16
CA PRO A 35 -11.10 30.65 -0.04
C PRO A 35 -10.58 31.19 1.27
N LEU A 36 -9.30 31.57 1.27
CA LEU A 36 -8.69 32.14 2.45
C LEU A 36 -9.30 33.52 2.72
N PRO A 37 -9.35 33.94 3.99
CA PRO A 37 -9.95 35.24 4.31
C PRO A 37 -9.22 36.38 3.62
N GLY A 38 -10.00 37.36 3.15
CA GLY A 38 -9.45 38.51 2.46
C GLY A 38 -9.11 38.29 1.00
N THR A 39 -9.36 37.10 0.46
CA THR A 39 -9.04 36.78 -0.92
C THR A 39 -10.28 36.52 -1.77
N THR A 40 -11.47 36.52 -1.18
CA THR A 40 -12.69 36.23 -1.94
C THR A 40 -12.93 37.29 -3.02
N GLY A 41 -12.74 38.57 -2.68
CA GLY A 41 -12.95 39.62 -3.65
C GLY A 41 -11.96 39.59 -4.79
N VAL A 42 -10.68 39.35 -4.47
CA VAL A 42 -9.65 39.32 -5.50
C VAL A 42 -9.81 38.11 -6.40
N GLU A 43 -10.18 36.97 -5.82
CA GLU A 43 -10.31 35.74 -6.61
C GLU A 43 -11.43 35.85 -7.64
N ARG A 44 -12.55 36.47 -7.26
CA ARG A 44 -13.67 36.59 -8.18
C ARG A 44 -13.30 37.40 -9.42
N VAL A 45 -12.59 38.52 -9.23
CA VAL A 45 -12.18 39.34 -10.35
C VAL A 45 -11.10 38.63 -11.17
N LEU A 46 -10.11 38.05 -10.49
CA LEU A 46 -8.99 37.42 -11.19
C LEU A 46 -9.46 36.20 -11.99
N PHE A 47 -10.31 35.36 -11.41
CA PHE A 47 -10.75 34.14 -12.10
C PHE A 47 -11.53 34.48 -13.36
N ARG A 48 -12.39 35.51 -13.30
CA ARG A 48 -13.13 35.92 -14.49
C ARG A 48 -12.19 36.44 -15.57
N ALA A 49 -11.17 37.21 -15.19
CA ALA A 49 -10.23 37.75 -16.16
C ALA A 49 -9.44 36.64 -16.86
N LEU A 50 -9.05 35.62 -16.11
CA LEU A 50 -8.28 34.51 -16.65
C LEU A 50 -9.15 33.44 -17.29
N GLY A 51 -10.47 33.62 -17.28
CA GLY A 51 -11.37 32.63 -17.87
C GLY A 51 -11.41 31.31 -17.13
N VAL A 52 -11.33 31.35 -15.81
CA VAL A 52 -11.44 30.16 -14.97
C VAL A 52 -12.75 30.26 -14.19
N SER A 53 -13.68 29.35 -14.47
CA SER A 53 -15.02 29.39 -13.89
C SER A 53 -15.18 28.42 -12.72
N ASP A 54 -14.08 27.86 -12.21
CA ASP A 54 -14.11 26.89 -11.12
C ASP A 54 -14.97 25.68 -11.48
N ARG A 55 -14.99 25.32 -12.76
CA ARG A 55 -15.78 24.17 -13.20
C ARG A 55 -15.14 22.88 -12.69
N GLU A 56 -15.96 22.02 -12.09
CA GLU A 56 -15.46 20.75 -11.59
C GLU A 56 -15.06 19.84 -12.74
N MET A 57 -13.91 19.18 -12.61
CA MET A 57 -13.40 18.29 -13.64
C MET A 57 -13.08 16.93 -13.02
N ASN A 58 -13.19 15.90 -13.85
CA ASN A 58 -12.87 14.55 -13.41
C ASN A 58 -11.35 14.36 -13.36
N TRP A 59 -10.92 13.15 -13.01
CA TRP A 59 -9.49 12.89 -12.88
C TRP A 59 -8.77 12.98 -14.21
N LYS A 60 -9.42 12.57 -15.30
CA LYS A 60 -8.80 12.68 -16.62
C LYS A 60 -8.56 14.13 -17.01
N GLN A 61 -9.55 14.99 -16.77
CA GLN A 61 -9.39 16.41 -17.09
C GLN A 61 -8.42 17.08 -16.12
N TYR A 62 -8.47 16.71 -14.84
CA TYR A 62 -7.54 17.27 -13.87
C TYR A 62 -6.10 16.90 -14.21
N LEU A 63 -5.87 15.63 -14.57
CA LEU A 63 -4.52 15.21 -14.95
C LEU A 63 -4.05 15.92 -16.21
N CYS A 64 -4.94 16.08 -17.19
CA CYS A 64 -4.58 16.75 -18.43
C CYS A 64 -4.19 18.20 -18.18
N ALA A 65 -4.89 18.88 -17.27
CA ALA A 65 -4.55 20.26 -16.95
C ALA A 65 -3.15 20.35 -16.34
N ILE A 66 -2.81 19.44 -15.44
CA ILE A 66 -1.47 19.42 -14.86
C ILE A 66 -0.43 19.09 -15.92
N LEU A 67 -0.71 18.07 -16.74
CA LEU A 67 0.22 17.68 -17.79
C LEU A 67 0.37 18.78 -18.84
N GLY A 68 -0.73 19.42 -19.21
CA GLY A 68 -0.66 20.47 -20.21
C GLY A 68 0.14 21.67 -19.75
N LEU A 69 -0.06 22.10 -18.51
CA LEU A 69 0.70 23.23 -17.98
C LEU A 69 2.18 22.90 -17.88
N ASN A 70 2.51 21.68 -17.44
CA ASN A 70 3.93 21.29 -17.33
C ASN A 70 4.58 21.24 -18.71
N MET A 71 3.88 20.71 -19.71
CA MET A 71 4.44 20.66 -21.06
C MET A 71 4.65 22.06 -21.63
N LEU A 72 3.71 22.98 -21.37
CA LEU A 72 3.88 24.35 -21.82
C LEU A 72 5.07 25.01 -21.15
N GLY A 73 5.25 24.79 -19.85
CA GLY A 73 6.41 25.31 -19.15
C GLY A 73 7.71 24.68 -19.63
N LEU A 74 7.67 23.40 -20.00
CA LEU A 74 8.87 22.74 -20.52
C LEU A 74 9.33 23.37 -21.83
N ALA A 75 8.39 23.65 -22.73
CA ALA A 75 8.75 24.24 -24.02
C ALA A 75 9.29 25.66 -23.84
N VAL A 76 8.67 26.45 -22.98
CA VAL A 76 9.10 27.83 -22.78
C VAL A 76 10.50 27.88 -22.18
N LEU A 77 10.75 27.05 -21.16
CA LEU A 77 12.07 27.03 -20.53
C LEU A 77 13.14 26.52 -21.49
N PHE A 78 12.81 25.50 -22.29
CA PHE A 78 13.79 24.93 -23.21
C PHE A 78 14.24 25.96 -24.24
N PHE A 79 13.30 26.72 -24.80
CA PHE A 79 13.65 27.74 -25.79
C PHE A 79 14.27 28.97 -25.15
N MET A 80 13.90 29.28 -23.91
CA MET A 80 14.52 30.40 -23.20
C MET A 80 16.01 30.16 -22.99
N LEU A 81 16.38 28.94 -22.61
CA LEU A 81 17.79 28.61 -22.42
C LEU A 81 18.54 28.62 -23.75
N LEU A 82 17.91 28.12 -24.81
CA LEU A 82 18.54 28.12 -26.13
C LEU A 82 18.78 29.54 -26.64
N GLY A 83 17.80 30.41 -26.49
CA GLY A 83 17.92 31.78 -26.95
C GLY A 83 18.29 32.75 -25.86
N GLN A 84 19.08 32.28 -24.89
CA GLN A 84 19.46 33.11 -23.75
C GLN A 84 20.30 34.31 -24.18
N HIS A 85 21.17 34.12 -25.18
CA HIS A 85 22.02 35.21 -25.65
C HIS A 85 21.21 36.35 -26.26
N TYR A 86 19.99 36.07 -26.73
CA TYR A 86 19.14 37.10 -27.32
C TYR A 86 18.20 37.75 -26.30
N LEU A 87 18.30 37.39 -25.03
CA LEU A 87 17.42 37.89 -23.99
C LEU A 87 18.14 38.92 -23.13
N PRO A 88 17.40 39.86 -22.51
CA PRO A 88 18.06 40.91 -21.72
C PRO A 88 18.59 40.39 -20.39
N LEU A 89 19.10 41.30 -19.56
CA LEU A 89 19.67 40.97 -18.25
C LEU A 89 20.79 39.95 -18.38
N ASN A 90 21.74 40.25 -19.27
CA ASN A 90 22.89 39.38 -19.53
C ASN A 90 24.16 40.22 -19.48
N PRO A 91 24.58 40.64 -18.27
CA PRO A 91 25.80 41.47 -18.18
C PRO A 91 27.03 40.76 -18.70
N GLN A 92 27.14 39.45 -18.51
CA GLN A 92 28.17 38.64 -19.12
C GLN A 92 27.58 37.99 -20.36
N GLN A 93 28.21 38.21 -21.51
CA GLN A 93 27.62 37.77 -22.77
C GLN A 93 27.70 36.26 -22.91
N LEU A 94 26.97 35.54 -22.06
CA LEU A 94 26.98 34.09 -22.11
C LEU A 94 26.16 33.60 -23.30
N PRO A 95 26.67 32.67 -24.09
CA PRO A 95 25.93 32.19 -25.25
C PRO A 95 24.77 31.30 -24.84
N GLY A 96 23.92 30.97 -25.82
CA GLY A 96 22.84 30.04 -25.58
C GLY A 96 23.35 28.65 -25.26
N LEU A 97 22.56 27.93 -24.47
CA LEU A 97 22.96 26.59 -24.06
C LEU A 97 22.89 25.61 -25.23
N SER A 98 23.64 24.53 -25.11
CA SER A 98 23.58 23.46 -26.09
C SER A 98 22.25 22.72 -26.00
N TRP A 99 21.94 21.94 -27.03
CA TRP A 99 20.65 21.26 -27.08
C TRP A 99 20.50 20.27 -25.93
N ASP A 100 21.57 19.53 -25.60
CA ASP A 100 21.47 18.53 -24.54
C ASP A 100 21.41 19.18 -23.16
N LEU A 101 22.23 20.22 -22.95
CA LEU A 101 22.22 20.90 -21.65
C LEU A 101 20.89 21.64 -21.43
N ALA A 102 20.38 22.30 -22.47
CA ALA A 102 19.11 23.00 -22.33
C ALA A 102 17.96 22.03 -22.09
N LEU A 103 17.95 20.91 -22.80
CA LEU A 103 16.90 19.91 -22.61
C LEU A 103 16.95 19.32 -21.21
N ASN A 104 18.15 19.00 -20.72
CA ASN A 104 18.28 18.45 -19.38
C ASN A 104 17.85 19.46 -18.33
N THR A 105 18.28 20.71 -18.47
CA THR A 105 17.93 21.73 -17.49
C THR A 105 16.43 22.05 -17.52
N ALA A 106 15.85 22.12 -18.72
CA ALA A 106 14.42 22.39 -18.82
C ALA A 106 13.59 21.28 -18.19
N VAL A 107 13.96 20.02 -18.47
CA VAL A 107 13.24 18.89 -17.89
C VAL A 107 13.46 18.84 -16.37
N SER A 108 14.69 19.16 -15.93
CA SER A 108 15.02 19.04 -14.51
C SER A 108 14.16 19.98 -13.67
N PHE A 109 14.01 21.23 -14.10
CA PHE A 109 13.28 22.19 -13.29
C PHE A 109 11.77 22.03 -13.43
N VAL A 110 11.30 21.54 -14.58
CA VAL A 110 9.87 21.30 -14.74
C VAL A 110 9.41 20.13 -13.87
N THR A 111 10.25 19.10 -13.76
CA THR A 111 9.93 17.91 -12.98
C THR A 111 10.23 18.07 -11.49
N ASN A 112 10.49 19.30 -11.03
CA ASN A 112 10.77 19.58 -9.61
C ASN A 112 12.01 18.83 -9.13
N THR A 113 12.96 18.56 -10.04
CA THR A 113 14.20 17.88 -9.69
C THR A 113 15.35 18.86 -9.45
N ASN A 114 15.55 19.79 -10.39
CA ASN A 114 16.62 20.79 -10.30
C ASN A 114 18.00 20.13 -10.25
N TRP A 115 18.17 19.03 -10.97
CA TRP A 115 19.51 18.51 -11.23
C TRP A 115 20.26 19.50 -12.10
N GLN A 116 21.52 19.75 -11.75
CA GLN A 116 22.32 20.76 -12.43
C GLN A 116 23.67 20.15 -12.81
N SER A 117 23.93 20.04 -14.11
CA SER A 117 25.21 19.60 -14.63
C SER A 117 26.05 20.77 -15.14
N TYR A 118 25.85 21.95 -14.57
CA TYR A 118 26.52 23.17 -14.99
C TYR A 118 26.87 24.00 -13.76
N SER A 119 27.59 25.09 -13.99
CA SER A 119 27.87 26.08 -12.96
C SER A 119 27.14 27.36 -13.33
N GLY A 120 26.22 27.78 -12.46
CA GLY A 120 25.34 28.90 -12.80
C GLY A 120 26.07 30.21 -13.01
N GLU A 121 27.17 30.44 -12.27
CA GLU A 121 27.87 31.70 -12.36
C GLU A 121 28.52 31.93 -13.71
N THR A 122 28.73 30.87 -14.50
CA THR A 122 29.36 31.00 -15.82
C THR A 122 28.52 30.39 -16.93
N THR A 123 27.26 30.03 -16.65
CA THR A 123 26.41 29.39 -17.65
C THR A 123 25.14 30.17 -17.93
N LEU A 124 24.45 30.64 -16.90
CA LEU A 124 23.11 31.20 -17.04
C LEU A 124 23.12 32.70 -16.78
N SER A 125 22.28 33.42 -17.52
CA SER A 125 22.07 34.84 -17.33
C SER A 125 21.10 35.08 -16.18
N TYR A 126 20.96 36.36 -15.80
CA TYR A 126 19.99 36.71 -14.77
C TYR A 126 18.57 36.43 -15.22
N PHE A 127 18.28 36.69 -16.50
CA PHE A 127 16.95 36.40 -17.04
C PHE A 127 16.64 34.92 -16.98
N SER A 128 17.61 34.08 -17.34
CA SER A 128 17.39 32.63 -17.30
C SER A 128 17.14 32.17 -15.86
N GLN A 129 17.90 32.68 -14.90
CA GLN A 129 17.70 32.31 -13.51
C GLN A 129 16.36 32.82 -12.98
N MET A 130 15.99 34.04 -13.34
CA MET A 130 14.81 34.68 -12.78
C MET A 130 13.54 34.23 -13.50
N ALA A 131 13.49 34.41 -14.81
CA ALA A 131 12.29 34.11 -15.58
C ALA A 131 12.20 32.66 -16.03
N GLY A 132 13.30 31.91 -15.99
CA GLY A 132 13.27 30.54 -16.44
C GLY A 132 13.30 29.50 -15.35
N LEU A 133 14.15 29.70 -14.34
CA LEU A 133 14.32 28.72 -13.28
C LEU A 133 13.38 28.98 -12.10
N THR A 134 13.30 30.24 -11.65
CA THR A 134 12.44 30.57 -10.53
C THR A 134 10.97 30.34 -10.86
N VAL A 135 10.58 30.62 -12.12
CA VAL A 135 9.20 30.40 -12.53
C VAL A 135 8.84 28.93 -12.42
N GLN A 136 9.72 28.05 -12.91
CA GLN A 136 9.48 26.62 -12.80
C GLN A 136 9.60 26.12 -11.36
N ASN A 137 10.36 26.82 -10.51
CA ASN A 137 10.40 26.48 -9.10
C ASN A 137 9.03 26.65 -8.47
N PHE A 138 8.31 27.71 -8.83
CA PHE A 138 6.96 27.91 -8.34
C PHE A 138 5.98 26.94 -9.00
N LEU A 139 6.07 26.77 -10.32
CA LEU A 139 5.07 26.00 -11.04
C LEU A 139 5.19 24.50 -10.76
N SER A 140 6.41 23.97 -10.76
CA SER A 140 6.58 22.54 -10.50
C SER A 140 6.14 22.19 -9.09
N ALA A 141 6.45 23.05 -8.11
CA ALA A 141 6.00 22.81 -6.74
C ALA A 141 4.48 22.87 -6.64
N ALA A 142 3.86 23.84 -7.31
CA ALA A 142 2.41 23.94 -7.29
C ALA A 142 1.73 22.75 -7.96
N SER A 143 2.36 22.20 -9.01
CA SER A 143 1.80 21.03 -9.68
C SER A 143 1.75 19.83 -8.73
N GLY A 144 2.81 19.61 -7.96
CA GLY A 144 2.80 18.51 -7.01
C GLY A 144 1.78 18.68 -5.90
N ILE A 145 1.65 19.90 -5.38
CA ILE A 145 0.66 20.18 -4.34
C ILE A 145 -0.75 20.06 -4.91
N ALA A 146 -0.95 20.44 -6.17
CA ALA A 146 -2.27 20.31 -6.78
C ALA A 146 -2.68 18.86 -6.90
N VAL A 147 -1.74 17.98 -7.24
CA VAL A 147 -2.07 16.57 -7.41
C VAL A 147 -2.49 15.95 -6.07
N ILE A 148 -1.74 16.23 -5.01
CA ILE A 148 -2.10 15.67 -3.70
C ILE A 148 -3.41 16.26 -3.20
N PHE A 149 -3.79 17.46 -3.67
CA PHE A 149 -5.09 18.00 -3.35
C PHE A 149 -6.20 17.13 -3.91
N ALA A 150 -6.04 16.66 -5.16
CA ALA A 150 -7.03 15.80 -5.77
C ALA A 150 -7.13 14.46 -5.06
N LEU A 151 -5.99 13.88 -4.68
CA LEU A 151 -6.00 12.59 -3.98
C LEU A 151 -6.66 12.70 -2.62
N ILE A 152 -6.38 13.79 -1.88
CA ILE A 152 -7.01 13.98 -0.58
C ILE A 152 -8.51 14.17 -0.74
N ARG A 153 -8.92 14.93 -1.77
CA ARG A 153 -10.35 15.10 -2.02
C ARG A 153 -11.02 13.79 -2.38
N ALA A 154 -10.31 12.87 -3.02
CA ALA A 154 -10.89 11.58 -3.39
C ALA A 154 -11.30 10.78 -2.15
N PHE A 155 -10.49 10.85 -1.09
CA PHE A 155 -10.82 10.13 0.14
C PHE A 155 -11.99 10.78 0.86
N THR A 156 -12.08 12.11 0.85
CA THR A 156 -13.08 12.82 1.63
C THR A 156 -14.39 13.05 0.89
N ARG A 157 -14.46 12.75 -0.41
CA ARG A 157 -15.66 12.94 -1.18
C ARG A 157 -16.39 11.61 -1.37
N GLN A 158 -17.71 11.66 -1.35
CA GLN A 158 -18.55 10.46 -1.40
C GLN A 158 -19.33 10.44 -2.71
N SER A 159 -19.14 9.39 -3.49
CA SER A 159 -19.91 9.14 -4.71
C SER A 159 -19.88 10.33 -5.66
N MET A 160 -18.69 10.88 -5.85
CA MET A 160 -18.49 12.02 -6.74
C MET A 160 -17.54 11.64 -7.86
N SER A 161 -17.73 12.26 -9.02
CA SER A 161 -16.92 11.99 -10.20
C SER A 161 -15.94 13.12 -10.52
N THR A 162 -15.82 14.11 -9.64
CA THR A 162 -14.97 15.26 -9.88
C THR A 162 -14.06 15.48 -8.67
N LEU A 163 -12.93 16.15 -8.91
CA LEU A 163 -11.91 16.34 -7.90
C LEU A 163 -11.50 17.81 -7.79
N GLY A 164 -12.41 18.73 -8.08
CA GLY A 164 -12.10 20.15 -8.03
C GLY A 164 -11.58 20.66 -9.36
N ASN A 165 -11.14 21.92 -9.32
CA ASN A 165 -10.63 22.61 -10.50
C ASN A 165 -9.13 22.77 -10.37
N ALA A 166 -8.39 22.28 -11.37
CA ALA A 166 -6.93 22.34 -11.32
C ALA A 166 -6.42 23.76 -11.46
N TRP A 167 -7.03 24.56 -12.34
CA TRP A 167 -6.59 25.94 -12.54
C TRP A 167 -6.78 26.76 -11.27
N VAL A 168 -7.91 26.58 -10.58
CA VAL A 168 -8.15 27.28 -9.33
C VAL A 168 -7.12 26.86 -8.28
N ASP A 169 -6.83 25.55 -8.20
CA ASP A 169 -5.87 25.06 -7.23
C ASP A 169 -4.48 25.63 -7.49
N LEU A 170 -4.05 25.64 -8.75
CA LEU A 170 -2.73 26.14 -9.08
C LEU A 170 -2.60 27.62 -8.75
N LEU A 171 -3.62 28.41 -9.08
CA LEU A 171 -3.58 29.84 -8.76
C LEU A 171 -3.59 30.09 -7.26
N ARG A 172 -4.43 29.35 -6.52
CA ARG A 172 -4.52 29.56 -5.08
C ARG A 172 -3.23 29.14 -4.37
N ILE A 173 -2.65 28.02 -4.79
CA ILE A 173 -1.42 27.54 -4.15
C ILE A 173 -0.28 28.52 -4.39
N THR A 174 -0.12 28.97 -5.63
CA THR A 174 1.01 29.83 -5.96
C THR A 174 0.86 31.23 -5.36
N LEU A 175 -0.32 31.83 -5.54
CA LEU A 175 -0.49 33.23 -5.17
C LEU A 175 -0.64 33.43 -3.66
N TRP A 176 -1.37 32.53 -2.99
CA TRP A 176 -1.69 32.73 -1.58
C TRP A 176 -0.77 31.98 -0.63
N VAL A 177 0.03 31.04 -1.12
CA VAL A 177 0.89 30.25 -0.25
C VAL A 177 2.35 30.39 -0.65
N LEU A 178 2.67 30.00 -1.89
CA LEU A 178 4.06 29.96 -2.32
C LEU A 178 4.67 31.37 -2.38
N VAL A 179 4.00 32.30 -3.05
CA VAL A 179 4.56 33.63 -3.23
C VAL A 179 4.74 34.38 -1.92
N PRO A 180 3.73 34.51 -1.05
CA PRO A 180 3.93 35.32 0.16
C PRO A 180 4.92 34.73 1.14
N VAL A 181 4.94 33.40 1.29
CA VAL A 181 5.89 32.78 2.21
C VAL A 181 7.31 32.92 1.68
N ALA A 182 7.50 32.75 0.38
CA ALA A 182 8.83 32.90 -0.20
C ALA A 182 9.34 34.33 -0.07
N LEU A 183 8.45 35.32 -0.21
CA LEU A 183 8.86 36.70 -0.09
C LEU A 183 9.41 37.01 1.30
N LEU A 184 8.73 36.52 2.34
CA LEU A 184 9.21 36.73 3.70
C LEU A 184 10.54 36.03 3.94
N ILE A 185 10.68 34.80 3.43
CA ILE A 185 11.93 34.07 3.57
C ILE A 185 13.06 34.77 2.81
N ALA A 186 12.77 35.24 1.60
CA ALA A 186 13.79 35.90 0.81
C ALA A 186 14.26 37.19 1.48
N LEU A 187 13.34 37.96 2.05
CA LEU A 187 13.72 39.19 2.73
C LEU A 187 14.60 38.90 3.94
N PHE A 188 14.28 37.84 4.68
CA PHE A 188 15.14 37.44 5.79
C PHE A 188 16.52 37.00 5.30
N PHE A 189 16.57 36.33 4.14
CA PHE A 189 17.85 35.93 3.57
C PHE A 189 18.70 37.15 3.22
N ILE A 190 18.08 38.18 2.65
CA ILE A 190 18.82 39.39 2.26
C ILE A 190 19.41 40.06 3.49
N GLN A 191 18.64 40.15 4.57
CA GLN A 191 19.12 40.80 5.79
C GLN A 191 20.36 40.11 6.33
N GLN A 192 20.45 38.78 6.20
CA GLN A 192 21.60 38.04 6.71
C GLN A 192 22.78 38.05 5.75
N GLY A 193 22.60 38.47 4.51
CA GLY A 193 23.73 38.59 3.60
C GLY A 193 23.56 37.98 2.23
N ALA A 194 22.35 37.50 1.91
CA ALA A 194 22.10 36.92 0.61
C ALA A 194 22.06 37.99 -0.47
N LEU A 195 22.37 37.58 -1.70
CA LEU A 195 22.40 38.51 -2.83
C LEU A 195 21.01 38.75 -3.39
N GLN A 196 20.71 40.02 -3.66
CA GLN A 196 19.51 40.39 -4.40
C GLN A 196 19.82 41.69 -5.16
N ASN A 197 20.23 41.55 -6.41
CA ASN A 197 20.58 42.70 -7.24
C ASN A 197 20.61 42.26 -8.69
N PHE A 198 20.89 43.22 -9.57
CA PHE A 198 21.07 42.95 -11.00
C PHE A 198 22.35 43.61 -11.53
N LEU A 199 23.31 43.88 -10.65
CA LEU A 199 24.55 44.51 -11.04
C LEU A 199 25.41 43.54 -11.84
N PRO A 200 26.31 44.06 -12.69
CA PRO A 200 27.29 43.19 -13.35
C PRO A 200 28.27 42.61 -12.34
N TYR A 201 29.10 41.69 -12.83
CA TYR A 201 30.09 41.05 -11.97
C TYR A 201 31.09 42.07 -11.45
N GLN A 202 31.43 41.95 -10.17
CA GLN A 202 32.26 42.93 -9.48
C GLN A 202 33.69 42.43 -9.39
N ALA A 203 34.63 43.25 -9.86
CA ALA A 203 36.05 42.94 -9.74
C ALA A 203 36.55 43.29 -8.35
N VAL A 204 37.38 42.42 -7.79
CA VAL A 204 37.88 42.57 -6.43
C VAL A 204 39.41 42.56 -6.47
N ASN A 205 40.02 43.56 -5.85
CA ASN A 205 41.47 43.61 -5.64
C ASN A 205 41.73 43.10 -4.22
N THR A 206 42.17 41.85 -4.12
CA THR A 206 42.34 41.21 -2.82
C THR A 206 43.49 41.84 -2.05
N VAL A 207 43.57 41.48 -0.77
CA VAL A 207 44.63 42.00 0.10
C VAL A 207 46.00 41.55 -0.40
N GLU A 208 46.11 40.28 -0.80
CA GLU A 208 47.37 39.75 -1.29
C GLU A 208 47.72 40.25 -2.69
N GLY A 209 46.79 40.90 -3.38
CA GLY A 209 47.04 41.42 -4.71
C GLY A 209 46.50 40.59 -5.84
N ALA A 210 45.77 39.52 -5.55
CA ALA A 210 45.20 38.68 -6.59
C ALA A 210 43.91 39.31 -7.12
N GLN A 211 43.32 38.65 -8.11
CA GLN A 211 42.11 39.13 -8.77
C GLN A 211 40.95 38.18 -8.46
N GLN A 212 39.84 38.75 -7.99
CA GLN A 212 38.62 38.00 -7.73
C GLN A 212 37.47 38.67 -8.47
N LEU A 213 36.66 37.88 -9.16
CA LEU A 213 35.47 38.36 -9.85
C LEU A 213 34.25 37.79 -9.14
N LEU A 214 33.47 38.66 -8.51
CA LEU A 214 32.32 38.25 -7.72
C LEU A 214 31.08 38.17 -8.60
N PRO A 215 30.47 37.00 -8.77
CA PRO A 215 29.19 36.94 -9.49
C PRO A 215 28.08 37.61 -8.71
N MET A 216 27.09 38.11 -9.46
CA MET A 216 25.95 38.78 -8.85
C MET A 216 24.64 38.17 -9.35
N GLY A 217 23.52 38.80 -9.04
CA GLY A 217 22.23 38.34 -9.50
C GLY A 217 21.20 38.25 -8.40
N PRO A 218 19.93 38.06 -8.77
CA PRO A 218 18.84 37.95 -7.77
C PRO A 218 18.80 36.57 -7.12
N VAL A 219 19.78 36.33 -6.24
CA VAL A 219 19.94 35.02 -5.62
C VAL A 219 18.81 34.76 -4.62
N ALA A 220 18.52 35.76 -3.77
CA ALA A 220 17.65 35.52 -2.63
C ALA A 220 16.23 35.14 -3.04
N SER A 221 15.70 35.81 -4.07
CA SER A 221 14.35 35.48 -4.52
C SER A 221 14.27 34.04 -5.02
N GLN A 222 15.29 33.60 -5.76
CA GLN A 222 15.33 32.20 -6.19
C GLN A 222 15.56 31.27 -5.01
N GLU A 223 16.39 31.69 -4.04
CA GLU A 223 16.76 30.81 -2.93
C GLU A 223 15.55 30.44 -2.09
N ALA A 224 14.64 31.38 -1.85
CA ALA A 224 13.50 31.13 -1.00
C ALA A 224 12.57 30.07 -1.60
N ILE A 225 12.21 30.23 -2.89
CA ILE A 225 11.33 29.26 -3.53
C ILE A 225 12.08 27.96 -3.78
N LYS A 226 13.40 28.01 -3.91
CA LYS A 226 14.19 26.79 -4.04
C LYS A 226 14.07 25.93 -2.80
N MET A 227 14.03 26.57 -1.62
CA MET A 227 13.90 25.82 -0.37
C MET A 227 12.45 25.45 -0.09
N LEU A 228 11.54 26.41 -0.25
CA LEU A 228 10.15 26.19 0.14
C LEU A 228 9.49 25.12 -0.72
N GLY A 229 9.76 25.12 -2.02
CA GLY A 229 9.13 24.19 -2.93
C GLY A 229 9.85 22.87 -3.12
N THR A 230 10.84 22.57 -2.27
CA THR A 230 11.66 21.36 -2.41
C THR A 230 12.26 21.26 -3.81
N ASN A 231 12.73 22.39 -4.32
CA ASN A 231 13.33 22.45 -5.65
C ASN A 231 14.82 22.10 -5.59
N GLY A 232 15.59 22.83 -4.78
CA GLY A 232 16.98 22.52 -4.56
C GLY A 232 17.95 23.06 -5.60
N GLY A 233 17.47 23.79 -6.60
CA GLY A 233 18.34 24.34 -7.62
C GLY A 233 19.09 25.57 -7.17
N GLY A 234 20.41 25.42 -6.97
CA GLY A 234 21.20 26.54 -6.49
C GLY A 234 21.50 27.55 -7.58
N PHE A 235 21.58 28.82 -7.18
CA PHE A 235 21.96 29.87 -8.11
C PHE A 235 23.38 29.66 -8.61
N PHE A 236 24.29 29.27 -7.73
CA PHE A 236 25.68 28.99 -8.07
C PHE A 236 25.93 27.48 -8.00
N ASN A 237 27.12 27.09 -8.45
CA ASN A 237 27.48 25.68 -8.46
C ASN A 237 27.59 25.12 -7.05
N ALA A 238 28.08 25.92 -6.10
CA ALA A 238 28.22 25.47 -4.72
C ALA A 238 26.88 25.24 -4.03
N ASN A 239 25.78 25.71 -4.62
CA ASN A 239 24.42 25.47 -4.12
C ASN A 239 24.31 26.12 -2.73
N SER A 240 23.71 25.44 -1.75
CA SER A 240 23.50 26.01 -0.43
C SER A 240 24.78 26.14 0.38
N SER A 241 25.90 25.57 -0.08
CA SER A 241 27.17 25.80 0.58
C SER A 241 27.78 27.15 0.21
N HIS A 242 27.26 27.79 -0.84
CA HIS A 242 27.78 29.10 -1.25
C HIS A 242 27.41 30.15 -0.21
N PRO A 243 28.37 30.97 0.24
CA PRO A 243 28.04 32.02 1.22
C PRO A 243 27.00 33.02 0.72
N PHE A 244 26.99 33.31 -0.58
CA PHE A 244 26.01 34.25 -1.13
C PHE A 244 24.60 33.68 -1.13
N GLU A 245 24.45 32.36 -1.05
CA GLU A 245 23.14 31.72 -1.00
C GLU A 245 22.68 31.41 0.41
N ASN A 246 23.59 30.91 1.26
CA ASN A 246 23.28 30.56 2.65
C ASN A 246 24.35 31.19 3.54
N PRO A 247 24.19 32.47 3.90
CA PRO A 247 25.31 33.17 4.55
C PRO A 247 25.56 32.74 5.99
N THR A 248 24.52 32.54 6.79
CA THR A 248 24.67 32.29 8.21
C THR A 248 23.97 31.00 8.60
N ALA A 249 24.26 30.54 9.82
CA ALA A 249 23.58 29.37 10.35
C ALA A 249 22.10 29.65 10.60
N LEU A 250 21.75 30.91 10.84
CA LEU A 250 20.34 31.28 10.98
C LEU A 250 19.57 31.03 9.69
N THR A 251 20.16 31.42 8.55
CA THR A 251 19.53 31.13 7.26
C THR A 251 19.52 29.64 6.99
N ASN A 252 20.56 28.93 7.41
CA ASN A 252 20.60 27.49 7.21
C ASN A 252 19.48 26.79 7.98
N PHE A 253 19.24 27.22 9.22
CA PHE A 253 18.15 26.62 10.00
C PHE A 253 16.80 26.89 9.34
N VAL A 254 16.60 28.09 8.82
CA VAL A 254 15.35 28.40 8.11
C VAL A 254 15.25 27.57 6.83
N GLN A 255 16.38 27.35 6.15
CA GLN A 255 16.36 26.55 4.93
C GLN A 255 15.89 25.14 5.19
N MET A 256 16.37 24.52 6.27
CA MET A 256 15.90 23.17 6.63
C MET A 256 14.43 23.18 6.99
N LEU A 257 13.98 24.20 7.73
CA LEU A 257 12.56 24.30 8.08
C LEU A 257 11.71 24.47 6.83
N ALA A 258 12.17 25.28 5.88
CA ALA A 258 11.40 25.48 4.65
C ALA A 258 11.29 24.20 3.82
N ILE A 259 12.31 23.33 3.90
CA ILE A 259 12.26 22.07 3.17
C ILE A 259 11.09 21.21 3.67
N PHE A 260 10.95 21.11 4.99
CA PHE A 260 9.94 20.25 5.60
C PHE A 260 8.64 20.97 5.90
N LEU A 261 8.55 22.28 5.67
CA LEU A 261 7.39 23.04 6.10
C LEU A 261 6.12 22.57 5.40
N ILE A 262 6.07 22.74 4.07
CA ILE A 262 4.88 22.34 3.33
C ILE A 262 4.62 20.84 3.43
N PRO A 263 5.62 19.95 3.27
CA PRO A 263 5.33 18.51 3.43
C PRO A 263 4.74 18.14 4.78
N THR A 264 5.20 18.79 5.86
CA THR A 264 4.62 18.52 7.17
C THR A 264 3.22 19.10 7.28
N ALA A 265 3.02 20.31 6.74
CA ALA A 265 1.70 20.93 6.81
C ALA A 265 0.65 20.15 6.01
N LEU A 266 1.08 19.48 4.93
CA LEU A 266 0.14 18.66 4.17
C LEU A 266 -0.38 17.49 5.01
N CYS A 267 0.49 16.89 5.82
CA CYS A 267 0.04 15.82 6.72
C CYS A 267 -0.95 16.36 7.74
N PHE A 268 -0.68 17.56 8.29
CA PHE A 268 -1.62 18.18 9.22
C PHE A 268 -2.94 18.51 8.52
N ALA A 269 -2.87 19.01 7.29
CA ALA A 269 -4.08 19.30 6.53
C ALA A 269 -4.84 18.03 6.18
N PHE A 270 -4.12 16.93 5.95
CA PHE A 270 -4.79 15.66 5.63
C PHE A 270 -5.69 15.20 6.76
N GLY A 271 -5.21 15.30 8.00
CA GLY A 271 -6.03 14.91 9.13
C GLY A 271 -7.23 15.81 9.33
N GLU A 272 -7.04 17.12 9.16
CA GLU A 272 -8.13 18.08 9.35
C GLU A 272 -9.23 17.87 8.31
N VAL A 273 -8.85 17.64 7.05
CA VAL A 273 -9.85 17.45 6.00
C VAL A 273 -10.65 16.18 6.24
N MET A 274 -9.98 15.09 6.63
CA MET A 274 -10.65 13.83 6.89
C MET A 274 -11.50 13.85 8.16
N GLY A 275 -11.36 14.89 8.99
CA GLY A 275 -12.10 14.97 10.23
C GLY A 275 -11.49 14.20 11.38
N ASP A 276 -10.34 13.56 11.18
CA ASP A 276 -9.65 12.81 12.23
C ASP A 276 -8.18 13.18 12.20
N ARG A 277 -7.75 13.98 13.18
CA ARG A 277 -6.37 14.44 13.23
C ARG A 277 -5.41 13.30 13.55
N ARG A 278 -5.89 12.18 14.07
CA ARG A 278 -5.02 11.05 14.35
C ARG A 278 -4.44 10.46 13.06
N GLN A 279 -5.20 10.52 11.96
CA GLN A 279 -4.69 10.02 10.69
C GLN A 279 -3.49 10.84 10.22
N GLY A 280 -3.56 12.16 10.36
CA GLY A 280 -2.43 12.99 9.99
C GLY A 280 -1.23 12.79 10.90
N ARG A 281 -1.48 12.60 12.20
CA ARG A 281 -0.38 12.37 13.14
C ARG A 281 0.28 11.03 12.91
N MET A 282 -0.48 10.03 12.43
CA MET A 282 0.10 8.73 12.14
C MET A 282 1.16 8.83 11.04
N LEU A 283 0.86 9.59 9.99
CA LEU A 283 1.83 9.75 8.91
C LEU A 283 3.08 10.47 9.40
N LEU A 284 2.91 11.49 10.24
CA LEU A 284 4.08 12.20 10.77
C LEU A 284 4.91 11.30 11.68
N TRP A 285 4.25 10.46 12.49
CA TRP A 285 4.98 9.57 13.38
C TRP A 285 5.84 8.58 12.60
N ALA A 286 5.29 7.99 11.54
CA ALA A 286 6.08 7.08 10.71
C ALA A 286 7.21 7.80 10.01
N MET A 287 6.95 9.01 9.52
CA MET A 287 7.99 9.78 8.84
C MET A 287 9.07 10.24 9.82
N SER A 288 8.68 10.68 11.01
CA SER A 288 9.64 11.21 11.97
C SER A 288 10.56 10.12 12.51
N VAL A 289 10.02 8.93 12.77
CA VAL A 289 10.82 7.86 13.34
C VAL A 289 11.94 7.46 12.39
N ILE A 290 11.61 7.30 11.10
CA ILE A 290 12.63 6.98 10.10
C ILE A 290 13.62 8.12 9.98
N PHE A 291 13.12 9.36 9.95
CA PHE A 291 13.98 10.52 9.79
C PHE A 291 14.95 10.67 10.96
N VAL A 292 14.47 10.47 12.19
CA VAL A 292 15.31 10.66 13.37
C VAL A 292 16.46 9.65 13.39
N ILE A 293 16.16 8.40 13.08
CA ILE A 293 17.19 7.37 13.06
C ILE A 293 18.22 7.66 11.97
N CYS A 294 17.75 8.10 10.81
CA CYS A 294 18.65 8.38 9.69
C CYS A 294 19.63 9.50 10.04
N VAL A 295 19.15 10.55 10.72
CA VAL A 295 20.04 11.65 11.10
C VAL A 295 21.11 11.16 12.07
N GLY A 296 20.72 10.34 13.04
CA GLY A 296 21.69 9.86 14.02
C GLY A 296 22.78 9.02 13.41
N VAL A 297 22.43 8.16 12.46
CA VAL A 297 23.43 7.32 11.80
C VAL A 297 24.41 8.17 11.00
N VAL A 298 23.90 9.14 10.25
CA VAL A 298 24.78 10.00 9.47
C VAL A 298 25.65 10.87 10.38
N MET A 299 25.06 11.39 11.46
CA MET A 299 25.85 12.16 12.42
C MET A 299 26.94 11.30 13.04
N TRP A 300 26.62 10.06 13.41
CA TRP A 300 27.62 9.18 13.98
C TRP A 300 28.71 8.83 12.96
N ALA A 301 28.31 8.55 11.72
CA ALA A 301 29.28 8.18 10.69
C ALA A 301 30.23 9.34 10.38
N GLU A 302 29.70 10.56 10.30
CA GLU A 302 30.55 11.70 9.97
C GLU A 302 31.44 12.12 11.13
N VAL A 303 31.01 11.85 12.37
CA VAL A 303 31.84 12.18 13.53
C VAL A 303 33.11 11.35 13.54
N GLN A 304 32.99 10.04 13.29
CA GLN A 304 34.19 9.22 13.13
C GLN A 304 35.01 9.68 11.92
N GLY A 305 34.34 9.97 10.81
CA GLY A 305 34.99 10.61 9.68
C GLY A 305 36.09 9.75 9.07
N ASN A 306 37.12 10.43 8.59
CA ASN A 306 38.24 9.76 7.93
C ASN A 306 39.16 9.14 8.97
N PRO A 307 39.35 7.81 8.97
CA PRO A 307 40.31 7.21 9.90
C PRO A 307 41.75 7.59 9.62
N HIS A 308 42.06 8.01 8.39
CA HIS A 308 43.43 8.36 8.03
C HIS A 308 43.84 9.75 8.51
N LEU A 309 42.87 10.59 8.90
CA LEU A 309 43.20 11.96 9.30
C LEU A 309 44.09 11.98 10.53
N LEU A 310 43.77 11.14 11.53
CA LEU A 310 44.58 11.10 12.74
C LEU A 310 46.00 10.62 12.45
N ALA A 311 46.14 9.60 11.61
CA ALA A 311 47.47 9.09 11.27
C ALA A 311 48.25 10.08 10.44
N LEU A 312 47.58 10.85 9.58
CA LEU A 312 48.27 11.81 8.73
C LEU A 312 48.79 13.02 9.51
N GLY A 313 48.26 13.27 10.70
CA GLY A 313 48.80 14.32 11.54
C GLY A 313 47.81 15.41 11.94
N THR A 314 46.52 15.09 11.95
CA THR A 314 45.51 16.04 12.38
C THR A 314 45.10 15.77 13.82
N ASP A 315 44.49 16.79 14.44
CA ASP A 315 44.06 16.68 15.83
C ASP A 315 42.70 15.99 15.98
N SER A 316 41.97 15.80 14.90
CA SER A 316 40.66 15.17 14.96
C SER A 316 40.42 14.38 13.67
N SER A 317 39.53 13.40 13.77
CA SER A 317 39.17 12.55 12.64
C SER A 317 37.83 12.93 12.02
N ILE A 318 37.20 14.00 12.49
CA ILE A 318 35.90 14.40 11.96
C ILE A 318 36.03 14.75 10.49
N ASN A 319 35.08 14.29 9.69
CA ASN A 319 35.13 14.46 8.23
C ASN A 319 34.68 15.86 7.89
N MET A 320 35.62 16.81 7.95
CA MET A 320 35.36 18.19 7.55
C MET A 320 35.59 18.44 6.08
N GLU A 321 36.08 17.44 5.33
CA GLU A 321 36.28 17.60 3.90
C GLU A 321 34.94 17.79 3.21
N GLY A 322 34.88 18.78 2.32
CA GLY A 322 33.62 19.11 1.66
C GLY A 322 32.55 19.61 2.59
N LYS A 323 32.92 20.35 3.62
CA LYS A 323 31.97 20.92 4.58
C LYS A 323 32.36 22.34 4.90
N GLU A 324 31.37 23.14 5.28
CA GLU A 324 31.59 24.55 5.62
C GLU A 324 31.88 24.69 7.10
N SER A 325 32.79 25.62 7.43
CA SER A 325 33.17 25.83 8.81
C SER A 325 32.03 26.43 9.64
N ARG A 326 31.25 27.32 9.03
CA ARG A 326 30.18 27.99 9.76
C ARG A 326 29.01 27.08 10.10
N PHE A 327 28.94 25.89 9.50
CA PHE A 327 27.87 24.95 9.78
C PHE A 327 28.32 23.81 10.70
N GLY A 328 29.46 23.19 10.41
CA GLY A 328 29.97 22.10 11.21
C GLY A 328 29.53 20.74 10.70
N VAL A 329 30.10 19.70 11.32
CA VAL A 329 29.83 18.34 10.88
C VAL A 329 28.40 17.93 11.24
N LEU A 330 27.95 18.26 12.45
CA LEU A 330 26.62 17.84 12.88
C LEU A 330 25.52 18.49 12.05
N VAL A 331 25.65 19.79 11.77
CA VAL A 331 24.63 20.47 10.97
C VAL A 331 24.66 19.99 9.53
N SER A 332 25.86 19.72 9.00
CA SER A 332 25.96 19.18 7.64
C SER A 332 25.31 17.81 7.55
N SER A 333 25.47 16.98 8.58
CA SER A 333 24.84 15.66 8.58
C SER A 333 23.32 15.78 8.60
N LEU A 334 22.78 16.70 9.41
CA LEU A 334 21.33 16.88 9.46
C LEU A 334 20.79 17.37 8.13
N PHE A 335 21.49 18.33 7.51
CA PHE A 335 21.02 18.87 6.22
C PHE A 335 21.01 17.80 5.15
N ALA A 336 22.02 16.92 5.14
CA ALA A 336 22.10 15.86 4.14
C ALA A 336 20.89 14.93 4.23
N VAL A 337 20.50 14.56 5.45
CA VAL A 337 19.34 13.70 5.63
C VAL A 337 18.06 14.45 5.25
N VAL A 338 17.93 15.71 5.69
CA VAL A 338 16.74 16.48 5.41
C VAL A 338 16.54 16.64 3.90
N THR A 339 17.63 16.97 3.20
CA THR A 339 17.54 17.21 1.76
C THR A 339 17.39 15.92 0.95
N THR A 340 17.63 14.76 1.55
CA THR A 340 17.49 13.49 0.85
C THR A 340 16.30 12.68 1.31
N ALA A 341 15.90 12.79 2.58
CA ALA A 341 14.59 12.26 2.97
C ALA A 341 13.49 12.99 2.23
N ALA A 342 13.60 14.30 2.11
CA ALA A 342 12.77 15.08 1.21
C ALA A 342 13.33 15.05 -0.20
N SER A 343 12.57 15.59 -1.14
CA SER A 343 12.98 15.66 -2.54
C SER A 343 13.57 17.02 -2.90
N CYS A 344 14.23 17.67 -1.96
CA CYS A 344 14.77 19.01 -2.22
C CYS A 344 16.01 18.96 -3.10
N GLY A 345 17.07 18.30 -2.61
CA GLY A 345 18.28 18.16 -3.36
C GLY A 345 19.33 19.24 -3.14
N ALA A 346 19.00 20.30 -2.41
CA ALA A 346 19.99 21.30 -2.07
C ALA A 346 21.01 20.73 -1.08
N VAL A 347 22.27 21.16 -1.22
CA VAL A 347 23.35 20.63 -0.41
C VAL A 347 24.13 21.78 0.21
N ILE A 348 24.42 21.69 1.51
CA ILE A 348 25.38 22.56 2.16
C ILE A 348 26.74 21.88 2.31
N ALA A 349 26.86 20.62 1.92
CA ALA A 349 28.11 19.89 1.97
C ALA A 349 28.17 18.94 0.77
N MET A 350 29.39 18.55 0.42
CA MET A 350 29.60 17.68 -0.73
C MET A 350 29.34 16.23 -0.29
N HIS A 351 28.25 15.65 -0.80
CA HIS A 351 27.92 14.28 -0.46
C HIS A 351 28.94 13.28 -0.98
N ASP A 352 29.68 13.63 -2.03
CA ASP A 352 30.72 12.75 -2.55
C ASP A 352 31.85 12.57 -1.54
N SER A 353 32.12 13.58 -0.73
CA SER A 353 33.18 13.52 0.28
C SER A 353 32.71 12.93 1.60
N PHE A 354 31.44 12.56 1.71
CA PHE A 354 30.95 11.92 2.92
C PHE A 354 31.57 10.54 3.08
N THR A 355 31.53 10.03 4.32
CA THR A 355 32.00 8.68 4.58
C THR A 355 31.09 7.67 3.89
N ALA A 356 31.57 6.43 3.82
CA ALA A 356 30.84 5.38 3.10
C ALA A 356 29.46 5.18 3.71
N LEU A 357 29.38 5.03 5.04
CA LEU A 357 28.08 4.92 5.69
C LEU A 357 27.38 6.26 5.77
N GLY A 358 28.14 7.36 5.89
CA GLY A 358 27.53 8.68 5.95
C GLY A 358 26.79 9.06 4.68
N GLY A 359 27.28 8.61 3.53
CA GLY A 359 26.62 8.87 2.27
C GLY A 359 25.66 7.80 1.81
N MET A 360 25.69 6.62 2.43
CA MET A 360 24.78 5.55 2.04
C MET A 360 23.35 5.86 2.46
N VAL A 361 23.16 6.39 3.67
CA VAL A 361 21.81 6.70 4.15
C VAL A 361 21.11 7.73 3.28
N PRO A 362 21.72 8.87 2.91
CA PRO A 362 21.04 9.78 1.98
C PRO A 362 20.72 9.13 0.64
N MET A 363 21.61 8.27 0.14
CA MET A 363 21.32 7.57 -1.12
C MET A 363 20.14 6.63 -0.96
N TRP A 364 20.07 5.91 0.16
CA TRP A 364 18.95 5.00 0.38
C TRP A 364 17.64 5.73 0.62
N LEU A 365 17.71 6.92 1.21
CA LEU A 365 16.50 7.71 1.43
C LEU A 365 15.84 8.09 0.11
N MET A 366 16.64 8.45 -0.90
CA MET A 366 16.11 8.70 -2.22
C MET A 366 15.53 7.42 -2.83
N GLN A 367 16.24 6.30 -2.67
CA GLN A 367 15.89 5.08 -3.40
C GLN A 367 14.55 4.51 -2.95
N ILE A 368 14.12 4.76 -1.71
CA ILE A 368 12.88 4.19 -1.21
C ILE A 368 11.65 4.91 -1.74
N GLY A 369 11.81 5.89 -2.64
CA GLY A 369 10.69 6.58 -3.23
C GLY A 369 10.42 7.96 -2.69
N GLU A 370 11.28 8.49 -1.82
CA GLU A 370 11.12 9.83 -1.24
C GLU A 370 9.80 9.94 -0.48
N VAL A 371 9.68 9.12 0.56
CA VAL A 371 8.47 9.11 1.39
C VAL A 371 8.72 9.61 2.80
N VAL A 372 9.96 9.88 3.18
CA VAL A 372 10.26 10.45 4.50
C VAL A 372 10.11 11.96 4.36
N PHE A 373 8.86 12.42 4.48
CA PHE A 373 8.41 13.79 4.28
C PHE A 373 8.41 14.18 2.81
N GLY A 374 9.07 13.39 1.96
CA GLY A 374 9.07 13.57 0.52
C GLY A 374 9.24 14.99 0.01
N GLY A 375 8.77 15.24 -1.21
CA GLY A 375 8.71 16.59 -1.75
C GLY A 375 7.38 17.24 -1.46
N VAL A 376 7.16 18.39 -2.10
CA VAL A 376 5.90 19.11 -1.94
C VAL A 376 4.81 18.32 -2.65
N GLY A 377 3.92 17.72 -1.87
CA GLY A 377 2.85 16.91 -2.43
C GLY A 377 3.29 15.51 -2.85
N SER A 378 4.46 15.42 -3.49
CA SER A 378 4.93 14.14 -3.99
C SER A 378 5.20 13.16 -2.85
N GLY A 379 5.67 13.66 -1.70
CA GLY A 379 5.90 12.79 -0.57
C GLY A 379 4.62 12.22 0.01
N LEU A 380 3.55 13.00 0.02
CA LEU A 380 2.29 12.55 0.62
C LEU A 380 1.66 11.43 -0.21
N TYR A 381 1.55 11.62 -1.52
CA TYR A 381 0.98 10.55 -2.34
C TYR A 381 1.97 9.43 -2.59
N GLY A 382 3.28 9.70 -2.45
CA GLY A 382 4.24 8.61 -2.44
C GLY A 382 4.09 7.72 -1.22
N MET A 383 3.85 8.34 -0.06
CA MET A 383 3.56 7.55 1.15
C MET A 383 2.19 6.91 1.08
N MET A 384 1.23 7.54 0.40
CA MET A 384 -0.08 6.95 0.24
C MET A 384 -0.01 5.61 -0.50
N LEU A 385 0.94 5.47 -1.42
CA LEU A 385 1.12 4.19 -2.11
C LEU A 385 1.51 3.10 -1.13
N PHE A 386 2.41 3.40 -0.19
CA PHE A 386 2.80 2.42 0.81
C PHE A 386 1.69 2.21 1.85
N VAL A 387 0.90 3.24 2.12
CA VAL A 387 -0.24 3.09 3.02
C VAL A 387 -1.24 2.10 2.43
N LEU A 388 -1.47 2.19 1.13
CA LEU A 388 -2.40 1.26 0.48
C LEU A 388 -1.89 -0.17 0.54
N LEU A 389 -0.58 -0.36 0.37
CA LEU A 389 0.00 -1.70 0.57
C LEU A 389 -0.15 -2.14 2.02
N ALA A 390 0.05 -1.22 2.97
CA ALA A 390 -0.03 -1.59 4.38
C ALA A 390 -1.43 -2.05 4.76
N VAL A 391 -2.46 -1.32 4.30
CA VAL A 391 -3.82 -1.73 4.64
C VAL A 391 -4.22 -3.00 3.91
N PHE A 392 -3.68 -3.21 2.70
CA PHE A 392 -3.98 -4.44 1.98
C PHE A 392 -3.41 -5.66 2.70
N ILE A 393 -2.17 -5.56 3.18
CA ILE A 393 -1.58 -6.67 3.92
C ILE A 393 -2.23 -6.83 5.28
N ALA A 394 -2.48 -5.72 5.97
CA ALA A 394 -3.12 -5.78 7.29
C ALA A 394 -4.53 -6.35 7.19
N GLY A 395 -5.29 -5.94 6.17
CA GLY A 395 -6.63 -6.46 6.00
C GLY A 395 -6.64 -7.96 5.76
N LEU A 396 -5.71 -8.44 4.94
CA LEU A 396 -5.62 -9.88 4.68
C LEU A 396 -5.27 -10.64 5.96
N MET A 397 -4.34 -10.12 6.76
CA MET A 397 -3.89 -10.80 7.96
C MET A 397 -4.95 -10.82 9.06
N ILE A 398 -6.00 -10.01 8.94
CA ILE A 398 -7.10 -10.01 9.90
C ILE A 398 -8.38 -10.59 9.29
N GLY A 399 -8.30 -11.12 8.07
CA GLY A 399 -9.46 -11.70 7.42
C GLY A 399 -10.54 -10.69 7.08
N ARG A 400 -10.17 -9.51 6.60
CA ARG A 400 -11.13 -8.47 6.24
C ARG A 400 -10.74 -7.84 4.92
N THR A 401 -11.72 -7.24 4.27
CA THR A 401 -11.47 -6.52 3.03
C THR A 401 -10.57 -5.32 3.32
N PRO A 402 -9.53 -5.08 2.53
CA PRO A 402 -8.66 -3.92 2.77
C PRO A 402 -9.44 -2.61 2.72
N GLU A 403 -9.08 -1.70 3.62
CA GLU A 403 -9.84 -0.46 3.78
C GLU A 403 -8.91 0.63 4.30
N TYR A 404 -9.15 1.85 3.84
CA TYR A 404 -8.44 3.02 4.35
C TYR A 404 -9.40 4.20 4.35
N LEU A 405 -9.61 4.79 5.51
CA LEU A 405 -10.53 5.92 5.69
C LEU A 405 -11.95 5.56 5.25
N GLY A 406 -12.36 4.32 5.46
CA GLY A 406 -13.69 3.87 5.13
C GLY A 406 -13.92 3.51 3.67
N LYS A 407 -12.90 3.62 2.82
CA LYS A 407 -13.04 3.34 1.40
C LYS A 407 -12.43 1.98 1.07
N LYS A 408 -13.18 1.16 0.36
CA LYS A 408 -12.70 -0.16 -0.03
C LYS A 408 -11.56 -0.05 -1.03
N ILE A 409 -10.57 -0.93 -0.88
CA ILE A 409 -9.45 -1.00 -1.81
C ILE A 409 -9.67 -2.21 -2.70
N ASP A 410 -9.78 -1.96 -4.01
CA ASP A 410 -10.16 -2.97 -4.97
C ASP A 410 -8.97 -3.37 -5.84
N VAL A 411 -9.24 -4.21 -6.84
CA VAL A 411 -8.17 -4.70 -7.72
C VAL A 411 -7.57 -3.54 -8.52
N ARG A 412 -8.41 -2.63 -9.00
CA ARG A 412 -7.93 -1.53 -9.83
C ARG A 412 -6.93 -0.66 -9.07
N GLU A 413 -7.22 -0.37 -7.80
CA GLU A 413 -6.30 0.43 -6.99
C GLU A 413 -4.97 -0.29 -6.82
N MET A 414 -5.00 -1.59 -6.56
CA MET A 414 -3.76 -2.36 -6.43
C MET A 414 -2.99 -2.39 -7.75
N LYS A 415 -3.70 -2.48 -8.87
CA LYS A 415 -3.02 -2.47 -10.17
C LYS A 415 -2.30 -1.15 -10.39
N LEU A 416 -2.94 -0.03 -10.07
CA LEU A 416 -2.31 1.26 -10.26
C LEU A 416 -1.23 1.52 -9.21
N THR A 417 -1.47 1.11 -7.97
CA THR A 417 -0.49 1.32 -6.91
C THR A 417 0.79 0.53 -7.18
N ALA A 418 0.65 -0.72 -7.64
CA ALA A 418 1.83 -1.51 -7.99
C ALA A 418 2.60 -0.87 -9.13
N LEU A 419 1.90 -0.39 -10.15
CA LEU A 419 2.57 0.25 -11.27
C LEU A 419 3.27 1.53 -10.84
N ALA A 420 2.62 2.34 -10.00
CA ALA A 420 3.23 3.58 -9.54
C ALA A 420 4.47 3.33 -8.70
N ILE A 421 4.40 2.32 -7.82
CA ILE A 421 5.54 2.01 -6.96
C ILE A 421 6.71 1.48 -7.79
N LEU A 422 6.42 0.71 -8.83
CA LEU A 422 7.46 0.08 -9.64
C LEU A 422 8.16 1.05 -10.60
N VAL A 423 7.64 2.26 -10.78
CA VAL A 423 8.18 3.15 -11.81
C VAL A 423 9.60 3.60 -11.43
N THR A 424 9.74 4.21 -10.25
CA THR A 424 11.03 4.80 -9.87
C THR A 424 12.15 3.76 -9.71
N PRO A 425 11.97 2.66 -8.97
CA PRO A 425 13.07 1.69 -8.87
C PRO A 425 13.48 1.09 -10.21
N THR A 426 12.53 0.94 -11.14
CA THR A 426 12.88 0.42 -12.46
C THR A 426 13.84 1.36 -13.18
N LEU A 427 13.58 2.67 -13.11
CA LEU A 427 14.47 3.63 -13.76
C LEU A 427 15.84 3.66 -13.09
N VAL A 428 15.89 3.55 -11.76
CA VAL A 428 17.16 3.62 -11.05
C VAL A 428 18.05 2.44 -11.43
N LEU A 429 17.49 1.22 -11.42
CA LEU A 429 18.29 0.04 -11.72
C LEU A 429 18.65 -0.03 -13.19
N MET A 430 17.67 0.22 -14.08
CA MET A 430 17.95 0.19 -15.51
C MET A 430 18.86 1.33 -15.93
N GLY A 431 18.63 2.53 -15.38
CA GLY A 431 19.46 3.67 -15.73
C GLY A 431 20.89 3.52 -15.27
N ALA A 432 21.09 3.07 -14.02
CA ALA A 432 22.44 2.84 -13.52
C ALA A 432 23.14 1.72 -14.29
N ALA A 433 22.41 0.66 -14.63
CA ALA A 433 22.99 -0.42 -15.40
C ALA A 433 23.46 0.05 -16.77
N LEU A 434 22.65 0.87 -17.45
CA LEU A 434 23.03 1.35 -18.77
C LEU A 434 24.30 2.19 -18.72
N ALA A 435 24.45 3.01 -17.66
CA ALA A 435 25.66 3.81 -17.51
C ALA A 435 26.89 2.91 -17.31
N MET A 436 26.73 1.83 -16.54
CA MET A 436 27.86 0.95 -16.26
C MET A 436 28.30 0.14 -17.47
N MET A 437 27.43 -0.05 -18.46
CA MET A 437 27.79 -0.81 -19.65
C MET A 437 28.27 0.07 -20.80
N THR A 438 28.37 1.38 -20.60
CA THR A 438 28.83 2.30 -21.62
C THR A 438 30.08 3.03 -21.14
N ASP A 439 30.99 3.31 -22.08
CA ASP A 439 32.20 4.04 -21.73
C ASP A 439 31.89 5.46 -21.29
N ALA A 440 30.91 6.11 -21.94
CA ALA A 440 30.56 7.48 -21.57
C ALA A 440 30.07 7.57 -20.13
N GLY A 441 29.24 6.61 -19.71
CA GLY A 441 28.77 6.61 -18.33
C GLY A 441 29.89 6.33 -17.34
N ARG A 442 30.75 5.36 -17.65
CA ARG A 442 31.81 4.98 -16.71
C ARG A 442 32.89 6.05 -16.61
N SER A 443 33.21 6.70 -17.73
CA SER A 443 34.29 7.69 -17.73
C SER A 443 33.94 8.94 -16.93
N ALA A 444 32.66 9.16 -16.62
CA ALA A 444 32.26 10.33 -15.85
C ALA A 444 32.65 10.24 -14.38
N MET A 445 33.08 9.07 -13.91
CA MET A 445 33.44 8.91 -12.52
C MET A 445 34.70 9.71 -12.18
N LEU A 446 34.75 10.20 -10.94
CA LEU A 446 35.93 10.88 -10.43
C LEU A 446 36.75 10.03 -9.47
N ASN A 447 36.09 9.34 -8.54
CA ASN A 447 36.75 8.50 -7.57
C ASN A 447 36.81 7.06 -8.04
N PRO A 448 37.85 6.31 -7.66
CA PRO A 448 37.94 4.91 -8.08
C PRO A 448 37.29 3.95 -7.09
N GLY A 449 37.29 2.66 -7.41
CA GLY A 449 36.80 1.65 -6.53
C GLY A 449 35.28 1.65 -6.39
N PRO A 450 34.78 1.02 -5.32
CA PRO A 450 33.32 0.98 -5.12
C PRO A 450 32.67 2.34 -5.02
N HIS A 451 33.39 3.35 -4.52
CA HIS A 451 32.83 4.70 -4.45
C HIS A 451 32.56 5.27 -5.84
N GLY A 452 33.34 4.84 -6.84
CA GLY A 452 33.07 5.28 -8.20
C GLY A 452 31.71 4.83 -8.69
N PHE A 453 31.35 3.58 -8.40
CA PHE A 453 30.01 3.10 -8.72
C PHE A 453 28.94 3.85 -7.93
N SER A 454 29.26 4.26 -6.70
CA SER A 454 28.30 5.03 -5.91
C SER A 454 27.96 6.35 -6.57
N GLU A 455 28.92 6.97 -7.27
CA GLU A 455 28.64 8.21 -7.98
C GLU A 455 27.59 8.00 -9.06
N VAL A 456 27.71 6.92 -9.83
CA VAL A 456 26.73 6.62 -10.87
C VAL A 456 25.38 6.27 -10.27
N LEU A 457 25.38 5.43 -9.23
CA LEU A 457 24.13 5.02 -8.60
C LEU A 457 23.41 6.21 -7.98
N TYR A 458 24.16 7.11 -7.33
CA TYR A 458 23.56 8.29 -6.72
C TYR A 458 22.91 9.19 -7.77
N ALA A 459 23.59 9.38 -8.91
CA ALA A 459 23.08 10.27 -9.94
C ALA A 459 21.75 9.77 -10.50
N VAL A 460 21.67 8.48 -10.81
CA VAL A 460 20.44 7.93 -11.39
C VAL A 460 19.32 7.90 -10.34
N SER A 461 19.66 7.55 -9.09
CA SER A 461 18.65 7.54 -8.04
C SER A 461 18.09 8.93 -7.79
N SER A 462 18.96 9.94 -7.78
CA SER A 462 18.51 11.30 -7.56
C SER A 462 17.60 11.80 -8.69
N ALA A 463 17.99 11.51 -9.94
CA ALA A 463 17.22 11.99 -11.08
C ALA A 463 15.87 11.30 -11.18
N ALA A 464 15.84 9.97 -11.01
CA ALA A 464 14.59 9.24 -11.12
C ALA A 464 13.61 9.61 -10.02
N ASN A 465 14.11 9.91 -8.83
CA ASN A 465 13.27 10.30 -7.69
C ASN A 465 13.03 11.79 -7.63
N ASN A 466 13.52 12.56 -8.61
CA ASN A 466 13.33 14.01 -8.67
C ASN A 466 13.89 14.70 -7.42
N ASN A 467 15.04 14.23 -6.96
CA ASN A 467 15.70 14.84 -5.80
C ASN A 467 16.60 16.00 -6.23
N GLY A 468 17.57 15.74 -7.10
CA GLY A 468 18.43 16.78 -7.64
C GLY A 468 19.79 16.86 -7.01
N SER A 469 19.98 16.31 -5.82
CA SER A 469 21.31 16.28 -5.22
C SER A 469 22.21 15.33 -5.99
N ALA A 470 23.52 15.51 -5.85
CA ALA A 470 24.45 14.75 -6.65
C ALA A 470 25.72 14.46 -5.87
N PHE A 471 26.38 13.35 -6.23
CA PHE A 471 27.79 13.17 -5.96
C PHE A 471 28.53 13.98 -7.01
N ALA A 472 28.92 15.20 -6.65
CA ALA A 472 29.30 16.21 -7.63
C ALA A 472 30.59 15.86 -8.37
N GLY A 473 31.33 14.84 -7.93
CA GLY A 473 32.51 14.42 -8.66
C GLY A 473 32.19 13.91 -10.06
N LEU A 474 30.99 13.37 -10.25
CA LEU A 474 30.59 12.88 -11.56
C LEU A 474 30.45 14.03 -12.54
N SER A 475 30.98 13.83 -13.76
CA SER A 475 30.89 14.82 -14.83
C SER A 475 29.71 14.44 -15.72
N ALA A 476 28.56 15.04 -15.44
CA ALA A 476 27.32 14.71 -16.14
C ALA A 476 27.02 15.64 -17.30
N ASN A 477 27.92 16.58 -17.62
CA ASN A 477 27.71 17.52 -18.72
C ASN A 477 28.14 16.90 -20.05
N SER A 478 27.45 15.83 -20.42
CA SER A 478 27.68 15.13 -21.68
C SER A 478 26.33 14.80 -22.29
N PRO A 479 26.26 14.67 -23.62
CA PRO A 479 24.97 14.32 -24.25
C PRO A 479 24.39 13.02 -23.76
N PHE A 480 25.23 12.02 -23.45
CA PHE A 480 24.71 10.75 -22.92
C PHE A 480 24.09 10.95 -21.55
N TRP A 481 24.81 11.62 -20.64
CA TRP A 481 24.31 11.80 -19.28
C TRP A 481 23.14 12.78 -19.24
N ASN A 482 23.19 13.82 -20.08
CA ASN A 482 22.08 14.78 -20.12
C ASN A 482 20.80 14.11 -20.59
N CYS A 483 20.88 13.26 -21.61
CA CYS A 483 19.69 12.60 -22.14
C CYS A 483 19.20 11.50 -21.20
N LEU A 484 20.11 10.72 -20.64
CA LEU A 484 19.71 9.62 -19.77
C LEU A 484 19.02 10.13 -18.51
N LEU A 485 19.58 11.18 -17.89
CA LEU A 485 18.98 11.72 -16.69
C LEU A 485 17.68 12.47 -16.99
N ALA A 486 17.60 13.10 -18.16
CA ALA A 486 16.35 13.77 -18.55
C ALA A 486 15.22 12.76 -18.69
N PHE A 487 15.50 11.60 -19.28
CA PHE A 487 14.50 10.55 -19.39
C PHE A 487 14.08 10.06 -18.00
N CYS A 488 15.05 9.86 -17.11
CA CYS A 488 14.73 9.40 -15.76
C CYS A 488 13.91 10.45 -14.99
N MET A 489 14.27 11.72 -15.13
CA MET A 489 13.52 12.77 -14.43
C MET A 489 12.10 12.89 -14.97
N PHE A 490 11.94 12.83 -16.29
CA PHE A 490 10.62 12.99 -16.89
C PHE A 490 9.72 11.81 -16.56
N VAL A 491 10.21 10.59 -16.74
CA VAL A 491 9.40 9.41 -16.46
C VAL A 491 9.18 9.25 -14.97
N GLY A 492 10.21 9.52 -14.17
CA GLY A 492 10.09 9.39 -12.72
C GLY A 492 9.11 10.34 -12.09
N ARG A 493 8.82 11.46 -12.75
CA ARG A 493 7.88 12.46 -12.22
C ARG A 493 6.46 12.21 -12.73
N PHE A 494 6.27 12.22 -14.04
CA PHE A 494 4.94 12.09 -14.62
C PHE A 494 4.49 10.64 -14.72
N GLY A 495 5.39 9.68 -14.59
CA GLY A 495 5.00 8.28 -14.56
C GLY A 495 4.40 7.82 -13.25
N VAL A 496 4.46 8.67 -12.23
CA VAL A 496 3.84 8.38 -10.93
C VAL A 496 2.59 9.23 -10.80
N ILE A 497 2.61 10.42 -11.39
CA ILE A 497 1.46 11.33 -11.31
C ILE A 497 0.25 10.73 -12.00
N ILE A 498 0.45 10.13 -13.18
CA ILE A 498 -0.69 9.58 -13.93
C ILE A 498 -1.38 8.45 -13.16
N PRO A 499 -0.69 7.42 -12.66
CA PRO A 499 -1.40 6.40 -11.87
C PRO A 499 -2.01 6.93 -10.59
N VAL A 500 -1.37 7.90 -9.93
CA VAL A 500 -1.94 8.48 -8.72
C VAL A 500 -3.24 9.20 -9.03
N MET A 501 -3.27 9.96 -10.12
CA MET A 501 -4.52 10.61 -10.53
C MET A 501 -5.60 9.59 -10.85
N ALA A 502 -5.23 8.48 -11.48
CA ALA A 502 -6.18 7.40 -11.73
C ALA A 502 -6.66 6.77 -10.43
N ILE A 503 -5.78 6.69 -9.42
CA ILE A 503 -6.20 6.20 -8.11
C ILE A 503 -7.24 7.13 -7.49
N ALA A 504 -7.02 8.45 -7.60
CA ALA A 504 -7.98 9.41 -7.08
C ALA A 504 -9.31 9.31 -7.81
N GLY A 505 -9.28 9.09 -9.13
CA GLY A 505 -10.51 8.97 -9.88
C GLY A 505 -11.32 7.75 -9.49
N SER A 506 -10.64 6.63 -9.19
CA SER A 506 -11.36 5.43 -8.79
C SER A 506 -11.87 5.53 -7.35
N LEU A 507 -11.11 6.18 -6.48
CA LEU A 507 -11.50 6.28 -5.07
C LEU A 507 -12.61 7.30 -4.84
N VAL A 508 -12.65 8.37 -5.64
CA VAL A 508 -13.64 9.43 -5.40
C VAL A 508 -15.06 8.93 -5.67
N SER A 509 -15.22 8.02 -6.63
CA SER A 509 -16.55 7.50 -6.95
C SER A 509 -17.10 6.58 -5.87
N LYS A 510 -16.26 6.11 -4.95
CA LYS A 510 -16.71 5.20 -3.90
C LYS A 510 -17.30 5.97 -2.73
N LYS A 511 -18.04 5.24 -1.90
CA LYS A 511 -18.66 5.80 -0.70
C LYS A 511 -17.97 5.22 0.53
N SER A 512 -17.57 6.11 1.45
CA SER A 512 -16.90 5.67 2.66
C SER A 512 -17.86 4.91 3.57
N GLN A 513 -17.38 3.83 4.16
CA GLN A 513 -18.15 3.01 5.09
C GLN A 513 -17.80 3.37 6.51
N ALA A 514 -18.82 3.51 7.36
CA ALA A 514 -18.60 3.86 8.76
C ALA A 514 -17.85 2.74 9.47
N ALA A 515 -16.99 3.14 10.41
CA ALA A 515 -16.17 2.17 11.13
C ALA A 515 -17.05 1.34 12.06
N SER A 516 -16.87 0.03 12.00
CA SER A 516 -17.61 -0.91 12.84
C SER A 516 -16.71 -1.38 13.98
N SER A 517 -17.21 -2.35 14.76
CA SER A 517 -16.42 -2.89 15.86
C SER A 517 -15.18 -3.61 15.36
N GLY A 518 -15.29 -4.35 14.26
CA GLY A 518 -14.17 -5.08 13.71
C GLY A 518 -13.25 -4.31 12.80
N THR A 519 -13.51 -3.02 12.59
CA THR A 519 -12.67 -2.22 11.71
C THR A 519 -11.29 -2.02 12.33
N LEU A 520 -10.25 -2.25 11.53
CA LEU A 520 -8.89 -2.08 12.01
C LEU A 520 -8.52 -0.60 12.02
N PRO A 521 -8.13 -0.03 13.16
CA PRO A 521 -7.71 1.37 13.16
C PRO A 521 -6.42 1.57 12.38
N THR A 522 -6.32 2.71 11.70
CA THR A 522 -5.15 3.07 10.92
C THR A 522 -4.23 4.04 11.65
N HIS A 523 -4.43 4.22 12.95
CA HIS A 523 -3.60 5.09 13.77
C HIS A 523 -3.12 4.33 14.99
N GLY A 524 -2.00 4.77 15.54
CA GLY A 524 -1.43 4.14 16.71
C GLY A 524 -0.08 3.52 16.43
N PRO A 525 0.62 3.12 17.51
CA PRO A 525 1.97 2.54 17.32
C PRO A 525 1.99 1.29 16.46
N LEU A 526 0.96 0.45 16.55
CA LEU A 526 0.96 -0.80 15.77
C LEU A 526 0.93 -0.52 14.28
N PHE A 527 0.06 0.39 13.83
CA PHE A 527 0.00 0.71 12.41
C PHE A 527 1.20 1.52 11.96
N VAL A 528 1.74 2.36 12.84
CA VAL A 528 2.95 3.12 12.50
C VAL A 528 4.12 2.15 12.26
N GLY A 529 4.27 1.15 13.13
CA GLY A 529 5.31 0.16 12.92
C GLY A 529 5.10 -0.65 11.66
N LEU A 530 3.85 -1.02 11.37
CA LEU A 530 3.55 -1.76 10.15
C LEU A 530 3.85 -0.92 8.91
N LEU A 531 3.46 0.36 8.94
CA LEU A 531 3.77 1.24 7.81
C LEU A 531 5.28 1.44 7.67
N ILE A 532 5.98 1.61 8.78
CA ILE A 532 7.44 1.74 8.74
C ILE A 532 8.07 0.46 8.21
N GLY A 533 7.59 -0.69 8.70
CA GLY A 533 8.12 -1.96 8.21
C GLY A 533 7.87 -2.18 6.74
N THR A 534 6.67 -1.81 6.27
CA THR A 534 6.37 -1.95 4.85
C THR A 534 7.28 -1.09 3.98
N VAL A 535 7.53 0.15 4.41
CA VAL A 535 8.39 1.04 3.64
C VAL A 535 9.84 0.55 3.66
N LEU A 536 10.34 0.19 4.85
CA LEU A 536 11.74 -0.18 4.97
C LEU A 536 12.03 -1.50 4.28
N LEU A 537 11.18 -2.51 4.50
CA LEU A 537 11.45 -3.83 3.94
C LEU A 537 11.42 -3.81 2.41
N VAL A 538 10.43 -3.12 1.83
CA VAL A 538 10.35 -3.04 0.38
C VAL A 538 11.55 -2.26 -0.16
N GLY A 539 11.87 -1.13 0.46
CA GLY A 539 12.98 -0.32 -0.02
C GLY A 539 14.32 -1.00 0.13
N ALA A 540 14.55 -1.65 1.27
CA ALA A 540 15.83 -2.31 1.50
C ALA A 540 16.03 -3.49 0.54
N LEU A 541 15.05 -4.39 0.46
CA LEU A 541 15.22 -5.60 -0.32
C LEU A 541 15.48 -5.31 -1.80
N THR A 542 15.00 -4.17 -2.29
CA THR A 542 15.22 -3.82 -3.69
C THR A 542 16.65 -3.38 -3.95
N PHE A 543 17.25 -2.65 -3.01
CA PHE A 543 18.51 -1.96 -3.26
C PHE A 543 19.68 -2.50 -2.44
N ILE A 544 19.49 -3.60 -1.70
CA ILE A 544 20.62 -4.23 -1.01
C ILE A 544 21.74 -4.65 -1.96
N PRO A 545 21.46 -5.38 -3.06
CA PRO A 545 22.58 -5.76 -3.95
C PRO A 545 23.33 -4.57 -4.53
N ALA A 546 22.63 -3.49 -4.89
CA ALA A 546 23.30 -2.33 -5.43
C ALA A 546 24.13 -1.61 -4.37
N LEU A 547 23.59 -1.48 -3.16
CA LEU A 547 24.34 -0.82 -2.09
C LEU A 547 25.50 -1.68 -1.62
N ALA A 548 25.39 -3.00 -1.72
CA ALA A 548 26.49 -3.87 -1.32
C ALA A 548 27.73 -3.64 -2.17
N LEU A 549 27.54 -3.40 -3.46
CA LEU A 549 28.66 -3.16 -4.37
C LEU A 549 29.14 -1.71 -4.35
N GLY A 550 28.48 -0.84 -3.59
CA GLY A 550 28.87 0.55 -3.51
C GLY A 550 29.39 0.95 -2.15
N PRO A 551 28.58 1.70 -1.40
CA PRO A 551 29.03 2.17 -0.08
C PRO A 551 29.36 1.06 0.90
N VAL A 552 28.65 -0.06 0.86
CA VAL A 552 28.94 -1.17 1.78
C VAL A 552 30.31 -1.74 1.49
N ALA A 553 30.65 -1.95 0.22
CA ALA A 553 31.99 -2.43 -0.13
C ALA A 553 33.05 -1.41 0.26
N GLU A 554 32.76 -0.12 0.06
CA GLU A 554 33.71 0.92 0.45
C GLU A 554 33.92 0.95 1.95
N TYR A 555 32.84 0.78 2.72
CA TYR A 555 32.95 0.81 4.17
C TYR A 555 33.76 -0.36 4.70
N LEU A 556 33.57 -1.54 4.14
CA LEU A 556 34.23 -2.74 4.63
C LEU A 556 35.66 -2.88 4.12
N SER A 557 36.09 -2.04 3.17
CA SER A 557 37.44 -2.09 2.65
C SER A 557 38.39 -1.23 3.48
N SER B 2 -19.87 -36.49 2.77
CA SER B 2 -19.89 -35.07 3.20
C SER B 2 -19.65 -35.00 4.71
N ARG B 3 -18.63 -34.26 5.15
CA ARG B 3 -18.33 -34.07 6.60
C ARG B 3 -17.50 -35.23 7.20
N LYS B 4 -17.16 -36.26 6.41
CA LYS B 4 -16.26 -37.32 6.94
C LYS B 4 -14.86 -37.04 6.36
N GLN B 5 -13.92 -36.56 7.19
CA GLN B 5 -12.59 -36.16 6.66
C GLN B 5 -11.76 -37.40 6.34
N LEU B 6 -10.88 -37.31 5.33
CA LEU B 6 -10.12 -38.49 4.95
C LEU B 6 -8.77 -38.56 5.67
N ALA B 7 -7.88 -37.61 5.37
CA ALA B 7 -6.53 -37.57 5.95
C ALA B 7 -5.86 -36.30 5.44
N LEU B 8 -4.60 -36.12 5.82
CA LEU B 8 -3.91 -34.94 5.23
C LEU B 8 -2.96 -35.50 4.17
N PHE B 9 -2.39 -36.65 4.46
CA PHE B 9 -1.50 -37.31 3.49
C PHE B 9 -1.89 -38.78 3.33
N GLU B 10 -3.02 -39.06 2.68
CA GLU B 10 -3.41 -40.46 2.38
C GLU B 10 -2.35 -41.04 1.43
N PRO B 11 -1.78 -42.24 1.63
CA PRO B 11 -0.79 -42.79 0.68
C PRO B 11 -1.33 -42.97 -0.73
N THR B 12 -2.63 -43.21 -0.88
CA THR B 12 -3.19 -43.39 -2.22
C THR B 12 -3.17 -42.08 -3.00
N LEU B 13 -3.37 -40.94 -2.32
CA LEU B 13 -3.42 -39.66 -3.02
C LEU B 13 -2.09 -38.95 -3.06
N VAL B 14 -1.18 -39.21 -2.12
CA VAL B 14 0.15 -38.60 -2.17
C VAL B 14 0.92 -39.08 -3.39
N VAL B 15 0.85 -40.38 -3.67
CA VAL B 15 1.54 -40.91 -4.85
C VAL B 15 0.86 -40.40 -6.12
N GLN B 16 -0.45 -40.19 -6.08
CA GLN B 16 -1.14 -39.64 -7.24
C GLN B 16 -0.88 -38.15 -7.39
N ALA B 17 -0.51 -37.48 -6.30
CA ALA B 17 -0.19 -36.06 -6.37
C ALA B 17 1.20 -35.84 -6.96
N LEU B 18 2.13 -36.76 -6.69
CA LEU B 18 3.47 -36.65 -7.27
C LEU B 18 3.43 -36.91 -8.77
N LYS B 19 2.50 -37.75 -9.23
CA LYS B 19 2.36 -38.00 -10.66
C LYS B 19 1.77 -36.79 -11.36
N GLU B 20 0.79 -36.14 -10.73
CA GLU B 20 0.21 -34.92 -11.32
C GLU B 20 1.18 -33.75 -11.27
N ALA B 21 2.07 -33.73 -10.28
CA ALA B 21 3.05 -32.65 -10.19
C ALA B 21 4.06 -32.74 -11.33
N VAL B 22 4.42 -33.97 -11.74
CA VAL B 22 5.33 -34.14 -12.86
C VAL B 22 4.70 -33.65 -14.15
N LYS B 23 3.42 -33.98 -14.38
CA LYS B 23 2.74 -33.52 -15.58
C LYS B 23 2.40 -32.04 -15.54
N LYS B 24 2.55 -31.40 -14.38
CA LYS B 24 2.38 -29.95 -14.29
C LYS B 24 3.63 -29.18 -14.66
N LEU B 25 4.74 -29.88 -14.95
CA LEU B 25 5.96 -29.23 -15.39
C LEU B 25 5.87 -28.69 -16.81
N ASN B 26 4.80 -29.01 -17.53
CA ASN B 26 4.65 -28.53 -18.89
C ASN B 26 4.57 -27.00 -18.89
N PRO B 27 5.21 -26.33 -19.84
CA PRO B 27 5.16 -24.85 -19.88
C PRO B 27 3.76 -24.28 -20.00
N GLN B 28 2.84 -25.00 -20.66
CA GLN B 28 1.46 -24.50 -20.75
C GLN B 28 0.82 -24.39 -19.37
N ALA B 29 1.03 -25.39 -18.52
CA ALA B 29 0.50 -25.33 -17.16
C ALA B 29 1.16 -24.23 -16.35
N GLN B 30 2.48 -24.06 -16.48
CA GLN B 30 3.20 -23.07 -15.69
C GLN B 30 3.02 -21.65 -16.21
N TRP B 31 2.41 -21.47 -17.39
CA TRP B 31 2.27 -20.14 -17.96
C TRP B 31 1.29 -19.29 -17.15
N ARG B 32 0.32 -19.91 -16.49
CA ARG B 32 -0.71 -19.17 -15.77
C ARG B 32 -0.26 -18.72 -14.38
N ASN B 33 0.91 -19.14 -13.93
CA ASN B 33 1.47 -18.73 -12.63
C ASN B 33 2.77 -17.99 -12.90
N PRO B 34 2.74 -16.66 -13.00
CA PRO B 34 3.96 -15.92 -13.35
C PRO B 34 5.09 -16.07 -12.34
N VAL B 35 4.77 -16.23 -11.06
CA VAL B 35 5.82 -16.39 -10.05
C VAL B 35 6.55 -17.72 -10.25
N MET B 36 5.79 -18.81 -10.41
CA MET B 36 6.39 -20.12 -10.61
C MET B 36 6.94 -20.30 -12.02
N PHE B 37 6.46 -19.52 -12.99
CA PHE B 37 7.02 -19.59 -14.33
C PHE B 37 8.46 -19.07 -14.37
N ILE B 38 8.77 -18.06 -13.56
CA ILE B 38 10.14 -17.55 -13.48
C ILE B 38 11.08 -18.63 -12.96
N VAL B 39 10.64 -19.36 -11.93
CA VAL B 39 11.43 -20.48 -11.41
C VAL B 39 11.57 -21.56 -12.47
N TRP B 40 10.50 -21.83 -13.22
CA TRP B 40 10.57 -22.80 -14.29
C TRP B 40 11.56 -22.37 -15.37
N ILE B 41 11.54 -21.09 -15.73
CA ILE B 41 12.50 -20.58 -16.72
C ILE B 41 13.92 -20.64 -16.17
N GLY B 42 14.10 -20.26 -14.91
CA GLY B 42 15.43 -20.30 -14.31
C GLY B 42 15.98 -21.72 -14.21
N SER B 43 15.11 -22.69 -13.96
CA SER B 43 15.55 -24.07 -13.90
C SER B 43 16.04 -24.56 -15.26
N LEU B 44 15.35 -24.18 -16.33
CA LEU B 44 15.78 -24.55 -17.68
C LEU B 44 17.09 -23.85 -18.05
N LEU B 45 17.23 -22.58 -17.65
CA LEU B 45 18.45 -21.84 -17.96
C LEU B 45 19.67 -22.44 -17.27
N THR B 46 19.51 -22.82 -16.00
CA THR B 46 20.62 -23.43 -15.28
C THR B 46 20.91 -24.84 -15.79
N THR B 47 19.88 -25.57 -16.21
CA THR B 47 20.10 -26.89 -16.78
C THR B 47 20.89 -26.80 -18.08
N CYS B 48 20.53 -25.85 -18.95
CA CYS B 48 21.28 -25.66 -20.19
C CYS B 48 22.71 -25.20 -19.91
N ILE B 49 22.88 -24.32 -18.93
CA ILE B 49 24.21 -23.84 -18.57
C ILE B 49 25.07 -24.99 -18.06
N SER B 50 24.49 -25.84 -17.22
CA SER B 50 25.24 -26.99 -16.69
C SER B 50 25.61 -27.96 -17.82
N ILE B 51 24.74 -28.09 -18.82
CA ILE B 51 25.05 -28.96 -19.95
C ILE B 51 26.23 -28.39 -20.74
N ALA B 52 26.28 -27.08 -20.89
CA ALA B 52 27.38 -26.46 -21.63
C ALA B 52 28.70 -26.61 -20.89
N MET B 53 28.67 -26.52 -19.56
CA MET B 53 29.90 -26.71 -18.78
C MET B 53 30.36 -28.16 -18.83
N ALA B 54 29.41 -29.11 -18.79
CA ALA B 54 29.77 -30.52 -18.86
C ALA B 54 30.42 -30.86 -20.20
N SER B 55 29.88 -30.32 -21.29
CA SER B 55 30.44 -30.55 -22.62
C SER B 55 31.71 -29.76 -22.87
N GLY B 56 32.08 -28.84 -21.98
CA GLY B 56 33.27 -28.03 -22.16
C GLY B 56 33.09 -26.80 -23.02
N ALA B 57 31.87 -26.52 -23.48
CA ALA B 57 31.66 -25.34 -24.31
C ALA B 57 31.76 -24.05 -23.51
N MET B 58 31.51 -24.12 -22.20
CA MET B 58 31.56 -22.94 -21.34
C MET B 58 32.34 -23.28 -20.07
N PRO B 59 33.32 -22.48 -19.68
CA PRO B 59 34.05 -22.75 -18.44
C PRO B 59 33.15 -22.60 -17.22
N GLY B 60 33.49 -23.36 -16.19
CA GLY B 60 32.80 -23.31 -14.92
C GLY B 60 32.69 -24.68 -14.28
N ASN B 61 31.97 -24.72 -13.16
CA ASN B 61 31.75 -25.96 -12.42
C ASN B 61 30.39 -26.53 -12.82
N ALA B 62 30.41 -27.61 -13.59
CA ALA B 62 29.16 -28.22 -14.05
C ALA B 62 28.38 -28.82 -12.88
N LEU B 63 29.07 -29.41 -11.91
CA LEU B 63 28.39 -30.04 -10.78
C LEU B 63 27.62 -29.02 -9.95
N PHE B 64 28.23 -27.85 -9.71
CA PHE B 64 27.54 -26.81 -8.94
C PHE B 64 26.30 -26.31 -9.66
N SER B 65 26.39 -26.11 -10.99
CA SER B 65 25.23 -25.68 -11.75
C SER B 65 24.16 -26.76 -11.79
N ALA B 66 24.58 -28.02 -11.85
CA ALA B 66 23.60 -29.11 -11.86
C ALA B 66 22.96 -29.29 -10.49
N ALA B 67 23.65 -28.87 -9.43
CA ALA B 67 23.07 -28.95 -8.09
C ALA B 67 22.05 -27.85 -7.87
N ILE B 68 22.34 -26.65 -8.39
CA ILE B 68 21.37 -25.56 -8.29
C ILE B 68 20.17 -25.82 -9.18
N SER B 69 20.42 -26.30 -10.41
CA SER B 69 19.32 -26.57 -11.34
C SER B 69 18.43 -27.68 -10.82
N GLY B 70 19.03 -28.72 -10.24
CA GLY B 70 18.22 -29.83 -9.72
C GLY B 70 17.27 -29.40 -8.62
N TRP B 71 17.75 -28.56 -7.70
CA TRP B 71 16.89 -28.09 -6.62
C TRP B 71 15.89 -27.05 -7.13
N LEU B 72 16.24 -26.32 -8.19
CA LEU B 72 15.27 -25.43 -8.82
C LEU B 72 14.10 -26.22 -9.42
N TRP B 73 14.39 -27.35 -10.06
CA TRP B 73 13.33 -28.22 -10.54
C TRP B 73 12.54 -28.83 -9.39
N ILE B 74 13.19 -29.03 -8.25
CA ILE B 74 12.48 -29.51 -7.07
C ILE B 74 11.50 -28.45 -6.56
N THR B 75 11.89 -27.18 -6.64
CA THR B 75 11.03 -26.10 -6.18
C THR B 75 9.74 -26.02 -6.99
N VAL B 76 9.84 -26.13 -8.31
CA VAL B 76 8.64 -26.10 -9.14
C VAL B 76 7.84 -27.39 -8.98
N LEU B 77 8.51 -28.51 -8.69
CA LEU B 77 7.80 -29.75 -8.44
C LEU B 77 7.08 -29.71 -7.10
N PHE B 78 7.68 -29.07 -6.10
CA PHE B 78 7.04 -28.97 -4.79
C PHE B 78 5.82 -28.06 -4.85
N ALA B 79 5.90 -26.97 -5.63
CA ALA B 79 4.75 -26.09 -5.77
C ALA B 79 3.59 -26.79 -6.49
N ASN B 80 3.92 -27.59 -7.51
CA ASN B 80 2.87 -28.30 -8.24
C ASN B 80 2.33 -29.47 -7.42
N PHE B 81 3.12 -29.97 -6.47
CA PHE B 81 2.66 -31.07 -5.62
C PHE B 81 1.62 -30.58 -4.62
N ALA B 82 1.82 -29.39 -4.06
CA ALA B 82 0.84 -28.82 -3.15
C ALA B 82 -0.47 -28.54 -3.86
N GLU B 83 -0.40 -28.00 -5.09
CA GLU B 83 -1.61 -27.75 -5.87
C GLU B 83 -2.32 -29.06 -6.21
N ALA B 84 -1.56 -30.09 -6.60
CA ALA B 84 -2.16 -31.38 -6.92
C ALA B 84 -2.76 -32.03 -5.68
N LEU B 85 -2.11 -31.88 -4.54
CA LEU B 85 -2.64 -32.45 -3.30
C LEU B 85 -3.97 -31.82 -2.92
N ALA B 86 -4.07 -30.49 -3.03
CA ALA B 86 -5.34 -29.82 -2.73
C ALA B 86 -6.41 -30.20 -3.75
N GLU B 87 -6.05 -30.22 -5.03
CA GLU B 87 -7.02 -30.63 -6.05
C GLU B 87 -7.39 -32.09 -5.91
N GLY B 88 -6.40 -32.96 -5.63
CA GLY B 88 -6.69 -34.37 -5.48
C GLY B 88 -7.62 -34.66 -4.31
N ARG B 89 -7.42 -33.96 -3.20
CA ARG B 89 -8.33 -34.10 -2.06
C ARG B 89 -9.70 -33.50 -2.38
N SER B 90 -9.73 -32.48 -3.25
CA SER B 90 -11.01 -31.89 -3.64
C SER B 90 -11.79 -32.82 -4.56
N LYS B 91 -11.11 -33.43 -5.54
CA LYS B 91 -11.80 -34.35 -6.43
C LYS B 91 -12.18 -35.64 -5.72
N ALA B 92 -11.49 -35.98 -4.63
CA ALA B 92 -11.88 -37.14 -3.84
C ALA B 92 -13.27 -36.95 -3.23
N GLN B 93 -13.54 -35.75 -2.71
CA GLN B 93 -14.88 -35.45 -2.20
C GLN B 93 -15.90 -35.42 -3.34
N ALA B 94 -15.52 -34.87 -4.49
CA ALA B 94 -16.42 -34.84 -5.64
C ALA B 94 -16.73 -36.26 -6.13
N ASN B 95 -15.72 -37.12 -6.16
CA ASN B 95 -15.95 -38.51 -6.56
C ASN B 95 -16.82 -39.23 -5.55
N SER B 96 -16.71 -38.84 -4.28
CA SER B 96 -17.55 -39.45 -3.23
C SER B 96 -19.01 -39.12 -3.48
N LEU B 97 -19.29 -37.94 -4.01
CA LEU B 97 -20.70 -37.52 -4.19
C LEU B 97 -21.23 -38.13 -5.48
N LYS B 98 -20.42 -38.18 -6.54
CA LYS B 98 -20.97 -38.83 -7.72
C LYS B 98 -21.35 -40.26 -7.43
N GLY B 99 -20.84 -40.82 -6.34
CA GLY B 99 -21.08 -42.21 -6.00
C GLY B 99 -22.47 -42.51 -5.51
N VAL B 100 -23.27 -41.47 -5.27
CA VAL B 100 -24.65 -41.65 -4.81
C VAL B 100 -25.42 -42.47 -5.81
N LYS B 101 -26.17 -43.46 -5.33
CA LYS B 101 -26.86 -44.37 -6.22
C LYS B 101 -28.15 -43.75 -6.74
N LYS B 102 -28.34 -43.82 -8.05
CA LYS B 102 -29.59 -43.44 -8.70
C LYS B 102 -30.41 -44.68 -8.95
N THR B 103 -31.65 -44.70 -8.42
CA THR B 103 -32.44 -45.91 -8.45
C THR B 103 -32.78 -46.34 -9.87
N ALA B 104 -33.01 -45.38 -10.76
CA ALA B 104 -33.41 -45.63 -12.14
C ALA B 104 -34.77 -46.34 -12.21
N PHE B 105 -35.42 -46.48 -11.05
CA PHE B 105 -36.74 -47.10 -10.95
C PHE B 105 -37.73 -46.00 -10.59
N ALA B 106 -38.23 -45.31 -11.61
CA ALA B 106 -39.16 -44.20 -11.43
C ALA B 106 -40.54 -44.64 -11.90
N ARG B 107 -41.51 -44.60 -10.98
CA ARG B 107 -42.89 -44.99 -11.31
C ARG B 107 -43.64 -43.72 -11.73
N LYS B 108 -43.48 -43.36 -13.00
CA LYS B 108 -44.16 -42.20 -13.53
C LYS B 108 -45.66 -42.42 -13.54
N LEU B 109 -46.42 -41.38 -13.17
CA LEU B 109 -47.86 -41.46 -13.08
C LEU B 109 -48.50 -40.73 -14.26
N ARG B 110 -49.50 -41.35 -14.86
CA ARG B 110 -50.21 -40.73 -15.98
C ARG B 110 -50.93 -39.46 -15.55
N GLU B 111 -51.52 -39.46 -14.36
CA GLU B 111 -52.19 -38.30 -13.82
C GLU B 111 -51.75 -38.05 -12.37
N PRO B 112 -51.78 -36.79 -11.93
CA PRO B 112 -51.17 -36.45 -10.62
C PRO B 112 -51.78 -37.16 -9.42
N LYS B 113 -53.07 -37.49 -9.46
CA LYS B 113 -53.72 -38.05 -8.28
C LYS B 113 -53.11 -39.40 -7.92
N TYR B 114 -52.90 -39.61 -6.62
CA TYR B 114 -52.36 -40.87 -6.14
C TYR B 114 -53.32 -42.01 -6.46
N GLY B 115 -52.75 -43.18 -6.77
CA GLY B 115 -53.53 -44.37 -7.06
C GLY B 115 -53.64 -44.72 -8.54
N ALA B 116 -52.99 -43.97 -9.43
CA ALA B 116 -53.05 -44.26 -10.84
C ALA B 116 -52.06 -45.35 -11.22
N ALA B 117 -52.18 -45.83 -12.45
CA ALA B 117 -51.26 -46.83 -12.97
C ALA B 117 -49.91 -46.18 -13.27
N ALA B 118 -48.84 -46.90 -12.93
CA ALA B 118 -47.48 -46.43 -13.08
C ALA B 118 -46.75 -47.27 -14.11
N ASP B 119 -46.03 -46.60 -15.01
CA ASP B 119 -45.26 -47.28 -16.05
C ASP B 119 -43.78 -47.19 -15.75
N LYS B 120 -43.08 -48.30 -15.95
CA LYS B 120 -41.64 -48.36 -15.68
C LYS B 120 -40.90 -47.42 -16.63
N VAL B 121 -40.24 -46.41 -16.07
CA VAL B 121 -39.44 -45.46 -16.84
C VAL B 121 -38.15 -45.20 -16.08
N PRO B 122 -36.99 -45.31 -16.73
CA PRO B 122 -35.73 -45.01 -16.04
C PRO B 122 -35.63 -43.54 -15.65
N ALA B 123 -34.83 -43.29 -14.60
CA ALA B 123 -34.78 -41.97 -14.00
C ALA B 123 -34.26 -40.91 -14.99
N ASP B 124 -33.30 -41.29 -15.83
CA ASP B 124 -32.67 -40.32 -16.72
C ASP B 124 -33.64 -39.70 -17.70
N GLN B 125 -34.73 -40.40 -18.05
CA GLN B 125 -35.72 -39.84 -18.96
C GLN B 125 -36.60 -38.79 -18.31
N LEU B 126 -36.61 -38.71 -16.98
CA LEU B 126 -37.46 -37.76 -16.28
C LEU B 126 -37.02 -36.34 -16.58
N ARG B 127 -37.99 -35.47 -16.87
CA ARG B 127 -37.70 -34.06 -17.13
C ARG B 127 -38.62 -33.17 -16.29
N LYS B 128 -38.59 -31.87 -16.55
CA LYS B 128 -39.41 -30.94 -15.79
C LYS B 128 -40.89 -31.20 -16.04
N GLY B 129 -41.68 -31.16 -14.96
CA GLY B 129 -43.11 -31.32 -15.05
C GLY B 129 -43.61 -32.76 -15.05
N ASP B 130 -42.72 -33.74 -14.87
CA ASP B 130 -43.11 -35.14 -14.87
C ASP B 130 -43.45 -35.57 -13.45
N ILE B 131 -44.65 -36.13 -13.27
CA ILE B 131 -45.08 -36.60 -11.97
C ILE B 131 -44.62 -38.04 -11.78
N VAL B 132 -43.91 -38.29 -10.67
CA VAL B 132 -43.39 -39.61 -10.36
C VAL B 132 -43.88 -40.02 -8.98
N LEU B 133 -44.44 -41.21 -8.89
CA LEU B 133 -44.91 -41.78 -7.63
C LEU B 133 -43.83 -42.67 -7.03
N VAL B 134 -43.66 -42.56 -5.71
CA VAL B 134 -42.65 -43.32 -5.00
C VAL B 134 -43.29 -43.96 -3.77
N GLU B 135 -42.72 -45.07 -3.33
CA GLU B 135 -43.20 -45.81 -2.17
C GLU B 135 -42.09 -45.90 -1.14
N ALA B 136 -42.47 -46.30 0.08
CA ALA B 136 -41.53 -46.37 1.18
C ALA B 136 -40.40 -47.35 0.87
N GLY B 137 -39.18 -46.98 1.26
CA GLY B 137 -38.01 -47.80 1.03
C GLY B 137 -37.30 -47.54 -0.28
N ASP B 138 -37.85 -46.72 -1.15
CA ASP B 138 -37.24 -46.45 -2.44
C ASP B 138 -36.35 -45.21 -2.37
N ILE B 139 -35.78 -44.84 -3.51
CA ILE B 139 -34.90 -43.68 -3.62
C ILE B 139 -35.58 -42.66 -4.52
N ILE B 140 -35.58 -41.38 -4.10
CA ILE B 140 -36.19 -40.34 -4.92
C ILE B 140 -35.44 -40.22 -6.23
N PRO B 141 -36.12 -40.29 -7.37
CA PRO B 141 -35.41 -40.26 -8.66
C PRO B 141 -34.79 -38.91 -8.98
N CYS B 142 -35.56 -37.83 -8.81
CA CYS B 142 -35.11 -36.52 -9.20
C CYS B 142 -35.62 -35.48 -8.22
N ASP B 143 -34.97 -34.32 -8.21
CA ASP B 143 -35.40 -33.21 -7.38
C ASP B 143 -36.74 -32.68 -7.87
N GLY B 144 -37.58 -32.27 -6.92
CA GLY B 144 -38.88 -31.73 -7.28
C GLY B 144 -39.63 -31.29 -6.04
N GLU B 145 -40.84 -30.82 -6.27
CA GLU B 145 -41.73 -30.37 -5.21
C GLU B 145 -42.82 -31.41 -4.99
N VAL B 146 -43.01 -31.82 -3.75
CA VAL B 146 -44.05 -32.79 -3.43
C VAL B 146 -45.41 -32.16 -3.70
N ILE B 147 -46.21 -32.84 -4.54
CA ILE B 147 -47.52 -32.32 -4.92
C ILE B 147 -48.66 -32.94 -4.13
N GLU B 148 -48.43 -34.08 -3.47
CA GLU B 148 -49.46 -34.74 -2.70
C GLU B 148 -48.82 -35.76 -1.77
N GLY B 149 -49.39 -35.91 -0.58
CA GLY B 149 -48.91 -36.89 0.37
C GLY B 149 -47.83 -36.34 1.27
N GLY B 150 -47.54 -37.11 2.33
CA GLY B 150 -46.50 -36.75 3.27
C GLY B 150 -45.87 -37.96 3.94
N ALA B 151 -44.55 -38.01 3.98
CA ALA B 151 -43.85 -39.17 4.53
C ALA B 151 -42.47 -38.73 4.98
N SER B 152 -41.85 -39.57 5.82
CA SER B 152 -40.50 -39.32 6.29
C SER B 152 -39.49 -39.62 5.19
N VAL B 153 -38.43 -38.83 5.14
CA VAL B 153 -37.39 -38.97 4.13
C VAL B 153 -36.03 -39.00 4.83
N ASP B 154 -35.20 -39.97 4.45
CA ASP B 154 -33.84 -40.09 4.95
C ASP B 154 -32.90 -39.44 3.96
N GLU B 155 -32.17 -38.43 4.42
CA GLU B 155 -31.25 -37.66 3.57
C GLU B 155 -29.80 -37.90 3.95
N SER B 156 -29.49 -39.07 4.50
CA SER B 156 -28.11 -39.38 4.88
C SER B 156 -27.18 -39.47 3.68
N ALA B 157 -27.73 -39.69 2.47
CA ALA B 157 -26.89 -39.75 1.28
C ALA B 157 -26.24 -38.42 1.00
N ILE B 158 -26.97 -37.32 1.20
CA ILE B 158 -26.47 -35.98 0.90
C ILE B 158 -25.98 -35.27 2.16
N THR B 159 -26.84 -35.15 3.18
CA THR B 159 -26.47 -34.40 4.36
C THR B 159 -25.47 -35.17 5.22
N GLY B 160 -25.42 -36.50 5.09
CA GLY B 160 -24.53 -37.30 5.90
C GLY B 160 -25.05 -37.68 7.27
N GLU B 161 -26.29 -37.31 7.60
CA GLU B 161 -26.91 -37.65 8.87
C GLU B 161 -28.17 -38.44 8.64
N SER B 162 -28.37 -39.47 9.46
CA SER B 162 -29.47 -40.41 9.28
C SER B 162 -30.77 -39.97 9.95
N ALA B 163 -30.79 -38.81 10.59
CA ALA B 163 -32.01 -38.35 11.23
C ALA B 163 -33.09 -38.08 10.19
N PRO B 164 -34.27 -38.69 10.31
CA PRO B 164 -35.31 -38.48 9.32
C PRO B 164 -35.86 -37.06 9.34
N VAL B 165 -36.35 -36.63 8.17
CA VAL B 165 -36.97 -35.33 8.02
C VAL B 165 -38.41 -35.54 7.53
N ILE B 166 -39.19 -34.47 7.59
CA ILE B 166 -40.59 -34.51 7.22
C ILE B 166 -40.77 -33.77 5.89
N ARG B 167 -41.35 -34.44 4.91
CA ARG B 167 -41.65 -33.85 3.62
C ARG B 167 -43.14 -33.98 3.34
N GLU B 168 -43.78 -32.87 3.01
CA GLU B 168 -45.22 -32.86 2.74
C GLU B 168 -45.53 -31.71 1.80
N SER B 169 -46.67 -31.82 1.13
CA SER B 169 -47.07 -30.86 0.11
C SER B 169 -47.77 -29.66 0.75
N GLY B 170 -47.75 -28.54 0.03
CA GLY B 170 -48.47 -27.35 0.41
C GLY B 170 -47.76 -26.41 1.36
N GLY B 171 -46.57 -26.77 1.84
CA GLY B 171 -45.85 -25.91 2.76
C GLY B 171 -44.41 -25.68 2.34
N ASP B 172 -43.55 -25.39 3.31
CA ASP B 172 -42.12 -25.22 3.05
C ASP B 172 -41.36 -26.53 3.02
N PHE B 173 -42.03 -27.66 3.27
CA PHE B 173 -41.42 -28.97 3.22
C PHE B 173 -41.71 -29.69 1.90
N ALA B 174 -42.22 -28.99 0.90
CA ALA B 174 -42.54 -29.63 -0.37
C ALA B 174 -41.29 -29.94 -1.18
N SER B 175 -40.23 -29.16 -1.00
CA SER B 175 -39.02 -29.38 -1.78
C SER B 175 -38.34 -30.67 -1.37
N VAL B 176 -37.97 -31.49 -2.36
CA VAL B 176 -37.26 -32.73 -2.14
C VAL B 176 -36.10 -32.81 -3.12
N THR B 177 -35.11 -33.62 -2.78
CA THR B 177 -33.90 -33.76 -3.58
C THR B 177 -33.67 -35.22 -3.93
N GLY B 178 -33.18 -35.46 -5.14
CA GLY B 178 -32.92 -36.82 -5.57
C GLY B 178 -31.75 -37.44 -4.83
N GLY B 179 -31.78 -38.78 -4.79
CA GLY B 179 -30.76 -39.54 -4.08
C GLY B 179 -31.10 -39.83 -2.64
N THR B 180 -32.15 -39.24 -2.10
CA THR B 180 -32.58 -39.51 -0.73
C THR B 180 -33.55 -40.69 -0.71
N ARG B 181 -33.70 -41.28 0.48
CA ARG B 181 -34.51 -42.47 0.67
C ARG B 181 -35.79 -42.11 1.42
N ILE B 182 -36.94 -42.34 0.77
CA ILE B 182 -38.21 -42.17 1.44
C ILE B 182 -38.40 -43.31 2.45
N LEU B 183 -39.01 -42.99 3.59
CA LEU B 183 -38.99 -43.89 4.73
C LEU B 183 -40.33 -44.54 5.05
N SER B 184 -41.43 -43.79 5.12
CA SER B 184 -42.60 -44.28 5.84
C SER B 184 -43.77 -44.68 4.97
N ASP B 185 -44.38 -43.76 4.21
CA ASP B 185 -45.61 -44.12 3.49
C ASP B 185 -45.49 -43.96 1.99
N TRP B 186 -45.36 -42.73 1.48
CA TRP B 186 -45.34 -42.47 0.04
C TRP B 186 -45.25 -40.96 -0.17
N LEU B 187 -44.83 -40.58 -1.38
CA LEU B 187 -44.88 -39.19 -1.83
C LEU B 187 -45.20 -39.17 -3.32
N VAL B 188 -45.73 -38.04 -3.76
CA VAL B 188 -46.00 -37.78 -5.17
C VAL B 188 -45.21 -36.54 -5.53
N ILE B 189 -44.09 -36.72 -6.23
CA ILE B 189 -43.14 -35.65 -6.52
C ILE B 189 -43.28 -35.24 -7.98
N GLU B 190 -43.36 -33.94 -8.22
CA GLU B 190 -43.32 -33.39 -9.57
C GLU B 190 -41.93 -32.84 -9.82
N CYS B 191 -41.22 -33.43 -10.78
CA CYS B 191 -39.85 -33.03 -11.07
C CYS B 191 -39.80 -31.57 -11.51
N SER B 192 -38.87 -30.82 -10.93
CA SER B 192 -38.77 -29.39 -11.19
C SER B 192 -37.53 -28.99 -11.98
N VAL B 193 -36.51 -29.84 -12.03
CA VAL B 193 -35.27 -29.54 -12.73
C VAL B 193 -34.96 -30.66 -13.70
N ASN B 194 -34.61 -30.30 -14.94
CA ASN B 194 -34.18 -31.27 -15.93
C ASN B 194 -32.80 -31.80 -15.57
N PRO B 195 -32.43 -32.98 -16.08
CA PRO B 195 -31.09 -33.50 -15.81
C PRO B 195 -30.01 -32.53 -16.26
N GLY B 196 -28.95 -32.44 -15.45
CA GLY B 196 -27.89 -31.48 -15.66
C GLY B 196 -27.96 -30.27 -14.73
N GLU B 197 -29.10 -30.05 -14.08
CA GLU B 197 -29.27 -28.96 -13.13
C GLU B 197 -29.69 -29.49 -11.76
N THR B 198 -29.39 -30.76 -11.47
CA THR B 198 -29.75 -31.35 -10.18
C THR B 198 -28.93 -30.71 -9.07
N PHE B 199 -29.49 -30.72 -7.86
CA PHE B 199 -28.78 -30.19 -6.70
C PHE B 199 -27.45 -30.89 -6.49
N LEU B 200 -27.39 -32.19 -6.83
CA LEU B 200 -26.13 -32.92 -6.73
C LEU B 200 -25.08 -32.33 -7.66
N ASP B 201 -25.49 -31.94 -8.87
CA ASP B 201 -24.57 -31.27 -9.79
C ASP B 201 -24.07 -29.96 -9.22
N ARG B 202 -24.89 -29.29 -8.42
CA ARG B 202 -24.46 -28.06 -7.75
C ARG B 202 -23.33 -28.35 -6.77
N MET B 203 -23.49 -29.47 -6.06
CA MET B 203 -22.49 -29.88 -5.06
C MET B 203 -21.21 -30.33 -5.77
N ILE B 204 -21.34 -31.06 -6.87
CA ILE B 204 -20.14 -31.49 -7.64
C ILE B 204 -19.47 -30.23 -8.15
N ALA B 205 -20.13 -29.46 -9.00
CA ALA B 205 -19.40 -28.30 -9.50
C ALA B 205 -18.78 -27.47 -8.39
N MET B 206 -19.15 -27.73 -7.13
CA MET B 206 -18.59 -26.95 -6.02
C MET B 206 -17.15 -27.32 -5.75
N VAL B 207 -16.79 -28.59 -5.92
CA VAL B 207 -15.47 -29.09 -5.57
C VAL B 207 -14.73 -29.68 -6.76
N GLU B 208 -15.38 -29.78 -7.93
CA GLU B 208 -14.69 -30.31 -9.10
C GLU B 208 -13.49 -29.43 -9.47
N GLY B 209 -13.70 -28.12 -9.52
CA GLY B 209 -12.60 -27.20 -9.73
C GLY B 209 -11.84 -27.38 -11.03
N ALA B 210 -12.55 -27.67 -12.11
CA ALA B 210 -11.89 -27.78 -13.41
C ALA B 210 -11.28 -26.45 -13.82
N GLN B 211 -12.11 -25.43 -14.02
CA GLN B 211 -11.66 -24.07 -14.32
C GLN B 211 -12.08 -23.20 -13.13
N ARG B 212 -11.20 -23.15 -12.12
CA ARG B 212 -11.49 -22.38 -10.92
C ARG B 212 -11.39 -20.88 -11.21
N ARG B 213 -12.37 -20.12 -10.72
CA ARG B 213 -12.39 -18.67 -10.91
C ARG B 213 -11.72 -18.00 -9.73
N LYS B 214 -10.69 -17.21 -10.01
CA LYS B 214 -9.96 -16.53 -8.95
C LYS B 214 -10.81 -15.41 -8.34
N THR B 215 -10.88 -15.38 -7.02
CA THR B 215 -11.58 -14.32 -6.33
C THR B 215 -10.83 -13.00 -6.46
N PRO B 216 -11.52 -11.87 -6.33
CA PRO B 216 -10.82 -10.57 -6.43
C PRO B 216 -9.69 -10.42 -5.43
N ASN B 217 -9.79 -11.03 -4.25
CA ASN B 217 -8.69 -10.98 -3.29
C ASN B 217 -7.45 -11.69 -3.83
N GLU B 218 -7.64 -12.85 -4.45
CA GLU B 218 -6.52 -13.55 -5.06
C GLU B 218 -5.91 -12.76 -6.21
N ILE B 219 -6.76 -12.14 -7.02
CA ILE B 219 -6.27 -11.33 -8.14
C ILE B 219 -5.49 -10.14 -7.62
N ALA B 220 -5.98 -9.49 -6.56
CA ALA B 220 -5.27 -8.35 -5.98
C ALA B 220 -3.96 -8.79 -5.35
N LEU B 221 -3.92 -9.98 -4.75
CA LEU B 221 -2.68 -10.49 -4.20
C LEU B 221 -1.69 -10.86 -5.30
N THR B 222 -2.20 -11.38 -6.41
CA THR B 222 -1.32 -11.74 -7.53
C THR B 222 -0.63 -10.52 -8.10
N ILE B 223 -1.32 -9.37 -8.12
CA ILE B 223 -0.72 -8.14 -8.63
C ILE B 223 0.49 -7.76 -7.78
N LEU B 224 0.36 -7.83 -6.46
CA LEU B 224 1.47 -7.53 -5.57
C LEU B 224 2.60 -8.53 -5.74
N LEU B 225 2.26 -9.82 -5.87
CA LEU B 225 3.29 -10.84 -6.07
C LEU B 225 4.04 -10.63 -7.38
N ILE B 226 3.33 -10.26 -8.44
CA ILE B 226 3.97 -9.95 -9.71
C ILE B 226 4.88 -8.74 -9.57
N ALA B 227 4.40 -7.71 -8.87
CA ALA B 227 5.19 -6.49 -8.71
C ALA B 227 6.49 -6.78 -7.95
N LEU B 228 6.42 -7.62 -6.91
CA LEU B 228 7.63 -8.00 -6.19
C LEU B 228 8.58 -8.78 -7.08
N THR B 229 8.03 -9.66 -7.92
CA THR B 229 8.88 -10.43 -8.84
C THR B 229 9.57 -9.52 -9.85
N ILE B 230 8.86 -8.49 -10.32
CA ILE B 230 9.43 -7.56 -11.29
C ILE B 230 10.61 -6.81 -10.66
N VAL B 231 10.42 -6.32 -9.43
CA VAL B 231 11.46 -5.52 -8.80
C VAL B 231 12.67 -6.38 -8.44
N PHE B 232 12.46 -7.65 -8.11
CA PHE B 232 13.59 -8.53 -7.81
C PHE B 232 14.29 -8.99 -9.08
N LEU B 233 13.56 -9.12 -10.18
CA LEU B 233 14.21 -9.44 -11.46
C LEU B 233 15.11 -8.31 -11.91
N LEU B 234 14.67 -7.07 -11.74
CA LEU B 234 15.52 -5.92 -12.10
C LEU B 234 16.73 -5.82 -11.17
N ALA B 235 16.54 -6.11 -9.88
CA ALA B 235 17.63 -5.97 -8.93
C ALA B 235 18.63 -7.11 -9.07
N THR B 236 18.26 -8.17 -9.80
CA THR B 236 19.18 -9.28 -10.00
C THR B 236 19.83 -9.21 -11.38
N ALA B 237 19.06 -8.84 -12.40
CA ALA B 237 19.62 -8.72 -13.74
C ALA B 237 20.67 -7.61 -13.81
N THR B 238 20.39 -6.47 -13.19
CA THR B 238 21.34 -5.36 -13.20
C THR B 238 22.55 -5.62 -12.32
N LEU B 239 22.55 -6.69 -11.52
CA LEU B 239 23.71 -7.03 -10.71
C LEU B 239 24.89 -7.45 -11.56
N TRP B 240 24.63 -8.10 -12.70
CA TRP B 240 25.73 -8.53 -13.58
C TRP B 240 26.57 -7.38 -14.10
N PRO B 241 26.00 -6.33 -14.72
CA PRO B 241 26.85 -5.18 -15.10
C PRO B 241 27.43 -4.44 -13.90
N PHE B 242 26.72 -4.47 -12.76
CA PHE B 242 27.24 -3.80 -11.57
C PHE B 242 28.52 -4.46 -11.07
N SER B 243 28.53 -5.79 -11.00
CA SER B 243 29.71 -6.53 -10.56
C SER B 243 30.81 -6.61 -11.62
N ALA B 244 30.45 -6.49 -12.90
CA ALA B 244 31.44 -6.63 -13.96
C ALA B 244 32.46 -5.50 -13.96
N TRP B 245 32.13 -4.35 -13.40
CA TRP B 245 33.07 -3.23 -13.36
C TRP B 245 34.06 -3.34 -12.22
N GLY B 246 33.65 -3.91 -11.08
CA GLY B 246 34.53 -4.09 -9.94
C GLY B 246 35.40 -5.31 -9.98
N GLY B 247 35.34 -6.09 -11.05
CA GLY B 247 36.11 -7.30 -11.18
C GLY B 247 35.40 -8.28 -12.11
N ASN B 248 35.59 -9.57 -11.84
CA ASN B 248 34.90 -10.60 -12.61
C ASN B 248 33.39 -10.53 -12.34
N ALA B 249 32.61 -10.69 -13.40
CA ALA B 249 31.16 -10.64 -13.26
C ALA B 249 30.64 -11.86 -12.51
N VAL B 250 29.56 -11.66 -11.75
CA VAL B 250 28.92 -12.75 -11.03
C VAL B 250 28.35 -13.75 -12.03
N SER B 251 28.50 -15.03 -11.73
CA SER B 251 28.05 -16.08 -12.64
C SER B 251 26.54 -16.06 -12.78
N VAL B 252 26.07 -16.50 -13.96
CA VAL B 252 24.63 -16.50 -14.24
C VAL B 252 23.91 -17.47 -13.32
N THR B 253 24.55 -18.60 -12.99
CA THR B 253 23.92 -19.58 -12.10
C THR B 253 23.63 -18.98 -10.73
N VAL B 254 24.57 -18.21 -10.19
CA VAL B 254 24.36 -17.57 -8.90
C VAL B 254 23.21 -16.57 -8.99
N LEU B 255 23.17 -15.79 -10.07
CA LEU B 255 22.09 -14.80 -10.22
C LEU B 255 20.73 -15.46 -10.31
N VAL B 256 20.63 -16.58 -11.03
CA VAL B 256 19.37 -17.30 -11.11
C VAL B 256 18.97 -17.83 -9.73
N ALA B 257 19.94 -18.36 -8.99
CA ALA B 257 19.66 -18.85 -7.65
C ALA B 257 19.21 -17.72 -6.74
N LEU B 258 19.83 -16.54 -6.87
CA LEU B 258 19.43 -15.39 -6.06
C LEU B 258 18.01 -14.94 -6.38
N LEU B 259 17.64 -14.95 -7.67
CA LEU B 259 16.32 -14.48 -8.05
C LEU B 259 15.22 -15.36 -7.49
N VAL B 260 15.40 -16.68 -7.55
CA VAL B 260 14.39 -17.61 -7.02
C VAL B 260 14.23 -17.44 -5.52
N CYS B 261 15.34 -17.29 -4.80
CA CYS B 261 15.29 -17.10 -3.35
C CYS B 261 14.63 -15.78 -2.97
N LEU B 262 14.65 -14.79 -3.86
CA LEU B 262 14.10 -13.48 -3.56
C LEU B 262 12.61 -13.38 -3.91
N ILE B 263 12.19 -13.90 -5.05
CA ILE B 263 10.81 -13.80 -5.49
C ILE B 263 9.92 -14.59 -4.54
N PRO B 264 8.68 -14.17 -4.32
CA PRO B 264 7.82 -14.86 -3.34
C PRO B 264 7.37 -16.24 -3.81
N THR B 265 8.28 -17.21 -3.78
CA THR B 265 7.94 -18.56 -4.21
C THR B 265 7.08 -19.29 -3.19
N THR B 266 7.21 -18.95 -1.91
CA THR B 266 6.46 -19.67 -0.88
C THR B 266 4.96 -19.41 -1.02
N ILE B 267 4.57 -18.14 -1.10
CA ILE B 267 3.15 -17.83 -1.27
C ILE B 267 2.72 -18.10 -2.71
N GLY B 268 3.58 -17.82 -3.67
CA GLY B 268 3.22 -18.04 -5.07
C GLY B 268 2.97 -19.50 -5.38
N GLY B 269 3.80 -20.39 -4.85
CA GLY B 269 3.59 -21.81 -5.06
C GLY B 269 2.46 -22.41 -4.24
N LEU B 270 2.04 -21.73 -3.17
CA LEU B 270 0.96 -22.21 -2.31
C LEU B 270 -0.35 -21.48 -2.51
N LEU B 271 -0.38 -20.41 -3.32
CA LEU B 271 -1.59 -19.62 -3.47
C LEU B 271 -2.73 -20.42 -4.08
N SER B 272 -2.42 -21.26 -5.08
CA SER B 272 -3.47 -22.03 -5.74
C SER B 272 -3.97 -23.17 -4.85
N ALA B 273 -3.28 -23.44 -3.75
CA ALA B 273 -3.70 -24.53 -2.88
C ALA B 273 -4.54 -24.03 -1.70
N ILE B 274 -4.41 -22.74 -1.36
CA ILE B 274 -5.22 -22.19 -0.27
C ILE B 274 -6.68 -22.09 -0.69
N GLY B 275 -6.92 -21.65 -1.93
CA GLY B 275 -8.29 -21.52 -2.40
C GLY B 275 -9.04 -22.84 -2.48
N VAL B 276 -8.39 -23.87 -3.02
CA VAL B 276 -9.04 -25.17 -3.15
C VAL B 276 -9.23 -25.81 -1.78
N ALA B 277 -8.24 -25.68 -0.90
CA ALA B 277 -8.37 -26.24 0.45
C ALA B 277 -9.50 -25.56 1.23
N GLY B 278 -9.64 -24.25 1.09
CA GLY B 278 -10.74 -23.57 1.76
C GLY B 278 -12.10 -24.02 1.24
N MET B 279 -12.21 -24.24 -0.08
CA MET B 279 -13.45 -24.75 -0.64
C MET B 279 -13.70 -26.18 -0.19
N SER B 280 -12.65 -26.97 0.02
CA SER B 280 -12.83 -28.33 0.49
C SER B 280 -13.27 -28.35 1.95
N ARG B 281 -12.81 -27.39 2.75
CA ARG B 281 -13.23 -27.31 4.15
C ARG B 281 -14.68 -26.88 4.28
N MET B 282 -15.22 -26.19 3.27
CA MET B 282 -16.65 -25.91 3.24
C MET B 282 -17.46 -27.20 3.13
N LEU B 283 -17.03 -28.12 2.27
CA LEU B 283 -17.74 -29.39 2.12
C LEU B 283 -17.68 -30.20 3.40
N GLY B 284 -16.54 -30.18 4.08
CA GLY B 284 -16.44 -30.84 5.38
C GLY B 284 -17.32 -30.22 6.45
N ALA B 285 -17.74 -28.98 6.25
CA ALA B 285 -18.66 -28.30 7.15
C ALA B 285 -20.11 -28.38 6.68
N ASN B 286 -20.39 -29.21 5.67
CA ASN B 286 -21.75 -29.39 5.16
C ASN B 286 -22.35 -28.07 4.66
N VAL B 287 -21.54 -27.27 3.99
CA VAL B 287 -21.98 -26.01 3.40
C VAL B 287 -21.63 -26.05 1.91
N ILE B 288 -22.62 -25.79 1.06
CA ILE B 288 -22.45 -25.80 -0.38
C ILE B 288 -22.47 -24.35 -0.86
N ALA B 289 -21.31 -23.82 -1.19
CA ALA B 289 -21.17 -22.44 -1.63
C ALA B 289 -21.07 -22.37 -3.14
N THR B 290 -21.76 -21.40 -3.73
CA THR B 290 -21.73 -21.25 -5.18
C THR B 290 -20.33 -20.87 -5.67
N SER B 291 -19.65 -19.98 -4.96
CA SER B 291 -18.33 -19.52 -5.35
C SER B 291 -17.55 -19.09 -4.11
N GLY B 292 -16.23 -19.15 -4.22
CA GLY B 292 -15.37 -18.72 -3.13
C GLY B 292 -15.45 -17.24 -2.81
N ARG B 293 -15.90 -16.42 -3.77
CA ARG B 293 -16.02 -14.99 -3.53
C ARG B 293 -17.04 -14.70 -2.44
N ALA B 294 -18.17 -15.42 -2.44
CA ALA B 294 -19.18 -15.22 -1.41
C ALA B 294 -18.66 -15.67 -0.05
N VAL B 295 -17.82 -16.71 -0.03
CA VAL B 295 -17.24 -17.16 1.24
C VAL B 295 -16.34 -16.09 1.83
N GLU B 296 -15.50 -15.46 1.00
CA GLU B 296 -14.60 -14.42 1.50
C GLU B 296 -15.37 -13.18 1.94
N ALA B 297 -16.58 -12.99 1.43
CA ALA B 297 -17.40 -11.87 1.87
C ALA B 297 -17.94 -12.07 3.28
N ALA B 298 -17.97 -13.31 3.78
CA ALA B 298 -18.45 -13.58 5.12
C ALA B 298 -17.49 -13.09 6.20
N GLY B 299 -16.28 -12.70 5.85
CA GLY B 299 -15.35 -12.16 6.81
C GLY B 299 -15.55 -10.70 7.14
N ASP B 300 -16.52 -10.05 6.49
CA ASP B 300 -16.80 -8.64 6.72
C ASP B 300 -18.23 -8.37 7.17
N VAL B 301 -19.05 -9.41 7.34
CA VAL B 301 -20.43 -9.20 7.73
C VAL B 301 -20.50 -8.75 9.18
N ASP B 302 -21.36 -7.76 9.45
CA ASP B 302 -21.54 -7.23 10.79
C ASP B 302 -22.91 -7.50 11.39
N VAL B 303 -23.91 -7.84 10.57
CA VAL B 303 -25.26 -8.13 11.05
C VAL B 303 -25.73 -9.41 10.38
N LEU B 304 -26.41 -10.26 11.14
CA LEU B 304 -26.99 -11.50 10.63
C LEU B 304 -28.50 -11.45 10.79
N LEU B 305 -29.22 -11.70 9.71
CA LEU B 305 -30.68 -11.73 9.72
C LEU B 305 -31.15 -13.18 9.67
N LEU B 306 -32.00 -13.56 10.62
CA LEU B 306 -32.47 -14.93 10.71
C LEU B 306 -33.99 -15.02 10.69
N LYS B 308 -37.54 -17.00 11.73
CA LYS B 308 -37.98 -17.71 12.93
C LYS B 308 -38.41 -19.13 12.60
N THR B 309 -39.59 -19.27 12.00
CA THR B 309 -40.14 -20.58 11.66
C THR B 309 -39.34 -21.18 10.52
N GLY B 310 -38.90 -22.43 10.68
CA GLY B 310 -38.12 -23.13 9.68
C GLY B 310 -36.62 -23.00 9.84
N THR B 311 -36.15 -21.83 10.29
CA THR B 311 -34.69 -21.60 10.46
C THR B 311 -34.33 -21.73 11.94
N ILE B 312 -34.82 -20.81 12.78
CA ILE B 312 -34.52 -20.85 14.24
C ILE B 312 -35.29 -22.02 14.87
N THR B 313 -36.60 -22.10 14.62
CA THR B 313 -37.40 -23.20 15.13
C THR B 313 -37.47 -24.31 14.07
N LEU B 314 -37.86 -25.50 14.51
CA LEU B 314 -37.95 -26.64 13.61
C LEU B 314 -39.10 -26.53 12.62
N GLY B 315 -39.99 -25.56 12.80
CA GLY B 315 -41.17 -25.50 11.96
C GLY B 315 -42.16 -26.57 12.39
N ASN B 316 -43.04 -26.92 11.45
CA ASN B 316 -44.06 -27.95 11.68
C ASN B 316 -44.87 -27.63 12.93
N ARG B 317 -45.42 -26.41 12.95
CA ARG B 317 -46.18 -25.95 14.11
C ARG B 317 -47.42 -26.82 14.31
N GLN B 318 -47.54 -27.39 15.50
CA GLN B 318 -48.65 -28.28 15.85
C GLN B 318 -49.56 -27.59 16.85
N ALA B 319 -50.86 -27.61 16.58
CA ALA B 319 -51.83 -27.05 17.51
C ALA B 319 -51.87 -27.88 18.78
N SER B 320 -51.96 -27.19 19.92
CA SER B 320 -51.93 -27.83 21.22
C SER B 320 -53.29 -27.85 21.90
N GLU B 321 -53.94 -26.70 22.02
CA GLU B 321 -55.22 -26.60 22.71
C GLU B 321 -56.15 -25.68 21.94
N PHE B 322 -57.45 -25.92 22.12
CA PHE B 322 -58.50 -25.09 21.52
C PHE B 322 -59.05 -24.18 22.61
N ILE B 323 -58.62 -22.92 22.60
CA ILE B 323 -59.07 -21.94 23.59
C ILE B 323 -60.29 -21.22 23.00
N PRO B 324 -61.48 -21.40 23.56
CA PRO B 324 -62.67 -20.77 23.01
C PRO B 324 -62.95 -19.41 23.61
N ALA B 325 -63.62 -18.58 22.81
CA ALA B 325 -64.04 -17.27 23.27
C ALA B 325 -65.24 -17.39 24.22
N GLN B 326 -65.54 -16.29 24.90
CA GLN B 326 -66.69 -16.27 25.81
C GLN B 326 -67.98 -16.49 25.04
N GLY B 327 -68.83 -17.37 25.56
CA GLY B 327 -70.06 -17.72 24.88
C GLY B 327 -69.94 -18.78 23.82
N VAL B 328 -68.73 -19.30 23.58
CA VAL B 328 -68.50 -20.34 22.60
C VAL B 328 -67.88 -21.54 23.30
N ASP B 329 -68.43 -22.72 23.06
CA ASP B 329 -67.88 -23.94 23.64
C ASP B 329 -66.75 -24.48 22.77
N GLU B 330 -65.97 -25.41 23.33
CA GLU B 330 -64.85 -25.99 22.60
C GLU B 330 -65.35 -26.79 21.40
N LYS B 331 -66.52 -27.41 21.51
CA LYS B 331 -67.07 -28.18 20.39
C LYS B 331 -67.34 -27.28 19.20
N THR B 332 -67.92 -26.10 19.43
CA THR B 332 -68.19 -25.18 18.33
C THR B 332 -66.90 -24.65 17.71
N LEU B 333 -65.87 -24.44 18.55
CA LEU B 333 -64.60 -23.91 18.04
C LEU B 333 -63.96 -24.88 17.06
N ALA B 334 -64.00 -26.18 17.35
CA ALA B 334 -63.36 -27.16 16.48
C ALA B 334 -64.04 -27.24 15.12
N ASP B 335 -65.37 -27.12 15.10
CA ASP B 335 -66.11 -27.22 13.85
C ASP B 335 -65.69 -26.12 12.87
N ALA B 336 -65.55 -24.89 13.36
CA ALA B 336 -65.08 -23.81 12.50
C ALA B 336 -63.61 -24.01 12.12
N ALA B 337 -62.81 -24.52 13.05
CA ALA B 337 -61.39 -24.76 12.75
C ALA B 337 -61.22 -25.83 11.69
N GLN B 338 -62.02 -26.90 11.75
CA GLN B 338 -61.93 -27.96 10.75
C GLN B 338 -62.30 -27.45 9.37
N LEU B 339 -63.34 -26.62 9.28
CA LEU B 339 -63.80 -26.15 7.97
C LEU B 339 -62.72 -25.34 7.26
N ALA B 340 -62.03 -24.46 7.99
CA ALA B 340 -61.01 -23.62 7.38
C ALA B 340 -59.72 -24.37 7.08
N SER B 341 -59.56 -25.61 7.57
CA SER B 341 -58.34 -26.38 7.38
C SER B 341 -58.56 -27.69 6.65
N LEU B 342 -59.72 -27.88 6.02
CA LEU B 342 -59.99 -29.13 5.31
C LEU B 342 -59.01 -29.30 4.14
N ALA B 343 -58.81 -28.24 3.36
CA ALA B 343 -57.91 -28.27 2.22
C ALA B 343 -56.60 -27.54 2.49
N ASP B 344 -56.35 -27.12 3.72
CA ASP B 344 -55.11 -26.44 4.06
C ASP B 344 -53.99 -27.46 4.18
N GLU B 345 -53.05 -27.42 3.24
CA GLU B 345 -51.93 -28.35 3.21
C GLU B 345 -50.73 -27.85 4.01
N THR B 346 -50.80 -26.64 4.57
CA THR B 346 -49.73 -26.14 5.40
C THR B 346 -49.61 -26.97 6.68
N PRO B 347 -48.42 -27.06 7.26
CA PRO B 347 -48.26 -27.88 8.48
C PRO B 347 -49.17 -27.44 9.61
N GLU B 348 -49.43 -26.14 9.74
CA GLU B 348 -50.39 -25.66 10.73
C GLU B 348 -51.80 -26.14 10.40
N GLY B 349 -52.18 -26.12 9.13
CA GLY B 349 -53.52 -26.53 8.76
C GLY B 349 -53.80 -27.98 9.04
N ARG B 350 -52.84 -28.86 8.74
CA ARG B 350 -53.03 -30.29 8.99
C ARG B 350 -53.14 -30.56 10.49
N SER B 351 -52.34 -29.87 11.30
CA SER B 351 -52.40 -30.06 12.74
C SER B 351 -53.75 -29.61 13.31
N ILE B 352 -54.37 -28.60 12.71
CA ILE B 352 -55.68 -28.14 13.17
C ILE B 352 -56.71 -29.24 13.00
N VAL B 353 -56.73 -29.88 11.82
CA VAL B 353 -57.68 -30.94 11.55
C VAL B 353 -57.41 -32.15 12.45
N ILE B 354 -56.15 -32.54 12.59
CA ILE B 354 -55.81 -33.74 13.35
C ILE B 354 -56.19 -33.57 14.82
N LEU B 355 -55.89 -32.42 15.40
CA LEU B 355 -56.17 -32.21 16.82
C LEU B 355 -57.66 -32.23 17.11
N ALA B 356 -58.50 -31.84 16.14
CA ALA B 356 -59.93 -31.79 16.39
C ALA B 356 -60.57 -33.17 16.44
N LYS B 357 -59.95 -34.16 15.80
CA LYS B 357 -60.57 -35.49 15.70
C LYS B 357 -60.68 -36.16 17.06
N GLN B 358 -59.58 -36.20 17.81
CA GLN B 358 -59.62 -36.88 19.11
C GLN B 358 -60.46 -36.11 20.11
N ARG B 359 -60.42 -34.77 20.06
CA ARG B 359 -61.24 -33.97 20.96
C ARG B 359 -62.72 -34.17 20.69
N PHE B 360 -63.12 -34.15 19.40
CA PHE B 360 -64.49 -34.36 19.01
C PHE B 360 -64.50 -35.14 17.70
N ASN B 361 -65.02 -36.37 17.74
CA ASN B 361 -65.02 -37.23 16.57
C ASN B 361 -66.06 -36.78 15.55
N LEU B 362 -65.77 -35.69 14.85
CA LEU B 362 -66.70 -35.17 13.84
C LEU B 362 -66.61 -35.98 12.56
N ARG B 363 -67.71 -36.01 11.82
CA ARG B 363 -67.73 -36.69 10.54
C ARG B 363 -66.82 -35.97 9.54
N GLU B 364 -66.10 -36.76 8.74
CA GLU B 364 -65.05 -36.22 7.88
C GLU B 364 -65.67 -35.61 6.63
N ARG B 365 -65.93 -34.31 6.71
CA ARG B 365 -66.43 -33.58 5.54
C ARG B 365 -65.31 -33.41 4.52
N ASP B 366 -65.70 -33.40 3.24
CA ASP B 366 -64.77 -33.13 2.16
C ASP B 366 -65.17 -31.85 1.44
N VAL B 367 -64.22 -31.27 0.70
CA VAL B 367 -64.44 -29.98 0.06
C VAL B 367 -65.54 -30.07 -0.99
N GLN B 368 -65.54 -31.14 -1.79
CA GLN B 368 -66.57 -31.26 -2.84
C GLN B 368 -67.94 -31.53 -2.25
N SER B 369 -68.01 -32.14 -1.05
CA SER B 369 -69.30 -32.40 -0.43
C SER B 369 -69.98 -31.12 0.01
N LEU B 370 -69.20 -30.09 0.38
CA LEU B 370 -69.77 -28.83 0.81
C LEU B 370 -70.01 -27.85 -0.34
N HIS B 371 -69.54 -28.17 -1.55
CA HIS B 371 -69.69 -27.31 -2.72
C HIS B 371 -69.22 -25.88 -2.42
N ALA B 372 -68.05 -25.79 -1.81
CA ALA B 372 -67.48 -24.51 -1.42
C ALA B 372 -66.04 -24.41 -1.89
N THR B 373 -65.51 -23.19 -1.85
CA THR B 373 -64.13 -22.90 -2.24
C THR B 373 -63.31 -22.57 -1.00
N PHE B 374 -62.00 -22.66 -1.16
CA PHE B 374 -61.06 -22.42 -0.07
C PHE B 374 -60.13 -21.27 -0.43
N VAL B 375 -59.80 -20.46 0.56
CA VAL B 375 -58.83 -19.37 0.39
C VAL B 375 -57.48 -19.90 0.88
N PRO B 376 -56.49 -20.07 0.00
CA PRO B 376 -55.19 -20.58 0.45
C PRO B 376 -54.46 -19.57 1.31
N PHE B 377 -53.63 -20.08 2.22
CA PHE B 377 -52.84 -19.22 3.08
C PHE B 377 -51.80 -18.47 2.26
N THR B 378 -51.65 -17.18 2.54
CA THR B 378 -50.71 -16.33 1.84
C THR B 378 -49.94 -15.49 2.85
N ALA B 379 -48.65 -15.27 2.58
CA ALA B 379 -47.82 -14.49 3.48
C ALA B 379 -48.34 -13.06 3.60
N GLN B 380 -48.76 -12.47 2.48
CA GLN B 380 -49.29 -11.10 2.52
C GLN B 380 -50.63 -11.05 3.24
N SER B 381 -51.52 -11.99 2.95
CA SER B 381 -52.85 -11.96 3.55
C SER B 381 -52.80 -12.32 5.04
N ARG B 382 -51.92 -13.26 5.41
CA ARG B 382 -51.80 -13.74 6.79
C ARG B 382 -53.10 -14.32 7.30
N MET B 383 -53.92 -14.88 6.41
CA MET B 383 -55.19 -15.47 6.80
C MET B 383 -55.62 -16.48 5.76
N SER B 384 -56.51 -17.38 6.16
CA SER B 384 -57.06 -18.39 5.27
C SER B 384 -58.37 -18.88 5.86
N GLY B 385 -59.18 -19.49 5.01
CA GLY B 385 -60.47 -19.99 5.45
C GLY B 385 -61.29 -20.49 4.28
N ILE B 386 -62.54 -20.82 4.58
CA ILE B 386 -63.49 -21.36 3.62
C ILE B 386 -64.67 -20.40 3.51
N ASN B 387 -65.02 -20.02 2.28
CA ASN B 387 -66.20 -19.20 2.02
C ASN B 387 -67.35 -20.10 1.58
N ILE B 388 -67.90 -20.83 2.54
CA ILE B 388 -69.03 -21.73 2.30
C ILE B 388 -70.26 -20.89 2.01
N ASP B 389 -71.33 -21.52 1.54
CA ASP B 389 -72.55 -20.79 1.22
C ASP B 389 -73.05 -20.01 2.44
N ASN B 390 -73.35 -18.73 2.21
CA ASN B 390 -73.84 -17.82 3.25
C ASN B 390 -72.83 -17.63 4.37
N ARG B 391 -72.59 -18.67 5.16
CA ARG B 391 -71.67 -18.58 6.28
C ARG B 391 -70.24 -18.41 5.80
N MET B 392 -69.46 -17.61 6.53
CA MET B 392 -68.06 -17.37 6.21
C MET B 392 -67.20 -17.76 7.40
N ILE B 393 -66.18 -18.58 7.15
CA ILE B 393 -65.24 -19.03 8.17
C ILE B 393 -63.84 -18.60 7.75
N ARG B 394 -63.12 -17.97 8.67
CA ARG B 394 -61.78 -17.48 8.38
C ARG B 394 -60.90 -17.63 9.61
N LYS B 395 -59.61 -17.81 9.38
CA LYS B 395 -58.62 -17.88 10.45
C LYS B 395 -57.32 -17.28 9.96
N GLY B 396 -56.50 -16.81 10.90
CA GLY B 396 -55.23 -16.20 10.54
C GLY B 396 -54.61 -15.48 11.72
N SER B 397 -53.70 -14.56 11.40
CA SER B 397 -52.99 -13.81 12.42
C SER B 397 -53.95 -12.88 13.16
N VAL B 398 -53.54 -12.49 14.37
CA VAL B 398 -54.38 -11.63 15.20
C VAL B 398 -54.60 -10.28 14.53
N ASP B 399 -53.53 -9.70 14.00
CA ASP B 399 -53.65 -8.40 13.33
C ASP B 399 -54.49 -8.51 12.06
N ALA B 400 -54.30 -9.58 11.28
CA ALA B 400 -55.06 -9.74 10.05
C ALA B 400 -56.54 -9.97 10.35
N ILE B 401 -56.85 -10.77 11.36
CA ILE B 401 -58.25 -11.04 11.70
C ILE B 401 -58.91 -9.79 12.28
N ARG B 402 -58.21 -9.08 13.17
CA ARG B 402 -58.78 -7.88 13.77
C ARG B 402 -59.07 -6.83 12.71
N ARG B 403 -58.15 -6.62 11.77
CA ARG B 403 -58.39 -5.66 10.70
C ARG B 403 -59.56 -6.09 9.83
N HIS B 404 -59.66 -7.38 9.51
CA HIS B 404 -60.78 -7.88 8.73
C HIS B 404 -62.09 -7.75 9.50
N VAL B 405 -62.06 -8.02 10.81
CA VAL B 405 -63.28 -7.91 11.62
C VAL B 405 -63.73 -6.47 11.70
N GLU B 406 -62.79 -5.54 11.93
CA GLU B 406 -63.15 -4.14 12.04
C GLU B 406 -63.74 -3.60 10.74
N ALA B 407 -63.16 -3.98 9.61
CA ALA B 407 -63.70 -3.54 8.32
C ALA B 407 -65.10 -4.10 8.09
N ASN B 408 -65.31 -5.38 8.40
CA ASN B 408 -66.64 -5.96 8.27
C ASN B 408 -67.59 -5.41 9.33
N GLY B 409 -67.14 -5.36 10.57
CA GLY B 409 -67.95 -4.90 11.69
C GLY B 409 -67.72 -5.79 12.89
N GLY B 410 -67.90 -5.21 14.07
CA GLY B 410 -67.70 -5.91 15.33
C GLY B 410 -66.45 -5.43 16.03
N HIS B 411 -66.28 -5.93 17.26
CA HIS B 411 -65.17 -5.56 18.11
C HIS B 411 -64.60 -6.81 18.76
N PHE B 412 -63.28 -6.82 18.92
CA PHE B 412 -62.62 -7.98 19.52
C PHE B 412 -62.99 -8.08 21.00
N PRO B 413 -63.50 -9.23 21.44
CA PRO B 413 -63.84 -9.38 22.87
C PRO B 413 -62.62 -9.19 23.75
N THR B 414 -62.87 -8.64 24.95
CA THR B 414 -61.78 -8.36 25.88
C THR B 414 -61.08 -9.65 26.30
N ASP B 415 -61.85 -10.70 26.57
CA ASP B 415 -61.25 -11.99 26.95
C ASP B 415 -60.39 -12.54 25.83
N VAL B 416 -60.82 -12.37 24.58
CA VAL B 416 -60.04 -12.87 23.45
C VAL B 416 -58.67 -12.20 23.39
N ASP B 417 -58.63 -10.87 23.59
CA ASP B 417 -57.36 -10.17 23.57
C ASP B 417 -56.45 -10.64 24.69
N GLN B 418 -57.01 -10.89 25.87
CA GLN B 418 -56.22 -11.44 26.96
C GLN B 418 -55.72 -12.84 26.61
N LYS B 419 -56.57 -13.65 25.98
CA LYS B 419 -56.16 -15.00 25.59
C LYS B 419 -55.04 -14.97 24.57
N VAL B 420 -55.09 -14.02 23.63
CA VAL B 420 -54.04 -13.90 22.62
C VAL B 420 -52.70 -13.60 23.29
N ASP B 421 -52.70 -12.68 24.25
CA ASP B 421 -51.46 -12.36 24.96
C ASP B 421 -50.98 -13.54 25.77
N GLN B 422 -51.90 -14.29 26.38
CA GLN B 422 -51.50 -15.43 27.21
C GLN B 422 -50.83 -16.52 26.39
N VAL B 423 -51.44 -16.88 25.25
CA VAL B 423 -50.88 -17.95 24.44
C VAL B 423 -49.63 -17.52 23.69
N ALA B 424 -49.41 -16.21 23.53
CA ALA B 424 -48.20 -15.71 22.89
C ALA B 424 -47.06 -15.47 23.88
N ARG B 425 -47.33 -15.58 25.18
CA ARG B 425 -46.28 -15.32 26.17
C ARG B 425 -45.26 -16.46 26.20
N GLN B 426 -45.73 -17.71 26.19
CA GLN B 426 -44.80 -18.84 26.24
C GLN B 426 -44.06 -19.01 24.93
N GLY B 427 -44.70 -18.69 23.81
CA GLY B 427 -44.05 -18.80 22.52
C GLY B 427 -44.95 -19.32 21.41
N ALA B 428 -46.12 -19.83 21.78
CA ALA B 428 -47.05 -20.33 20.78
C ALA B 428 -47.61 -19.19 19.95
N THR B 429 -47.69 -19.40 18.64
CA THR B 429 -48.24 -18.40 17.74
C THR B 429 -49.77 -18.45 17.80
N PRO B 430 -50.44 -17.34 18.11
CA PRO B 430 -51.90 -17.37 18.23
C PRO B 430 -52.57 -17.27 16.87
N LEU B 431 -53.48 -18.21 16.60
CA LEU B 431 -54.31 -18.17 15.40
C LEU B 431 -55.74 -17.86 15.83
N VAL B 432 -56.29 -16.76 15.31
CA VAL B 432 -57.64 -16.33 15.64
C VAL B 432 -58.57 -16.78 14.52
N VAL B 433 -59.61 -17.54 14.88
CA VAL B 433 -60.59 -18.05 13.93
C VAL B 433 -61.88 -17.28 14.12
N VAL B 434 -62.42 -16.77 13.02
CA VAL B 434 -63.63 -15.96 13.03
C VAL B 434 -64.68 -16.64 12.16
N GLU B 435 -65.94 -16.50 12.56
CA GLU B 435 -67.08 -17.04 11.81
C GLU B 435 -67.92 -15.85 11.37
N GLY B 436 -67.79 -15.46 10.10
CA GLY B 436 -68.44 -14.26 9.62
C GLY B 436 -67.85 -13.03 10.28
N SER B 437 -68.63 -12.41 11.18
CA SER B 437 -68.15 -11.28 11.97
C SER B 437 -68.09 -11.60 13.45
N ARG B 438 -68.20 -12.87 13.83
CA ARG B 438 -68.22 -13.29 15.23
C ARG B 438 -66.95 -14.06 15.54
N VAL B 439 -66.19 -13.58 16.53
CA VAL B 439 -64.96 -14.23 16.94
C VAL B 439 -65.31 -15.44 17.81
N LEU B 440 -64.74 -16.59 17.46
CA LEU B 440 -65.06 -17.84 18.14
C LEU B 440 -63.99 -18.27 19.15
N GLY B 441 -62.75 -17.86 18.96
CA GLY B 441 -61.69 -18.24 19.88
C GLY B 441 -60.33 -18.15 19.20
N VAL B 442 -59.34 -18.72 19.89
CA VAL B 442 -57.96 -18.72 19.41
C VAL B 442 -57.41 -20.14 19.50
N ILE B 443 -56.40 -20.40 18.67
CA ILE B 443 -55.71 -21.68 18.64
C ILE B 443 -54.23 -21.44 18.87
N ALA B 444 -53.65 -22.22 19.78
CA ALA B 444 -52.23 -22.10 20.13
C ALA B 444 -51.43 -23.13 19.36
N LEU B 445 -50.45 -22.68 18.60
CA LEU B 445 -49.59 -23.54 17.80
C LEU B 445 -48.23 -23.62 18.48
N LYS B 446 -47.91 -24.78 19.05
CA LYS B 446 -46.64 -24.98 19.72
C LYS B 446 -45.52 -25.14 18.69
N ASP B 447 -44.34 -24.62 19.04
CA ASP B 447 -43.16 -24.73 18.20
C ASP B 447 -41.97 -25.13 19.06
N ILE B 448 -40.99 -25.76 18.42
CA ILE B 448 -39.80 -26.27 19.09
C ILE B 448 -38.60 -25.48 18.60
N VAL B 449 -37.87 -24.88 19.54
CA VAL B 449 -36.65 -24.13 19.23
C VAL B 449 -35.49 -25.12 19.16
N LYS B 450 -34.66 -24.98 18.13
CA LYS B 450 -33.53 -25.87 17.96
C LYS B 450 -32.55 -25.75 19.13
N GLY B 451 -31.98 -26.88 19.52
CA GLY B 451 -31.12 -26.95 20.68
C GLY B 451 -29.71 -26.44 20.40
N GLY B 452 -29.13 -25.82 21.42
CA GLY B 452 -27.79 -25.28 21.34
C GLY B 452 -27.67 -23.95 20.62
N ILE B 453 -28.79 -23.38 20.17
CA ILE B 453 -28.73 -22.13 19.43
C ILE B 453 -28.33 -20.97 20.34
N LYS B 454 -28.54 -21.11 21.65
CA LYS B 454 -28.26 -19.95 22.54
C LYS B 454 -26.76 -19.72 22.63
N GLU B 455 -26.01 -20.78 22.89
CA GLU B 455 -24.54 -20.68 23.02
C GLU B 455 -23.91 -20.32 21.68
N ARG B 456 -24.38 -20.92 20.59
CA ARG B 456 -23.85 -20.51 19.30
C ARG B 456 -24.06 -19.01 19.06
N PHE B 457 -25.22 -18.48 19.43
CA PHE B 457 -25.47 -17.05 19.26
C PHE B 457 -24.55 -16.22 20.14
N ALA B 458 -24.16 -16.76 21.30
CA ALA B 458 -23.17 -16.08 22.15
C ALA B 458 -21.83 -15.96 21.43
N GLN B 459 -21.44 -17.00 20.70
CA GLN B 459 -20.21 -16.94 19.92
C GLN B 459 -20.29 -15.87 18.84
N LEU B 460 -21.46 -15.72 18.22
CA LEU B 460 -21.64 -14.68 17.20
C LEU B 460 -21.55 -13.29 17.82
N ARG B 461 -22.06 -13.13 19.05
CA ARG B 461 -21.94 -11.84 19.74
C ARG B 461 -20.48 -11.49 19.99
N LYS B 462 -19.69 -12.47 20.42
CA LYS B 462 -18.26 -12.24 20.64
C LYS B 462 -17.53 -11.90 19.35
N MET B 463 -18.05 -12.36 18.21
CA MET B 463 -17.42 -12.15 16.91
C MET B 463 -17.77 -10.80 16.29
N GLY B 464 -18.51 -9.95 17.00
CA GLY B 464 -18.93 -8.68 16.46
C GLY B 464 -20.04 -8.74 15.44
N ILE B 465 -20.83 -9.81 15.44
CA ILE B 465 -21.93 -9.98 14.48
C ILE B 465 -23.24 -9.84 15.24
N LYS B 466 -24.09 -8.92 14.79
CA LYS B 466 -25.39 -8.69 15.39
C LYS B 466 -26.41 -9.63 14.77
N THR B 467 -27.16 -10.34 15.62
CA THR B 467 -28.17 -11.28 15.16
C THR B 467 -29.55 -10.66 15.31
N VAL B 468 -30.31 -10.62 14.23
CA VAL B 468 -31.64 -10.05 14.20
C VAL B 468 -32.61 -11.11 13.67
N MET B 469 -33.71 -11.32 14.39
CA MET B 469 -34.71 -12.31 14.04
C MET B 469 -35.88 -11.61 13.36
N ILE B 470 -36.02 -11.82 12.06
CA ILE B 470 -37.10 -11.24 11.27
C ILE B 470 -38.18 -12.30 11.07
N THR B 471 -39.43 -11.94 11.38
CA THR B 471 -40.53 -12.87 11.26
C THR B 471 -41.83 -12.09 11.07
N GLY B 472 -42.80 -12.73 10.42
CA GLY B 472 -44.12 -12.18 10.26
C GLY B 472 -45.11 -12.56 11.34
N ASP B 473 -44.64 -13.19 12.42
CA ASP B 473 -45.51 -13.67 13.47
C ASP B 473 -45.90 -12.52 14.42
N ASN B 474 -46.71 -12.87 15.42
CA ASN B 474 -47.17 -11.89 16.39
C ASN B 474 -45.99 -11.39 17.23
N ARG B 475 -46.07 -10.12 17.62
CA ARG B 475 -44.98 -9.49 18.38
C ARG B 475 -44.78 -10.16 19.74
N LEU B 476 -45.87 -10.49 20.43
CA LEU B 476 -45.77 -11.05 21.77
C LEU B 476 -45.06 -12.40 21.77
N THR B 477 -45.41 -13.28 20.82
CA THR B 477 -44.79 -14.59 20.77
C THR B 477 -43.37 -14.52 20.21
N ALA B 478 -43.08 -13.53 19.36
CA ALA B 478 -41.72 -13.39 18.83
C ALA B 478 -40.73 -13.05 19.94
N ALA B 479 -41.14 -12.20 20.89
CA ALA B 479 -40.25 -11.84 21.99
C ALA B 479 -39.95 -13.04 22.87
N ALA B 480 -40.93 -13.91 23.09
CA ALA B 480 -40.70 -15.08 23.93
C ALA B 480 -39.82 -16.11 23.21
N ILE B 481 -39.75 -16.02 21.88
CA ILE B 481 -38.87 -16.91 21.13
C ILE B 481 -37.49 -16.29 20.98
N ALA B 482 -37.44 -14.96 20.83
CA ALA B 482 -36.15 -14.27 20.74
C ALA B 482 -35.37 -14.41 22.04
N ALA B 483 -36.05 -14.38 23.18
CA ALA B 483 -35.36 -14.54 24.46
C ALA B 483 -35.07 -16.02 24.74
N GLU B 484 -35.72 -16.92 24.00
CA GLU B 484 -35.44 -18.34 24.15
C GLU B 484 -34.35 -18.81 23.19
N ALA B 485 -33.86 -17.92 22.33
CA ALA B 485 -32.81 -18.25 21.37
C ALA B 485 -31.53 -17.45 21.62
N GLY B 486 -31.63 -16.26 22.20
CA GLY B 486 -30.48 -15.44 22.49
C GLY B 486 -30.11 -14.43 21.43
N VAL B 487 -31.00 -14.12 20.50
CA VAL B 487 -30.70 -13.11 19.48
C VAL B 487 -30.69 -11.73 20.13
N ASP B 488 -30.03 -10.78 19.45
CA ASP B 488 -29.94 -9.42 19.99
C ASP B 488 -31.26 -8.69 19.87
N ASP B 489 -31.77 -8.54 18.64
CA ASP B 489 -33.00 -7.81 18.38
C ASP B 489 -33.86 -8.63 17.43
N PHE B 490 -35.14 -8.26 17.35
CA PHE B 490 -36.08 -8.95 16.47
C PHE B 490 -36.93 -7.93 15.73
N LEU B 491 -37.71 -8.42 14.78
CA LEU B 491 -38.63 -7.60 13.98
C LEU B 491 -39.82 -8.48 13.62
N ALA B 492 -40.91 -8.31 14.37
CA ALA B 492 -42.11 -9.12 14.18
C ALA B 492 -43.08 -8.42 13.23
N GLU B 493 -44.06 -9.18 12.76
CA GLU B 493 -45.07 -8.69 11.81
C GLU B 493 -44.40 -8.10 10.57
N ALA B 494 -43.39 -8.79 10.06
CA ALA B 494 -42.62 -8.33 8.92
C ALA B 494 -43.12 -9.03 7.66
N THR B 495 -43.70 -8.26 6.74
CA THR B 495 -44.10 -8.80 5.45
C THR B 495 -42.86 -9.14 4.63
N PRO B 496 -43.00 -10.06 3.66
CA PRO B 496 -41.83 -10.41 2.84
C PRO B 496 -41.20 -9.21 2.14
N GLU B 497 -41.98 -8.18 1.81
CA GLU B 497 -41.41 -6.99 1.21
C GLU B 497 -40.70 -6.11 2.25
N ALA B 498 -40.92 -6.40 3.54
CA ALA B 498 -40.27 -5.61 4.58
C ALA B 498 -38.90 -6.17 4.91
N LYS B 499 -38.73 -7.50 4.83
CA LYS B 499 -37.41 -8.09 5.03
C LYS B 499 -36.44 -7.63 3.96
N LEU B 500 -36.90 -7.55 2.70
CA LEU B 500 -36.06 -7.04 1.63
C LEU B 500 -35.67 -5.59 1.87
N ALA B 501 -36.61 -4.79 2.38
CA ALA B 501 -36.31 -3.39 2.68
C ALA B 501 -35.27 -3.27 3.80
N LEU B 502 -35.36 -4.14 4.81
CA LEU B 502 -34.40 -4.10 5.90
C LEU B 502 -32.98 -4.41 5.43
N ILE B 503 -32.85 -5.39 4.54
CA ILE B 503 -31.53 -5.72 3.99
C ILE B 503 -30.98 -4.55 3.19
N ARG B 504 -31.82 -3.92 2.36
CA ARG B 504 -31.38 -2.74 1.62
C ARG B 504 -31.05 -1.59 2.55
N GLN B 505 -31.82 -1.42 3.64
CA GLN B 505 -31.54 -0.37 4.60
C GLN B 505 -30.18 -0.60 5.27
N TYR B 506 -29.89 -1.84 5.66
CA TYR B 506 -28.59 -2.15 6.24
C TYR B 506 -27.48 -1.98 5.22
N GLN B 507 -27.71 -2.38 3.97
CA GLN B 507 -26.72 -2.22 2.92
C GLN B 507 -26.52 -0.77 2.51
N ALA B 508 -27.49 0.10 2.82
CA ALA B 508 -27.35 1.51 2.47
C ALA B 508 -26.18 2.16 3.20
N GLU B 509 -26.00 1.82 4.48
CA GLU B 509 -24.90 2.35 5.26
C GLU B 509 -23.56 1.77 4.85
N GLY B 510 -23.54 0.75 4.01
CA GLY B 510 -22.30 0.13 3.56
C GLY B 510 -21.93 -1.16 4.25
N ARG B 511 -22.72 -1.61 5.23
CA ARG B 511 -22.43 -2.84 5.94
C ARG B 511 -22.79 -4.05 5.08
N LEU B 512 -22.21 -5.19 5.43
CA LEU B 512 -22.49 -6.45 4.76
C LEU B 512 -23.50 -7.22 5.59
N VAL B 513 -24.55 -7.72 4.93
CA VAL B 513 -25.68 -8.35 5.59
C VAL B 513 -25.65 -9.85 5.30
N ALA B 514 -25.72 -10.66 6.35
CA ALA B 514 -25.86 -12.10 6.23
C ALA B 514 -27.30 -12.47 6.52
N MET B 515 -27.92 -13.20 5.60
CA MET B 515 -29.33 -13.57 5.71
C MET B 515 -29.48 -15.08 5.56
N THR B 516 -30.22 -15.68 6.49
CA THR B 516 -30.55 -17.10 6.42
C THR B 516 -32.06 -17.27 6.41
N GLY B 517 -32.55 -18.18 5.57
CA GLY B 517 -33.99 -18.36 5.41
C GLY B 517 -34.31 -19.75 4.94
N ASP B 518 -35.57 -20.12 5.13
CA ASP B 518 -36.06 -21.45 4.79
C ASP B 518 -37.25 -21.42 3.84
N GLY B 519 -38.16 -20.45 3.99
CA GLY B 519 -39.38 -20.43 3.21
C GLY B 519 -39.18 -19.87 1.80
N THR B 520 -40.27 -19.95 1.02
CA THR B 520 -40.23 -19.46 -0.35
C THR B 520 -40.26 -17.93 -0.41
N ASN B 521 -40.92 -17.29 0.56
CA ASN B 521 -41.00 -15.84 0.55
C ASN B 521 -39.66 -15.18 0.84
N ASP B 522 -38.66 -15.94 1.29
CA ASP B 522 -37.34 -15.39 1.56
C ASP B 522 -36.46 -15.34 0.31
N ALA B 523 -36.90 -15.91 -0.81
CA ALA B 523 -36.08 -15.94 -2.02
C ALA B 523 -35.72 -14.54 -2.51
N PRO B 524 -36.64 -13.58 -2.59
CA PRO B 524 -36.22 -12.20 -2.91
C PRO B 524 -35.21 -11.60 -1.94
N ALA B 525 -35.32 -11.90 -0.64
CA ALA B 525 -34.40 -11.32 0.33
C ALA B 525 -33.10 -12.10 0.39
N LEU B 526 -33.08 -13.32 -0.16
CA LEU B 526 -31.85 -14.10 -0.18
C LEU B 526 -30.96 -13.71 -1.35
N ALA B 527 -31.54 -13.23 -2.45
CA ALA B 527 -30.73 -12.80 -3.58
C ALA B 527 -30.16 -11.40 -3.38
N GLN B 528 -30.60 -10.69 -2.34
CA GLN B 528 -30.12 -9.35 -2.08
C GLN B 528 -28.95 -9.31 -1.10
N ALA B 529 -28.97 -10.17 -0.08
CA ALA B 529 -27.91 -10.19 0.91
C ALA B 529 -26.60 -10.67 0.28
N ASP B 530 -25.50 -10.10 0.75
CA ASP B 530 -24.18 -10.49 0.24
C ASP B 530 -23.87 -11.94 0.60
N VAL B 531 -24.19 -12.35 1.82
CA VAL B 531 -24.01 -13.73 2.27
C VAL B 531 -25.38 -14.29 2.58
N ALA B 532 -25.79 -15.31 1.82
CA ALA B 532 -27.10 -15.93 1.99
C ALA B 532 -26.92 -17.43 2.18
N VAL B 533 -27.48 -17.94 3.27
CA VAL B 533 -27.41 -19.37 3.60
C VAL B 533 -28.83 -19.92 3.62
N ALA B 534 -29.06 -20.96 2.85
CA ALA B 534 -30.38 -21.59 2.74
C ALA B 534 -30.34 -22.97 3.40
N MET B 535 -31.32 -23.24 4.24
CA MET B 535 -31.43 -24.56 4.87
C MET B 535 -31.75 -25.63 3.82
N ASN B 536 -31.19 -26.82 4.02
CA ASN B 536 -31.45 -27.92 3.10
C ASN B 536 -32.85 -28.49 3.25
N SER B 537 -33.52 -28.19 4.37
CA SER B 537 -34.88 -28.66 4.59
C SER B 537 -35.93 -27.67 4.08
N GLY B 538 -35.51 -26.56 3.47
CA GLY B 538 -36.42 -25.58 2.94
C GLY B 538 -36.84 -25.87 1.51
N THR B 539 -37.30 -24.83 0.83
CA THR B 539 -37.78 -24.96 -0.53
C THR B 539 -36.61 -24.83 -1.52
N GLN B 540 -36.87 -25.25 -2.76
CA GLN B 540 -35.84 -25.17 -3.80
C GLN B 540 -35.62 -23.74 -4.26
N ALA B 541 -36.65 -22.90 -4.20
CA ALA B 541 -36.49 -21.50 -4.60
C ALA B 541 -35.51 -20.77 -3.70
N ALA B 542 -35.58 -21.02 -2.40
CA ALA B 542 -34.66 -20.38 -1.46
C ALA B 542 -33.23 -20.92 -1.65
N LYS B 543 -33.10 -22.20 -1.99
CA LYS B 543 -31.77 -22.79 -2.16
C LYS B 543 -31.03 -22.19 -3.34
N GLU B 544 -31.76 -21.88 -4.42
CA GLU B 544 -31.11 -21.32 -5.60
C GLU B 544 -30.90 -19.82 -5.47
N ALA B 545 -31.84 -19.11 -4.82
CA ALA B 545 -31.67 -17.68 -4.62
C ALA B 545 -30.50 -17.38 -3.71
N GLY B 546 -30.30 -18.17 -2.65
CA GLY B 546 -29.21 -17.92 -1.73
C GLY B 546 -27.86 -18.28 -2.30
N ASN B 547 -26.82 -17.67 -1.73
CA ASN B 547 -25.46 -17.94 -2.17
C ASN B 547 -25.01 -19.33 -1.74
N MET B 548 -25.26 -19.71 -0.49
CA MET B 548 -24.82 -20.99 0.05
C MET B 548 -26.01 -21.78 0.58
N VAL B 549 -25.82 -23.09 0.66
CA VAL B 549 -26.82 -24.00 1.20
C VAL B 549 -26.18 -24.78 2.35
N ASP B 550 -26.85 -24.79 3.50
CA ASP B 550 -26.38 -25.51 4.67
C ASP B 550 -27.08 -26.86 4.73
N LEU B 551 -26.30 -27.94 4.67
CA LEU B 551 -26.87 -29.29 4.67
C LEU B 551 -27.38 -29.71 6.04
N ASP B 552 -26.90 -29.10 7.11
CA ASP B 552 -27.32 -29.46 8.47
C ASP B 552 -28.49 -28.63 8.95
N SER B 553 -28.99 -27.69 8.15
CA SER B 553 -30.10 -26.81 8.53
C SER B 553 -29.81 -26.11 9.86
N ASN B 554 -28.60 -25.59 10.01
CA ASN B 554 -28.19 -24.93 11.24
C ASN B 554 -28.36 -23.43 11.09
N PRO B 555 -29.22 -22.78 11.87
CA PRO B 555 -29.35 -21.32 11.76
C PRO B 555 -28.07 -20.57 12.09
N THR B 556 -27.20 -21.14 12.93
CA THR B 556 -25.94 -20.52 13.32
C THR B 556 -24.76 -21.05 12.52
N LYS B 557 -24.99 -21.48 11.27
CA LYS B 557 -23.91 -22.01 10.45
C LYS B 557 -23.00 -20.92 9.92
N LEU B 558 -23.35 -19.64 10.09
CA LEU B 558 -22.50 -18.56 9.65
C LEU B 558 -21.16 -18.55 10.37
N ILE B 559 -21.10 -19.13 11.56
CA ILE B 559 -19.83 -19.18 12.30
C ILE B 559 -18.78 -19.95 11.53
N GLU B 560 -19.16 -21.11 10.97
CA GLU B 560 -18.22 -21.90 10.19
C GLU B 560 -17.84 -21.18 8.90
N VAL B 561 -18.80 -20.48 8.29
CA VAL B 561 -18.50 -19.73 7.07
C VAL B 561 -17.54 -18.59 7.36
N VAL B 562 -17.70 -17.93 8.50
CA VAL B 562 -16.77 -16.88 8.90
C VAL B 562 -15.38 -17.46 9.13
N HIS B 563 -15.30 -18.62 9.79
CA HIS B 563 -14.02 -19.27 10.03
C HIS B 563 -13.23 -19.46 8.74
N ILE B 564 -13.78 -20.22 7.80
CA ILE B 564 -13.05 -20.54 6.57
C ILE B 564 -12.83 -19.29 5.73
N GLY B 565 -13.83 -18.41 5.65
CA GLY B 565 -13.67 -17.19 4.88
C GLY B 565 -12.54 -16.32 5.39
N LYS B 566 -12.44 -16.17 6.71
CA LYS B 566 -11.33 -15.43 7.28
C LYS B 566 -10.03 -16.22 7.23
N GLN B 567 -10.11 -17.56 7.33
CA GLN B 567 -8.92 -18.38 7.28
C GLN B 567 -8.20 -18.25 5.94
N MET B 568 -8.96 -18.25 4.84
CA MET B 568 -8.35 -18.12 3.52
C MET B 568 -7.64 -16.77 3.37
N LEU B 569 -8.27 -15.69 3.82
CA LEU B 569 -7.63 -14.38 3.76
C LEU B 569 -6.41 -14.32 4.68
N MET B 570 -6.52 -14.88 5.88
CA MET B 570 -5.41 -14.84 6.82
C MET B 570 -4.24 -15.68 6.34
N THR B 571 -4.51 -16.85 5.75
CA THR B 571 -3.43 -17.69 5.24
C THR B 571 -2.68 -17.00 4.11
N ARG B 572 -3.42 -16.34 3.21
CA ARG B 572 -2.76 -15.62 2.12
C ARG B 572 -1.92 -14.46 2.64
N GLY B 573 -2.46 -13.68 3.57
CA GLY B 573 -1.72 -12.56 4.12
C GLY B 573 -0.52 -12.99 4.94
N SER B 574 -0.70 -14.01 5.79
CA SER B 574 0.40 -14.47 6.63
C SER B 574 1.53 -15.07 5.80
N LEU B 575 1.19 -15.87 4.79
CA LEU B 575 2.22 -16.47 3.95
C LEU B 575 2.93 -15.42 3.09
N THR B 576 2.20 -14.40 2.65
CA THR B 576 2.83 -13.32 1.89
C THR B 576 3.84 -12.57 2.76
N THR B 577 3.46 -12.24 4.00
CA THR B 577 4.39 -11.60 4.92
C THR B 577 5.56 -12.52 5.25
N PHE B 578 5.29 -13.82 5.40
CA PHE B 578 6.35 -14.78 5.67
C PHE B 578 7.36 -14.83 4.53
N SER B 579 6.87 -14.84 3.28
CA SER B 579 7.78 -14.95 2.14
C SER B 579 8.66 -13.71 2.00
N ILE B 580 8.08 -12.52 2.16
CA ILE B 580 8.85 -11.29 2.02
C ILE B 580 9.89 -11.18 3.13
N ALA B 581 9.51 -11.50 4.37
CA ALA B 581 10.45 -11.45 5.48
C ALA B 581 11.53 -12.51 5.36
N ASN B 582 11.31 -13.55 4.56
CA ASN B 582 12.32 -14.59 4.37
C ASN B 582 13.51 -14.10 3.56
N ASP B 583 13.37 -12.97 2.86
CA ASP B 583 14.44 -12.49 1.98
C ASP B 583 15.61 -11.89 2.76
N VAL B 584 15.40 -11.51 4.02
CA VAL B 584 16.48 -10.86 4.78
C VAL B 584 17.64 -11.83 4.99
N ALA B 585 17.33 -13.08 5.36
CA ALA B 585 18.39 -14.06 5.55
C ALA B 585 18.97 -14.53 4.22
N LYS B 586 18.18 -14.48 3.15
CA LYS B 586 18.70 -14.85 1.83
C LYS B 586 19.79 -13.88 1.38
N TYR B 587 19.63 -12.59 1.70
CA TYR B 587 20.65 -11.62 1.35
C TYR B 587 21.92 -11.83 2.15
N PHE B 588 21.79 -12.19 3.43
CA PHE B 588 22.96 -12.42 4.27
C PHE B 588 23.69 -13.70 3.92
N ALA B 589 23.07 -14.59 3.14
CA ALA B 589 23.68 -15.86 2.77
C ALA B 589 24.23 -15.89 1.36
N ILE B 590 23.68 -15.10 0.45
CA ILE B 590 24.07 -15.15 -0.95
C ILE B 590 24.97 -13.98 -1.32
N ILE B 591 24.67 -12.77 -0.85
CA ILE B 591 25.47 -11.59 -1.22
C ILE B 591 26.93 -11.74 -0.83
N PRO B 592 27.28 -12.13 0.42
CA PRO B 592 28.69 -12.38 0.71
C PRO B 592 29.28 -13.51 -0.13
N ALA B 593 28.49 -14.53 -0.45
CA ALA B 593 28.99 -15.65 -1.24
C ALA B 593 29.15 -15.27 -2.71
N ALA B 594 28.22 -14.48 -3.24
CA ALA B 594 28.24 -14.15 -4.66
C ALA B 594 29.49 -13.36 -5.03
N PHE B 595 29.89 -12.42 -4.19
CA PHE B 595 31.02 -11.54 -4.45
C PHE B 595 32.20 -11.86 -3.53
N ALA B 596 32.43 -13.14 -3.27
CA ALA B 596 33.55 -13.53 -2.41
C ALA B 596 34.89 -13.23 -3.08
N ALA B 597 34.94 -13.26 -4.42
CA ALA B 597 36.18 -12.99 -5.13
C ALA B 597 36.24 -11.56 -5.68
N THR B 598 35.09 -11.00 -6.06
CA THR B 598 35.09 -9.64 -6.59
C THR B 598 35.28 -8.61 -5.49
N TYR B 599 34.81 -8.92 -4.29
CA TYR B 599 34.89 -8.03 -3.13
C TYR B 599 35.05 -8.88 -1.88
N PRO B 600 36.29 -9.27 -1.55
CA PRO B 600 36.50 -10.11 -0.35
C PRO B 600 36.10 -9.43 0.95
N GLN B 601 36.06 -8.09 0.98
CA GLN B 601 35.68 -7.39 2.20
C GLN B 601 34.22 -7.62 2.56
N LEU B 602 33.39 -8.07 1.62
CA LEU B 602 31.98 -8.29 1.90
C LEU B 602 31.73 -9.55 2.72
N ASN B 603 32.76 -10.35 2.98
CA ASN B 603 32.60 -11.56 3.79
C ASN B 603 32.24 -11.23 5.23
N ALA B 604 32.43 -9.98 5.66
CA ALA B 604 32.05 -9.59 7.01
C ALA B 604 30.54 -9.69 7.25
N LEU B 605 29.74 -9.74 6.19
CA LEU B 605 28.30 -9.90 6.31
C LEU B 605 27.88 -11.34 6.44
N ASN B 606 28.82 -12.29 6.41
CA ASN B 606 28.52 -13.71 6.61
C ASN B 606 28.30 -13.97 8.10
N ILE B 607 27.18 -13.43 8.61
CA ILE B 607 26.89 -13.52 10.04
C ILE B 607 26.58 -14.96 10.44
N MET B 608 26.03 -15.75 9.52
CA MET B 608 25.75 -17.15 9.81
C MET B 608 26.99 -18.03 9.76
N CYS B 609 28.14 -17.48 9.34
CA CYS B 609 29.40 -18.23 9.27
C CYS B 609 29.25 -19.49 8.43
N LEU B 610 28.70 -19.32 7.23
CA LEU B 610 28.50 -20.45 6.33
C LEU B 610 29.83 -20.96 5.82
N HIS B 611 29.88 -22.28 5.57
CA HIS B 611 31.15 -22.95 5.30
C HIS B 611 31.80 -22.40 4.03
N SER B 612 31.14 -22.54 2.89
CA SER B 612 31.73 -22.18 1.62
C SER B 612 30.78 -21.27 0.85
N PRO B 613 31.32 -20.41 -0.03
CA PRO B 613 30.42 -19.61 -0.89
C PRO B 613 29.50 -20.46 -1.74
N ASP B 614 29.98 -21.60 -2.25
CA ASP B 614 29.11 -22.51 -2.98
C ASP B 614 28.08 -23.15 -2.06
N SER B 615 28.50 -23.53 -0.86
CA SER B 615 27.56 -24.11 0.10
C SER B 615 26.57 -23.08 0.61
N ALA B 616 26.96 -21.80 0.63
CA ALA B 616 26.06 -20.75 1.08
C ALA B 616 24.90 -20.56 0.10
N ILE B 617 25.19 -20.57 -1.19
CA ILE B 617 24.14 -20.41 -2.20
C ILE B 617 23.26 -21.66 -2.25
N LEU B 618 23.87 -22.84 -2.16
CA LEU B 618 23.09 -24.08 -2.19
C LEU B 618 22.15 -24.18 -1.00
N SER B 619 22.61 -23.78 0.19
CA SER B 619 21.76 -23.88 1.37
C SER B 619 20.55 -22.96 1.27
N ALA B 620 20.72 -21.80 0.65
CA ALA B 620 19.58 -20.90 0.46
C ALA B 620 18.59 -21.48 -0.54
N VAL B 621 19.09 -22.12 -1.60
CA VAL B 621 18.20 -22.72 -2.59
C VAL B 621 17.47 -23.92 -1.99
N ILE B 622 18.18 -24.74 -1.22
CA ILE B 622 17.55 -25.91 -0.60
C ILE B 622 16.46 -25.48 0.37
N PHE B 623 16.74 -24.47 1.19
CA PHE B 623 15.73 -23.95 2.10
C PHE B 623 14.54 -23.39 1.35
N ASN B 624 14.79 -22.73 0.22
CA ASN B 624 13.71 -22.16 -0.58
C ASN B 624 12.75 -23.23 -1.06
N ALA B 625 13.27 -24.39 -1.47
CA ALA B 625 12.43 -25.49 -1.89
C ALA B 625 11.77 -26.21 -0.72
N LEU B 626 12.49 -26.41 0.38
CA LEU B 626 11.96 -27.20 1.48
C LEU B 626 10.90 -26.45 2.28
N ILE B 627 10.95 -25.11 2.29
CA ILE B 627 9.97 -24.35 3.06
C ILE B 627 8.59 -24.49 2.45
N ILE B 628 8.50 -24.71 1.13
CA ILE B 628 7.20 -24.89 0.50
C ILE B 628 6.54 -26.19 0.98
N VAL B 629 7.31 -27.28 0.98
CA VAL B 629 6.77 -28.57 1.40
C VAL B 629 6.46 -28.56 2.90
N PHE B 630 7.26 -27.83 3.70
CA PHE B 630 7.01 -27.79 5.14
C PHE B 630 5.78 -26.98 5.50
N LEU B 631 5.36 -26.05 4.64
CA LEU B 631 4.18 -25.25 4.88
C LEU B 631 2.94 -25.77 4.16
N ILE B 632 3.02 -26.98 3.58
CA ILE B 632 1.85 -27.57 2.93
C ILE B 632 0.71 -27.80 3.90
N PRO B 633 0.91 -28.39 5.09
CA PRO B 633 -0.22 -28.54 6.02
C PRO B 633 -0.82 -27.22 6.45
N LEU B 634 -0.01 -26.17 6.57
CA LEU B 634 -0.54 -24.86 6.92
C LEU B 634 -1.47 -24.32 5.82
N ALA B 635 -1.09 -24.51 4.56
CA ALA B 635 -1.93 -24.05 3.46
C ALA B 635 -3.22 -24.88 3.37
N LEU B 636 -3.12 -26.18 3.62
CA LEU B 636 -4.30 -27.04 3.54
C LEU B 636 -5.26 -26.79 4.70
N LYS B 637 -4.74 -26.56 5.89
CA LYS B 637 -5.58 -26.33 7.06
C LYS B 637 -5.92 -24.87 7.26
N GLY B 638 -5.02 -23.95 6.90
CA GLY B 638 -5.26 -22.54 7.08
C GLY B 638 -4.73 -22.03 8.41
N VAL B 639 -4.55 -20.70 8.48
CA VAL B 639 -4.11 -20.06 9.71
C VAL B 639 -5.23 -20.16 10.74
N SER B 640 -4.88 -20.57 11.96
CA SER B 640 -5.88 -20.77 13.00
C SER B 640 -6.58 -19.45 13.32
N TYR B 641 -7.91 -19.52 13.41
CA TYR B 641 -8.74 -18.36 13.69
C TYR B 641 -9.03 -18.25 15.18
N LYS B 642 -8.97 -17.02 15.69
CA LYS B 642 -9.28 -16.74 17.08
C LYS B 642 -10.16 -15.51 17.16
N PRO B 643 -11.21 -15.53 17.99
CA PRO B 643 -12.11 -14.37 18.11
C PRO B 643 -11.46 -13.21 18.84
N LEU B 644 -10.56 -12.50 18.18
CA LEU B 644 -9.85 -11.37 18.75
C LEU B 644 -10.21 -10.10 18.00
N THR B 645 -9.79 -8.97 18.55
CA THR B 645 -10.00 -7.69 17.88
C THR B 645 -9.06 -7.56 16.68
N ALA B 646 -9.34 -6.56 15.84
CA ALA B 646 -8.53 -6.36 14.65
C ALA B 646 -7.10 -6.01 14.99
N SER B 647 -6.90 -5.19 16.03
CA SER B 647 -5.54 -4.80 16.41
C SER B 647 -4.83 -5.92 17.17
N ALA B 648 -5.59 -6.90 17.65
CA ALA B 648 -4.96 -8.01 18.35
C ALA B 648 -4.70 -9.18 17.42
N MET B 649 -5.58 -9.38 16.44
CA MET B 649 -5.34 -10.42 15.44
C MET B 649 -4.17 -10.06 14.54
N LEU B 650 -4.07 -8.79 14.16
CA LEU B 650 -2.92 -8.34 13.37
C LEU B 650 -1.62 -8.45 14.16
N ARG B 651 -1.66 -8.11 15.46
CA ARG B 651 -0.47 -8.19 16.29
C ARG B 651 0.02 -9.63 16.41
N ARG B 652 -0.90 -10.58 16.61
CA ARG B 652 -0.51 -11.98 16.75
C ARG B 652 0.02 -12.52 15.42
N ASN B 653 -0.60 -12.14 14.30
CA ASN B 653 -0.15 -12.65 13.01
C ASN B 653 1.19 -12.03 12.62
N LEU B 654 1.44 -10.79 13.03
CA LEU B 654 2.71 -10.16 12.71
C LEU B 654 3.84 -10.69 13.60
N TRP B 655 3.49 -11.35 14.70
CA TRP B 655 4.52 -11.91 15.57
C TRP B 655 4.90 -13.33 15.16
N ILE B 656 3.96 -14.07 14.58
CA ILE B 656 4.22 -15.46 14.20
C ILE B 656 4.85 -15.52 12.81
N TYR B 657 4.33 -14.74 11.87
CA TYR B 657 4.78 -14.79 10.48
C TYR B 657 5.64 -13.61 10.08
N GLY B 658 5.52 -12.47 10.75
CA GLY B 658 6.38 -11.35 10.49
C GLY B 658 7.75 -11.53 11.12
N LEU B 659 7.79 -11.61 12.45
CA LEU B 659 9.05 -11.88 13.13
C LEU B 659 9.54 -13.29 12.85
N GLY B 660 8.61 -14.26 12.79
CA GLY B 660 9.00 -15.63 12.50
C GLY B 660 9.62 -15.78 11.12
N GLY B 661 9.13 -15.00 10.15
CA GLY B 661 9.71 -15.05 8.82
C GLY B 661 11.09 -14.43 8.76
N LEU B 662 11.43 -13.57 9.72
CA LEU B 662 12.75 -12.98 9.77
C LEU B 662 13.79 -13.95 10.34
N LEU B 663 13.37 -14.85 11.23
CA LEU B 663 14.30 -15.69 11.98
C LEU B 663 14.37 -17.12 11.49
N VAL B 664 13.29 -17.65 10.91
CA VAL B 664 13.30 -19.05 10.47
C VAL B 664 14.37 -19.32 9.41
N PRO B 665 14.51 -18.52 8.35
CA PRO B 665 15.54 -18.83 7.35
C PRO B 665 16.95 -18.81 7.90
N PHE B 666 17.23 -17.98 8.91
CA PHE B 666 18.56 -17.96 9.51
C PHE B 666 18.90 -19.31 10.12
N ILE B 667 17.96 -19.90 10.86
CA ILE B 667 18.18 -21.22 11.43
C ILE B 667 18.17 -22.29 10.34
N GLY B 668 17.22 -22.18 9.40
CA GLY B 668 17.08 -23.22 8.40
C GLY B 668 18.28 -23.32 7.46
N ILE B 669 18.80 -22.17 7.01
CA ILE B 669 19.96 -22.18 6.14
C ILE B 669 21.20 -22.68 6.89
N LYS B 670 21.33 -22.29 8.16
CA LYS B 670 22.48 -22.74 8.94
C LYS B 670 22.47 -24.25 9.15
N VAL B 671 21.30 -24.82 9.44
CA VAL B 671 21.20 -26.26 9.64
C VAL B 671 21.51 -27.00 8.34
N ILE B 672 20.97 -26.52 7.21
CA ILE B 672 21.24 -27.16 5.93
C ILE B 672 22.72 -27.07 5.59
N ASP B 673 23.34 -25.92 5.82
CA ASP B 673 24.77 -25.77 5.56
C ASP B 673 25.59 -26.71 6.44
N LEU B 674 25.22 -26.84 7.71
CA LEU B 674 25.92 -27.76 8.60
C LEU B 674 25.77 -29.20 8.14
N LEU B 675 24.57 -29.58 7.67
CA LEU B 675 24.35 -30.94 7.19
C LEU B 675 25.19 -31.23 5.96
N LEU B 676 25.28 -30.27 5.03
CA LEU B 676 26.08 -30.45 3.83
C LEU B 676 27.56 -30.63 4.18
N THR B 677 28.06 -29.85 5.14
CA THR B 677 29.46 -29.98 5.55
C THR B 677 29.72 -31.34 6.19
N VAL B 678 28.79 -31.82 7.02
CA VAL B 678 28.98 -33.11 7.68
C VAL B 678 28.99 -34.24 6.66
N CYS B 679 28.07 -34.20 5.69
CA CYS B 679 28.00 -35.25 4.68
C CYS B 679 29.15 -35.20 3.69
N GLY B 680 29.95 -34.13 3.69
CA GLY B 680 31.07 -34.01 2.78
C GLY B 680 30.72 -33.57 1.38
N LEU B 681 29.47 -33.17 1.13
CA LEU B 681 29.09 -32.73 -0.20
C LEU B 681 29.73 -31.39 -0.55
N VAL B 682 29.95 -30.53 0.43
CA VAL B 682 30.55 -29.23 0.19
C VAL B 682 31.89 -29.12 0.92
N GLY C 3 -10.82 24.38 -23.87
CA GLY C 3 -10.11 24.42 -22.61
C GLY C 3 -8.70 24.99 -22.73
N LEU C 4 -8.41 25.60 -23.87
CA LEU C 4 -7.11 26.21 -24.11
C LEU C 4 -6.96 27.56 -23.44
N ARG C 5 -8.04 28.34 -23.36
CA ARG C 5 -7.96 29.66 -22.74
C ARG C 5 -7.59 29.59 -21.26
N PRO C 6 -8.21 28.75 -20.42
CA PRO C 6 -7.75 28.66 -19.02
C PRO C 6 -6.30 28.23 -18.88
N ALA C 7 -5.83 27.34 -19.76
CA ALA C 7 -4.46 26.88 -19.67
C ALA C 7 -3.47 27.99 -20.02
N LEU C 8 -3.73 28.71 -21.10
CA LEU C 8 -2.83 29.77 -21.53
C LEU C 8 -2.84 30.95 -20.55
N SER C 9 -4.02 31.30 -20.03
CA SER C 9 -4.14 32.45 -19.15
C SER C 9 -3.52 32.18 -17.79
N THR C 10 -3.62 30.94 -17.31
CA THR C 10 -3.06 30.61 -16.00
C THR C 10 -1.54 30.58 -16.05
N PHE C 11 -0.97 30.01 -17.10
CA PHE C 11 0.48 29.93 -17.21
C PHE C 11 1.11 31.31 -17.41
N ILE C 12 0.52 32.13 -18.28
CA ILE C 12 1.07 33.45 -18.56
C ILE C 12 0.98 34.34 -17.32
N PHE C 13 -0.17 34.34 -16.64
CA PHE C 13 -0.32 35.17 -15.46
C PHE C 13 0.63 34.74 -14.35
N LEU C 14 0.77 33.43 -14.14
CA LEU C 14 1.68 32.95 -13.10
C LEU C 14 3.13 33.21 -13.47
N LEU C 15 3.47 33.14 -14.77
CA LEU C 15 4.82 33.47 -15.21
C LEU C 15 5.15 34.92 -14.92
N LEU C 16 4.20 35.82 -15.17
CA LEU C 16 4.42 37.24 -14.90
C LEU C 16 4.56 37.52 -13.41
N ILE C 17 3.75 36.86 -12.58
CA ILE C 17 3.79 37.10 -11.14
C ILE C 17 5.08 36.55 -10.54
N THR C 18 5.43 35.32 -10.87
CA THR C 18 6.60 34.69 -10.27
C THR C 18 7.91 35.11 -10.92
N GLY C 19 7.88 35.54 -12.17
CA GLY C 19 9.11 35.89 -12.87
C GLY C 19 9.33 37.36 -13.08
N GLY C 20 8.29 38.18 -12.88
CA GLY C 20 8.42 39.61 -13.14
C GLY C 20 7.86 40.50 -12.06
N VAL C 21 7.16 39.92 -11.08
CA VAL C 21 6.59 40.68 -9.98
C VAL C 21 7.21 40.27 -8.65
N TYR C 22 7.28 38.97 -8.38
CA TYR C 22 7.93 38.50 -7.17
C TYR C 22 9.40 38.90 -7.09
N PRO C 23 10.23 38.71 -8.12
CA PRO C 23 11.63 39.18 -8.00
C PRO C 23 11.77 40.68 -7.97
N LEU C 24 10.92 41.41 -8.69
CA LEU C 24 11.00 42.88 -8.66
C LEU C 24 10.67 43.41 -7.28
N LEU C 25 9.63 42.87 -6.64
CA LEU C 25 9.28 43.30 -5.29
C LEU C 25 10.39 42.94 -4.31
N THR C 26 10.98 41.75 -4.44
CA THR C 26 12.07 41.35 -3.56
C THR C 26 13.28 42.27 -3.74
N THR C 27 13.61 42.60 -4.99
CA THR C 27 14.75 43.47 -5.25
C THR C 27 14.52 44.87 -4.71
N VAL C 28 13.31 45.42 -4.92
CA VAL C 28 13.02 46.77 -4.46
C VAL C 28 13.06 46.84 -2.94
N LEU C 29 12.46 45.84 -2.27
CA LEU C 29 12.44 45.85 -0.81
C LEU C 29 13.81 45.51 -0.25
N GLY C 30 14.55 44.62 -0.89
CA GLY C 30 15.88 44.27 -0.42
C GLY C 30 16.86 45.43 -0.52
N GLN C 31 16.85 46.15 -1.64
CA GLN C 31 17.75 47.28 -1.82
C GLN C 31 17.37 48.46 -0.94
N TRP C 32 16.10 48.57 -0.55
CA TRP C 32 15.67 49.69 0.28
C TRP C 32 16.03 49.45 1.74
N TRP C 33 15.82 48.22 2.24
CA TRP C 33 16.02 47.93 3.65
C TRP C 33 17.45 47.50 3.97
N PHE C 34 18.07 46.68 3.11
CA PHE C 34 19.42 46.16 3.34
C PHE C 34 20.25 46.37 2.08
N PRO C 35 20.58 47.62 1.75
CA PRO C 35 21.38 47.85 0.53
C PRO C 35 22.75 47.20 0.56
N TRP C 36 23.41 47.18 1.72
CA TRP C 36 24.79 46.67 1.78
C TRP C 36 24.84 45.17 1.57
N GLN C 37 23.98 44.42 2.25
CA GLN C 37 23.98 42.97 2.11
C GLN C 37 23.51 42.55 0.72
N ALA C 38 22.51 43.24 0.18
CA ALA C 38 21.97 42.89 -1.12
C ALA C 38 22.96 43.14 -2.25
N ASN C 39 23.97 43.98 -2.03
CA ASN C 39 24.95 44.31 -3.04
C ASN C 39 26.26 43.54 -2.88
N GLY C 40 26.29 42.57 -1.97
CA GLY C 40 27.44 41.70 -1.81
C GLY C 40 28.26 41.91 -0.56
N SER C 41 27.84 42.80 0.35
CA SER C 41 28.57 43.10 1.57
C SER C 41 30.03 43.46 1.26
N LEU C 42 30.20 44.32 0.26
CA LEU C 42 31.54 44.66 -0.21
C LEU C 42 32.30 45.49 0.82
N ILE C 43 33.59 45.20 0.95
CA ILE C 43 34.49 45.97 1.80
C ILE C 43 35.26 46.93 0.90
N ARG C 44 35.15 48.23 1.18
CA ARG C 44 35.75 49.26 0.35
C ARG C 44 36.68 50.12 1.18
N GLU C 45 37.87 50.38 0.65
CA GLU C 45 38.78 51.42 1.13
C GLU C 45 39.06 52.29 -0.09
N GLY C 46 38.90 53.59 0.07
CA GLY C 46 39.00 54.52 -1.04
C GLY C 46 37.96 54.22 -2.11
N ASP C 47 38.40 54.13 -3.36
CA ASP C 47 37.51 53.85 -4.48
C ASP C 47 37.67 52.43 -5.01
N THR C 48 38.37 51.55 -4.30
CA THR C 48 38.62 50.20 -4.76
C THR C 48 38.02 49.19 -3.78
N VAL C 49 37.33 48.20 -4.33
CA VAL C 49 36.73 47.13 -3.54
C VAL C 49 37.82 46.14 -3.18
N ARG C 50 37.98 45.88 -1.88
CA ARG C 50 39.00 44.96 -1.40
C ARG C 50 38.47 43.54 -1.21
N GLY C 51 37.19 43.31 -1.44
CA GLY C 51 36.61 42.00 -1.31
C GLY C 51 35.23 42.09 -0.69
N SER C 52 34.64 40.93 -0.45
CA SER C 52 33.34 40.81 0.20
C SER C 52 33.53 40.18 1.57
N ALA C 53 32.74 40.64 2.54
CA ALA C 53 32.82 40.11 3.90
C ALA C 53 32.37 38.66 3.99
N LEU C 54 31.71 38.12 2.96
CA LEU C 54 31.25 36.74 2.96
C LEU C 54 32.07 35.82 2.07
N ILE C 55 32.92 36.36 1.21
CA ILE C 55 33.70 35.57 0.26
C ILE C 55 35.15 35.51 0.76
N GLY C 56 35.67 34.29 0.90
CA GLY C 56 37.03 34.12 1.34
C GLY C 56 38.04 34.42 0.25
N GLN C 57 39.27 34.67 0.67
CA GLN C 57 40.36 34.96 -0.24
C GLN C 57 41.53 34.03 0.04
N ASN C 58 42.45 33.96 -0.92
CA ASN C 58 43.63 33.11 -0.81
C ASN C 58 44.76 33.89 -0.17
N PHE C 59 45.03 33.61 1.11
CA PHE C 59 46.11 34.24 1.84
C PHE C 59 47.30 33.29 1.91
N THR C 60 48.47 33.77 1.48
CA THR C 60 49.68 32.95 1.46
C THR C 60 50.85 33.56 2.22
N GLY C 61 50.70 34.76 2.77
CA GLY C 61 51.81 35.40 3.44
C GLY C 61 52.06 34.83 4.83
N ASN C 62 53.13 35.32 5.46
CA ASN C 62 53.47 34.83 6.78
C ASN C 62 52.80 35.65 7.87
N GLY C 63 52.51 36.92 7.60
CA GLY C 63 51.83 37.78 8.54
C GLY C 63 50.32 37.76 8.45
N TYR C 64 49.75 36.87 7.65
CA TYR C 64 48.31 36.78 7.46
C TYR C 64 47.79 35.46 8.01
N PHE C 65 46.60 35.50 8.59
CA PHE C 65 45.92 34.27 8.98
C PHE C 65 45.45 33.52 7.75
N HIS C 66 45.72 32.22 7.72
CA HIS C 66 45.43 31.38 6.56
C HIS C 66 44.12 30.63 6.77
N GLY C 67 43.28 30.62 5.74
CA GLY C 67 42.02 29.92 5.77
C GLY C 67 42.14 28.48 5.30
N ARG C 68 40.98 27.87 5.11
CA ARG C 68 40.93 26.48 4.68
C ARG C 68 41.31 26.35 3.20
N PRO C 69 41.76 25.18 2.77
CA PRO C 69 42.06 24.96 1.36
C PRO C 69 40.81 25.15 0.51
N SER C 70 41.02 25.63 -0.73
CA SER C 70 39.95 25.87 -1.68
C SER C 70 40.20 25.05 -2.92
N ALA C 71 39.26 24.17 -3.26
CA ALA C 71 39.38 23.31 -4.44
C ALA C 71 38.60 23.90 -5.62
N THR C 72 38.94 25.13 -5.97
CA THR C 72 38.34 25.77 -7.14
C THR C 72 39.10 25.36 -8.40
N ALA C 73 38.49 25.65 -9.55
CA ALA C 73 38.97 25.11 -10.81
C ALA C 73 40.34 25.69 -11.19
N GLU C 74 40.39 27.01 -11.42
CA GLU C 74 41.61 27.61 -11.95
C GLU C 74 42.62 27.90 -10.84
N MET C 75 42.24 28.74 -9.89
CA MET C 75 43.09 29.14 -8.78
C MET C 75 42.30 29.00 -7.48
N PRO C 76 42.98 28.83 -6.35
CA PRO C 76 42.27 28.73 -5.07
C PRO C 76 41.46 29.99 -4.79
N TYR C 77 40.27 29.79 -4.21
CA TYR C 77 39.34 30.87 -3.91
C TYR C 77 38.97 31.67 -5.16
N ASN C 78 38.43 30.95 -6.14
CA ASN C 78 37.96 31.55 -7.38
C ASN C 78 36.44 31.61 -7.37
N PRO C 79 35.84 32.79 -7.24
CA PRO C 79 34.36 32.86 -7.17
C PRO C 79 33.69 32.53 -8.48
N GLN C 80 34.41 32.53 -9.60
CA GLN C 80 33.82 32.15 -10.89
C GLN C 80 33.63 30.64 -11.03
N ALA C 81 34.32 29.84 -10.23
CA ALA C 81 34.12 28.39 -10.22
C ALA C 81 33.99 27.91 -8.78
N SER C 82 32.77 27.97 -8.24
CA SER C 82 32.54 27.55 -6.87
C SER C 82 32.26 26.05 -6.81
N GLY C 83 32.85 25.39 -5.83
CA GLY C 83 32.63 23.97 -5.65
C GLY C 83 33.68 23.36 -4.75
N GLY C 84 33.44 22.09 -4.41
CA GLY C 84 34.37 21.34 -3.58
C GLY C 84 35.24 20.41 -4.40
N SER C 85 36.09 19.65 -3.69
CA SER C 85 36.96 18.70 -4.34
C SER C 85 36.21 17.43 -4.74
N ASN C 86 35.17 17.07 -3.99
CA ASN C 86 34.38 15.86 -4.24
C ASN C 86 35.26 14.61 -4.21
N LEU C 87 36.28 14.62 -3.35
CA LEU C 87 37.18 13.50 -3.21
C LEU C 87 36.67 12.56 -2.13
N ALA C 88 36.63 11.27 -2.44
CA ALA C 88 36.11 10.29 -1.50
C ALA C 88 37.12 9.97 -0.41
N VAL C 89 36.62 9.38 0.67
CA VAL C 89 37.49 8.97 1.77
C VAL C 89 38.48 7.91 1.30
N SER C 90 38.01 6.95 0.51
CA SER C 90 38.85 5.86 0.02
C SER C 90 39.78 6.28 -1.12
N ASN C 91 39.60 7.47 -1.67
CA ASN C 91 40.44 7.91 -2.78
C ASN C 91 41.85 8.21 -2.28
N PRO C 92 42.88 7.54 -2.80
CA PRO C 92 44.25 7.82 -2.35
C PRO C 92 44.73 9.22 -2.67
N GLU C 93 44.11 9.91 -3.62
CA GLU C 93 44.52 11.27 -3.95
C GLU C 93 44.20 12.23 -2.82
N LEU C 94 43.17 11.92 -2.02
CA LEU C 94 42.85 12.76 -0.87
C LEU C 94 43.91 12.64 0.21
N ASP C 95 44.40 11.43 0.45
CA ASP C 95 45.45 11.23 1.43
C ASP C 95 46.73 11.95 1.02
N LYS C 96 47.05 11.94 -0.28
CA LYS C 96 48.23 12.65 -0.77
C LYS C 96 48.11 14.15 -0.54
N LEU C 97 46.93 14.72 -0.81
CA LEU C 97 46.72 16.15 -0.61
C LEU C 97 46.80 16.51 0.87
N ILE C 98 46.21 15.69 1.74
CA ILE C 98 46.22 15.99 3.17
C ILE C 98 47.64 15.95 3.72
N ALA C 99 48.42 14.94 3.30
CA ALA C 99 49.80 14.84 3.77
C ALA C 99 50.63 16.04 3.34
N ALA C 100 50.42 16.51 2.10
CA ALA C 100 51.13 17.69 1.64
C ALA C 100 50.74 18.93 2.45
N ARG C 101 49.45 19.09 2.75
CA ARG C 101 49.00 20.23 3.53
C ARG C 101 49.51 20.16 4.97
N VAL C 102 49.53 18.95 5.54
CA VAL C 102 50.04 18.79 6.91
C VAL C 102 51.51 19.15 6.99
N ALA C 103 52.30 18.68 6.02
CA ALA C 103 53.73 18.99 6.01
C ALA C 103 53.97 20.48 5.79
N ALA C 104 53.21 21.09 4.89
CA ALA C 104 53.38 22.53 4.61
C ALA C 104 53.01 23.35 5.84
N LEU C 105 51.92 23.02 6.52
CA LEU C 105 51.52 23.76 7.71
C LEU C 105 52.51 23.54 8.84
N ARG C 106 53.03 22.32 8.98
CA ARG C 106 53.97 22.02 10.06
C ARG C 106 55.25 22.82 9.90
N ALA C 107 55.75 22.94 8.68
CA ALA C 107 56.98 23.71 8.45
C ALA C 107 56.75 25.20 8.65
N ALA C 108 55.57 25.70 8.28
CA ALA C 108 55.28 27.12 8.41
C ALA C 108 54.90 27.51 9.83
N ASN C 109 54.61 26.53 10.70
CA ASN C 109 54.25 26.77 12.08
C ASN C 109 55.09 25.88 12.98
N PRO C 110 56.40 26.18 13.11
CA PRO C 110 57.25 25.32 13.93
C PRO C 110 57.06 25.51 15.43
N ASP C 111 56.43 26.61 15.84
CA ASP C 111 56.20 26.89 17.25
C ASP C 111 54.82 26.45 17.72
N ALA C 112 54.04 25.81 16.86
CA ALA C 112 52.71 25.34 17.23
C ALA C 112 52.73 23.83 17.47
N SER C 113 51.59 23.30 17.89
CA SER C 113 51.47 21.87 18.14
C SER C 113 51.56 21.09 16.83
N ALA C 114 52.14 19.89 16.92
CA ALA C 114 52.26 19.04 15.73
C ALA C 114 50.92 18.57 15.22
N SER C 115 49.89 18.55 16.05
CA SER C 115 48.55 18.13 15.65
C SER C 115 47.87 19.30 14.96
N VAL C 116 47.86 19.28 13.63
CA VAL C 116 47.26 20.36 12.86
C VAL C 116 45.74 20.29 12.97
N PRO C 117 45.04 21.41 13.13
CA PRO C 117 43.58 21.37 13.11
C PRO C 117 43.05 20.80 11.79
N VAL C 118 41.96 20.05 11.89
CA VAL C 118 41.46 19.29 10.74
C VAL C 118 40.96 20.22 9.64
N GLU C 119 40.36 21.35 10.02
CA GLU C 119 39.77 22.23 9.02
C GLU C 119 40.83 22.87 8.11
N LEU C 120 42.05 23.05 8.61
CA LEU C 120 43.10 23.67 7.81
C LEU C 120 43.69 22.73 6.78
N VAL C 121 43.39 21.44 6.83
CA VAL C 121 43.88 20.47 5.86
C VAL C 121 42.77 19.92 4.97
N THR C 122 41.53 20.31 5.20
CA THR C 122 40.39 19.83 4.43
C THR C 122 39.77 20.98 3.65
N ALA C 123 39.51 20.76 2.38
CA ALA C 123 38.86 21.77 1.55
C ALA C 123 37.38 21.91 1.91
N SER C 124 36.86 23.12 1.75
CA SER C 124 35.46 23.38 2.07
C SER C 124 34.54 22.90 0.96
N ALA C 125 33.24 22.99 1.21
CA ALA C 125 32.26 22.50 0.23
C ALA C 125 32.04 23.51 -0.89
N SER C 126 32.46 24.76 -0.70
CA SER C 126 32.22 25.80 -1.68
C SER C 126 33.50 26.36 -2.29
N GLY C 127 34.64 26.19 -1.63
CA GLY C 127 35.88 26.76 -2.09
C GLY C 127 36.02 28.24 -1.82
N LEU C 128 35.06 28.86 -1.13
CA LEU C 128 35.10 30.27 -0.80
C LEU C 128 34.86 30.49 0.70
N ASP C 129 35.28 29.53 1.51
CA ASP C 129 35.06 29.61 2.95
C ASP C 129 35.93 30.70 3.55
N ASN C 130 35.28 31.73 4.09
CA ASN C 130 35.96 32.84 4.74
C ASN C 130 36.12 32.63 6.24
N ASN C 131 35.71 31.47 6.75
CA ASN C 131 35.61 31.24 8.18
C ASN C 131 36.46 30.06 8.62
N ILE C 132 37.09 30.20 9.78
CA ILE C 132 37.70 29.09 10.51
C ILE C 132 37.30 29.24 11.97
N THR C 133 37.40 28.14 12.71
CA THR C 133 37.05 28.16 14.11
C THR C 133 38.08 28.96 14.91
N PRO C 134 37.69 29.55 16.03
CA PRO C 134 38.66 30.29 16.85
C PRO C 134 39.87 29.47 17.26
N GLN C 135 39.68 28.18 17.59
CA GLN C 135 40.82 27.35 17.95
C GLN C 135 41.75 27.14 16.75
N ALA C 136 41.18 27.02 15.54
CA ALA C 136 42.01 26.93 14.35
C ALA C 136 42.81 28.21 14.13
N ALA C 137 42.19 29.36 14.36
CA ALA C 137 42.90 30.63 14.22
C ALA C 137 43.98 30.79 15.29
N ALA C 138 43.68 30.37 16.53
CA ALA C 138 44.65 30.48 17.61
C ALA C 138 45.87 29.59 17.38
N TRP C 139 45.73 28.51 16.60
CA TRP C 139 46.87 27.65 16.30
C TRP C 139 47.91 28.37 15.47
N GLN C 140 47.50 29.36 14.68
CA GLN C 140 48.40 30.14 13.84
C GLN C 140 48.95 31.38 14.53
N ILE C 141 48.60 31.60 15.81
CA ILE C 141 49.02 32.81 16.50
C ILE C 141 50.54 32.93 16.60
N PRO C 142 51.29 31.91 17.01
CA PRO C 142 52.75 32.09 17.13
C PRO C 142 53.43 32.46 15.82
N ARG C 143 52.92 31.98 14.68
CA ARG C 143 53.50 32.36 13.40
C ARG C 143 53.16 33.81 13.06
N VAL C 144 51.92 34.22 13.29
CA VAL C 144 51.52 35.59 12.99
C VAL C 144 52.17 36.57 13.97
N ALA C 145 52.26 36.19 15.24
CA ALA C 145 52.82 37.09 16.24
C ALA C 145 54.28 37.42 15.95
N LYS C 146 55.06 36.41 15.54
CA LYS C 146 56.47 36.66 15.24
C LYS C 146 56.63 37.46 13.95
N ALA C 147 55.82 37.14 12.93
CA ALA C 147 55.93 37.84 11.65
C ALA C 147 55.54 39.31 11.78
N ARG C 148 54.48 39.60 12.53
CA ARG C 148 53.96 40.95 12.67
C ARG C 148 54.51 41.68 13.89
N ASN C 149 55.40 41.04 14.65
CA ASN C 149 55.97 41.64 15.87
C ASN C 149 54.86 42.05 16.84
N LEU C 150 53.97 41.10 17.13
CA LEU C 150 52.86 41.31 18.05
C LEU C 150 52.91 40.24 19.14
N SER C 151 52.20 40.51 20.22
CA SER C 151 52.12 39.57 21.34
C SER C 151 50.88 38.70 21.22
N VAL C 152 50.84 37.66 22.06
CA VAL C 152 49.71 36.73 22.03
C VAL C 152 48.44 37.42 22.52
N GLU C 153 48.56 38.36 23.46
CA GLU C 153 47.38 38.99 24.05
C GLU C 153 46.61 39.80 23.01
N GLN C 154 47.32 40.54 22.16
CA GLN C 154 46.63 41.37 21.17
C GLN C 154 45.99 40.52 20.08
N LEU C 155 46.63 39.42 19.69
CA LEU C 155 46.08 38.58 18.63
C LEU C 155 44.82 37.86 19.11
N THR C 156 44.79 37.45 20.37
CA THR C 156 43.60 36.80 20.90
C THR C 156 42.42 37.77 20.96
N GLN C 157 42.69 39.03 21.31
CA GLN C 157 41.63 40.02 21.34
C GLN C 157 41.16 40.38 19.93
N LEU C 158 42.08 40.42 18.97
CA LEU C 158 41.69 40.73 17.59
C LEU C 158 40.90 39.57 16.98
N ILE C 159 41.28 38.34 17.30
CA ILE C 159 40.53 37.17 16.82
C ILE C 159 39.13 37.17 17.43
N ALA C 160 39.03 37.46 18.73
CA ALA C 160 37.72 37.49 19.38
C ALA C 160 36.86 38.63 18.87
N LYS C 161 37.48 39.75 18.49
CA LYS C 161 36.70 40.88 17.97
C LYS C 161 36.03 40.52 16.65
N TYR C 162 36.68 39.71 15.83
CA TYR C 162 36.14 39.27 14.54
C TYR C 162 35.65 37.82 14.59
N SER C 163 35.15 37.39 15.75
CA SER C 163 34.58 36.06 15.92
C SER C 163 33.09 36.18 16.17
N GLN C 164 32.29 35.39 15.45
CA GLN C 164 30.84 35.42 15.57
C GLN C 164 30.33 34.04 15.99
N GLN C 165 29.30 34.04 16.82
CA GLN C 165 28.67 32.83 17.31
C GLN C 165 27.19 32.86 17.01
N PRO C 166 26.57 31.69 16.79
CA PRO C 166 25.13 31.67 16.47
C PRO C 166 24.25 31.94 17.68
N LEU C 167 22.93 32.01 17.45
CA LEU C 167 22.00 32.25 18.56
C LEU C 167 22.07 31.12 19.57
N VAL C 168 22.11 29.87 19.10
CA VAL C 168 22.28 28.72 19.96
C VAL C 168 23.49 27.94 19.47
N LYS C 169 24.01 27.07 20.34
CA LYS C 169 25.32 26.47 20.11
C LYS C 169 25.26 25.29 19.15
N TYR C 170 24.06 24.76 18.88
CA TYR C 170 23.98 23.51 18.12
C TYR C 170 23.53 23.71 16.68
N ILE C 171 23.14 24.93 16.28
CA ILE C 171 22.78 25.20 14.88
C ILE C 171 23.97 25.65 14.05
N GLY C 172 25.07 26.01 14.69
CA GLY C 172 26.24 26.44 13.95
C GLY C 172 27.49 26.37 14.80
N GLN C 173 28.61 26.65 14.17
CA GLN C 173 29.91 26.66 14.82
C GLN C 173 30.41 28.08 14.96
N PRO C 174 31.13 28.40 16.04
CA PRO C 174 31.78 29.71 16.13
C PRO C 174 32.87 29.83 15.09
N VAL C 175 32.92 30.99 14.43
CA VAL C 175 33.80 31.19 13.28
C VAL C 175 34.47 32.56 13.37
N VAL C 176 35.55 32.71 12.61
CA VAL C 176 36.32 33.94 12.55
C VAL C 176 36.32 34.42 11.10
N ASN C 177 36.01 35.71 10.90
CA ASN C 177 36.04 36.31 9.57
C ASN C 177 37.50 36.54 9.19
N ILE C 178 38.00 35.71 8.29
CA ILE C 178 39.43 35.74 7.94
C ILE C 178 39.77 37.02 7.20
N VAL C 179 38.96 37.40 6.21
CA VAL C 179 39.24 38.59 5.40
C VAL C 179 39.22 39.83 6.29
N GLU C 180 38.19 39.95 7.13
CA GLU C 180 38.10 41.11 8.01
C GLU C 180 39.24 41.12 9.04
N LEU C 181 39.58 39.97 9.59
CA LEU C 181 40.68 39.90 10.55
C LEU C 181 42.01 40.26 9.91
N ASN C 182 42.26 39.76 8.69
CA ASN C 182 43.51 40.08 8.01
C ASN C 182 43.56 41.55 7.62
N LEU C 183 42.42 42.12 7.20
CA LEU C 183 42.40 43.54 6.87
C LEU C 183 42.69 44.39 8.09
N ALA C 184 42.13 44.04 9.25
CA ALA C 184 42.43 44.76 10.48
C ALA C 184 43.88 44.54 10.91
N LEU C 185 44.47 43.41 10.53
CA LEU C 185 45.87 43.16 10.86
C LEU C 185 46.79 44.12 10.11
N ASP C 186 46.36 44.57 8.93
CA ASP C 186 47.16 45.55 8.19
C ASP C 186 47.07 46.93 8.83
N LYS C 187 45.90 47.30 9.33
CA LYS C 187 45.74 48.60 9.97
C LYS C 187 46.52 48.64 11.29
N LEU C 188 46.53 47.54 12.03
CA LEU C 188 47.27 47.50 13.29
C LEU C 188 48.77 47.63 13.04
N ASP C 189 49.27 47.02 11.97
CA ASP C 189 50.69 47.12 11.65
C ASP C 189 51.04 48.50 11.11
N GLU C 190 50.06 49.23 10.58
CA GLU C 190 50.29 50.56 10.05
C GLU C 190 50.28 51.60 11.17
N MET D 1 29.79 -5.41 -28.60
CA MET D 1 29.26 -6.03 -27.39
C MET D 1 29.31 -7.55 -27.50
N SER D 2 29.50 -8.22 -26.36
CA SER D 2 29.59 -9.67 -26.33
C SER D 2 28.25 -10.30 -26.71
N ALA D 3 28.32 -11.50 -27.28
CA ALA D 3 27.10 -12.20 -27.69
C ALA D 3 26.32 -12.70 -26.48
N GLY D 4 26.98 -12.84 -25.32
CA GLY D 4 26.27 -13.24 -24.13
C GLY D 4 25.53 -12.10 -23.46
N VAL D 5 26.02 -10.87 -23.65
CA VAL D 5 25.33 -9.71 -23.11
C VAL D 5 24.02 -9.47 -23.86
N ILE D 6 24.05 -9.60 -25.19
CA ILE D 6 22.86 -9.36 -25.99
C ILE D 6 21.77 -10.35 -25.65
N THR D 7 22.12 -11.65 -25.57
CA THR D 7 21.12 -12.66 -25.25
C THR D 7 20.68 -12.56 -23.80
N GLY D 8 21.43 -11.86 -22.96
CA GLY D 8 21.02 -11.67 -21.58
C GLY D 8 20.13 -10.46 -21.39
N VAL D 9 20.14 -9.55 -22.37
CA VAL D 9 19.29 -8.36 -22.27
C VAL D 9 17.89 -8.65 -22.80
N LEU D 10 17.80 -9.36 -23.93
CA LEU D 10 16.48 -9.70 -24.47
C LEU D 10 15.71 -10.61 -23.52
N LEU D 11 16.41 -11.57 -22.90
CA LEU D 11 15.74 -12.47 -21.97
C LEU D 11 15.12 -11.72 -20.81
N VAL D 12 15.84 -10.74 -20.26
CA VAL D 12 15.28 -9.93 -19.18
C VAL D 12 14.13 -9.09 -19.71
N PHE D 13 14.26 -8.55 -20.93
CA PHE D 13 13.20 -7.74 -21.51
C PHE D 13 11.94 -8.57 -21.76
N LEU D 14 12.11 -9.79 -22.27
CA LEU D 14 10.95 -10.66 -22.48
C LEU D 14 10.28 -11.03 -21.17
N LEU D 15 11.06 -11.35 -20.14
CA LEU D 15 10.50 -11.68 -18.84
C LEU D 15 9.78 -10.50 -18.22
N LEU D 16 10.36 -9.30 -18.32
CA LEU D 16 9.70 -8.11 -17.80
C LEU D 16 8.41 -7.83 -18.55
N GLY D 17 8.43 -7.96 -19.88
CA GLY D 17 7.22 -7.76 -20.65
C GLY D 17 6.14 -8.79 -20.32
N TYR D 18 6.55 -10.05 -20.10
CA TYR D 18 5.60 -11.07 -19.71
C TYR D 18 4.99 -10.78 -18.35
N LEU D 19 5.82 -10.32 -17.40
CA LEU D 19 5.30 -10.01 -16.06
C LEU D 19 4.44 -8.75 -16.08
N VAL D 20 4.84 -7.74 -16.86
CA VAL D 20 4.04 -6.53 -16.98
C VAL D 20 2.69 -6.85 -17.61
N TYR D 21 2.68 -7.69 -18.65
CA TYR D 21 1.43 -8.12 -19.26
C TYR D 21 0.59 -8.91 -18.26
N ALA D 22 1.23 -9.76 -17.46
CA ALA D 22 0.49 -10.52 -16.45
C ALA D 22 -0.12 -9.60 -15.39
N LEU D 23 0.61 -8.56 -14.99
CA LEU D 23 0.08 -7.62 -14.01
C LEU D 23 -1.12 -6.86 -14.56
N ILE D 24 -1.05 -6.45 -15.83
CA ILE D 24 -2.16 -5.71 -16.44
C ILE D 24 -3.37 -6.61 -16.58
N ASN D 25 -3.16 -7.89 -16.88
CA ASN D 25 -4.25 -8.84 -17.09
C ASN D 25 -4.27 -9.89 -16.00
N ALA D 26 -4.14 -9.47 -14.74
CA ALA D 26 -4.07 -10.41 -13.62
C ALA D 26 -5.36 -11.21 -13.47
N GLU D 27 -6.47 -10.75 -14.02
CA GLU D 27 -7.71 -11.52 -13.97
C GLU D 27 -7.57 -12.84 -14.71
N ALA D 28 -6.92 -12.82 -15.87
CA ALA D 28 -6.69 -14.04 -16.63
C ALA D 28 -5.58 -14.91 -16.05
N PHE D 29 -4.70 -14.34 -15.24
CA PHE D 29 -3.60 -15.09 -14.64
C PHE D 29 -3.92 -15.47 -13.20
#